data_1X62
#
_entry.id   1X62
#
loop_
_entity.id
_entity.type
_entity.pdbx_description
1 polymer 'C-terminal LIM domain protein 1'
2 non-polymer 'ZINC ION'
#
_entity_poly.entity_id   1
_entity_poly.type   'polypeptide(L)'
_entity_poly.pdbx_seq_one_letter_code
;GSSGSSGSIGNAQKLPMCDKCGTGIVGVFVKLRDRHRHPECYVCTDCGTNLKQKGHFFVEDQIYCEKHARERVSGPSSG
;
_entity_poly.pdbx_strand_id   A
#
# COMPACT_ATOMS: atom_id res chain seq x y z
N GLY A 1 2.25 -22.27 -13.57
CA GLY A 1 1.46 -22.07 -12.37
C GLY A 1 1.87 -23.00 -11.24
N SER A 2 1.60 -22.58 -10.01
CA SER A 2 1.95 -23.37 -8.83
C SER A 2 0.77 -24.24 -8.39
N SER A 3 -0.39 -23.62 -8.26
CA SER A 3 -1.59 -24.33 -7.84
C SER A 3 -1.34 -25.12 -6.56
N GLY A 4 -0.59 -24.51 -5.64
CA GLY A 4 -0.28 -25.17 -4.39
C GLY A 4 -0.96 -24.50 -3.21
N SER A 5 -0.17 -23.96 -2.29
CA SER A 5 -0.70 -23.29 -1.11
C SER A 5 -1.48 -24.28 -0.23
N SER A 6 -0.93 -25.48 -0.07
CA SER A 6 -1.57 -26.51 0.73
C SER A 6 -0.99 -26.54 2.13
N GLY A 7 -1.78 -27.01 3.09
CA GLY A 7 -1.32 -27.08 4.46
C GLY A 7 -2.40 -26.68 5.45
N SER A 8 -2.94 -27.67 6.18
CA SER A 8 -3.98 -27.40 7.16
C SER A 8 -3.40 -26.79 8.43
N ILE A 9 -3.98 -25.68 8.87
CA ILE A 9 -3.52 -25.00 10.07
C ILE A 9 -4.65 -24.21 10.72
N GLY A 10 -4.70 -24.23 12.05
CA GLY A 10 -5.73 -23.52 12.77
C GLY A 10 -5.40 -22.05 12.95
N ASN A 11 -5.43 -21.59 14.19
CA ASN A 11 -5.13 -20.19 14.50
C ASN A 11 -3.77 -19.80 13.95
N ALA A 12 -3.57 -18.49 13.73
CA ALA A 12 -2.31 -17.99 13.21
C ALA A 12 -2.05 -16.55 13.68
N GLN A 13 -0.80 -16.24 13.96
CA GLN A 13 -0.43 -14.91 14.42
C GLN A 13 -0.94 -13.84 13.45
N LYS A 14 -1.54 -12.80 13.99
CA LYS A 14 -2.07 -11.70 13.18
C LYS A 14 -0.97 -11.07 12.33
N LEU A 15 -1.26 -10.85 11.06
CA LEU A 15 -0.29 -10.26 10.15
C LEU A 15 -0.89 -9.05 9.44
N PRO A 16 -0.07 -8.00 9.27
CA PRO A 16 -0.50 -6.76 8.61
C PRO A 16 -0.72 -6.95 7.11
N MET A 17 -1.95 -7.28 6.74
CA MET A 17 -2.28 -7.48 5.32
C MET A 17 -2.01 -6.23 4.51
N CYS A 18 -1.31 -6.40 3.39
CA CYS A 18 -0.97 -5.28 2.52
C CYS A 18 -2.22 -4.52 2.11
N ASP A 19 -2.04 -3.27 1.71
CA ASP A 19 -3.15 -2.43 1.28
C ASP A 19 -3.28 -2.42 -0.24
N LYS A 20 -2.15 -2.33 -0.93
CA LYS A 20 -2.14 -2.32 -2.38
C LYS A 20 -2.88 -3.52 -2.94
N CYS A 21 -2.42 -4.72 -2.60
CA CYS A 21 -3.03 -5.95 -3.07
C CYS A 21 -4.12 -6.42 -2.10
N GLY A 22 -3.74 -6.61 -0.85
CA GLY A 22 -4.70 -7.05 0.15
C GLY A 22 -4.48 -8.50 0.57
N THR A 23 -3.26 -8.80 1.04
CA THR A 23 -2.92 -10.15 1.46
C THR A 23 -2.04 -10.13 2.71
N GLY A 24 -2.27 -11.07 3.61
CA GLY A 24 -1.49 -11.15 4.82
C GLY A 24 0.00 -11.09 4.56
N ILE A 25 0.66 -10.08 5.11
CA ILE A 25 2.10 -9.91 4.93
C ILE A 25 2.89 -10.82 5.86
N VAL A 26 4.09 -11.17 5.45
CA VAL A 26 4.95 -12.04 6.25
C VAL A 26 6.43 -11.70 6.06
N GLY A 27 7.14 -11.54 7.18
CA GLY A 27 8.55 -11.20 7.11
C GLY A 27 8.79 -9.71 6.95
N VAL A 28 9.73 -9.35 6.09
CA VAL A 28 10.05 -7.95 5.85
C VAL A 28 8.89 -7.23 5.17
N PHE A 29 8.63 -6.00 5.60
CA PHE A 29 7.55 -5.21 5.03
C PHE A 29 7.69 -3.73 5.43
N VAL A 30 6.87 -2.88 4.82
CA VAL A 30 6.91 -1.45 5.10
C VAL A 30 5.67 -1.02 5.89
N LYS A 31 5.84 -0.83 7.19
CA LYS A 31 4.75 -0.42 8.06
C LYS A 31 4.45 1.07 7.89
N LEU A 32 3.21 1.39 7.55
CA LEU A 32 2.80 2.78 7.37
C LEU A 32 2.23 3.35 8.66
N ARG A 33 2.09 4.68 8.69
CA ARG A 33 1.57 5.36 9.87
C ARG A 33 0.56 4.48 10.60
N ASP A 34 -0.62 4.32 10.01
CA ASP A 34 -1.67 3.50 10.60
C ASP A 34 -2.02 2.32 9.70
N ARG A 35 -1.36 2.24 8.54
CA ARG A 35 -1.59 1.17 7.59
C ARG A 35 -0.33 0.33 7.40
N HIS A 36 -0.46 -0.74 6.62
CA HIS A 36 0.67 -1.63 6.35
C HIS A 36 0.71 -2.02 4.88
N ARG A 37 1.93 -2.22 4.36
CA ARG A 37 2.11 -2.59 2.97
C ARG A 37 3.33 -3.50 2.80
N HIS A 38 3.44 -4.12 1.62
CA HIS A 38 4.56 -5.00 1.34
C HIS A 38 5.82 -4.21 1.00
N PRO A 39 6.98 -4.87 1.09
CA PRO A 39 8.27 -4.25 0.79
C PRO A 39 8.44 -3.94 -0.69
N GLU A 40 7.54 -4.46 -1.51
CA GLU A 40 7.59 -4.25 -2.95
C GLU A 40 6.42 -3.38 -3.41
N CYS A 41 5.32 -3.43 -2.66
CA CYS A 41 4.14 -2.65 -2.99
C CYS A 41 4.31 -1.20 -2.59
N TYR A 42 5.11 -0.97 -1.55
CA TYR A 42 5.35 0.38 -1.05
C TYR A 42 5.58 1.36 -2.21
N VAL A 43 5.99 0.81 -3.35
CA VAL A 43 6.24 1.63 -4.53
C VAL A 43 5.03 2.49 -4.88
N CYS A 44 5.27 3.56 -5.63
CA CYS A 44 4.19 4.45 -6.04
C CYS A 44 3.04 3.69 -6.69
N THR A 45 1.85 4.26 -6.63
CA THR A 45 0.67 3.63 -7.21
C THR A 45 0.50 4.00 -8.68
N ASP A 46 0.88 5.24 -9.00
CA ASP A 46 0.78 5.72 -10.38
C ASP A 46 1.76 5.00 -11.29
N CYS A 47 3.06 5.20 -11.05
CA CYS A 47 4.10 4.57 -11.85
C CYS A 47 4.55 3.26 -11.20
N GLY A 48 5.14 3.38 -10.01
CA GLY A 48 5.62 2.21 -9.31
C GLY A 48 7.10 2.29 -8.99
N THR A 49 7.52 3.39 -8.37
CA THR A 49 8.91 3.60 -8.01
C THR A 49 9.14 3.31 -6.54
N ASN A 50 10.32 2.79 -6.23
CA ASN A 50 10.68 2.46 -4.84
C ASN A 50 10.68 3.71 -3.98
N LEU A 51 9.64 3.87 -3.16
CA LEU A 51 9.52 5.02 -2.28
C LEU A 51 10.29 4.79 -0.98
N LYS A 52 11.14 3.76 -0.97
CA LYS A 52 11.94 3.44 0.21
C LYS A 52 12.67 4.68 0.71
N GLN A 53 13.47 5.30 -0.16
CA GLN A 53 14.22 6.49 0.22
C GLN A 53 13.45 7.76 -0.14
N LYS A 54 12.94 7.80 -1.37
CA LYS A 54 12.19 8.95 -1.85
C LYS A 54 11.09 9.32 -0.86
N GLY A 55 10.27 8.33 -0.49
CA GLY A 55 9.18 8.57 0.44
C GLY A 55 7.82 8.49 -0.21
N HIS A 56 6.78 8.39 0.60
CA HIS A 56 5.41 8.30 0.09
C HIS A 56 4.57 9.46 0.60
N PHE A 57 3.55 9.83 -0.17
CA PHE A 57 2.67 10.92 0.20
C PHE A 57 1.24 10.43 0.43
N PHE A 58 0.43 11.26 1.07
CA PHE A 58 -0.96 10.90 1.35
C PHE A 58 -1.92 11.73 0.51
N VAL A 59 -2.58 11.09 -0.44
CA VAL A 59 -3.52 11.76 -1.31
C VAL A 59 -4.74 10.88 -1.60
N GLU A 60 -5.90 11.32 -1.12
CA GLU A 60 -7.14 10.57 -1.33
C GLU A 60 -7.03 9.16 -0.75
N ASP A 61 -6.41 9.06 0.44
CA ASP A 61 -6.24 7.78 1.09
C ASP A 61 -5.38 6.84 0.25
N GLN A 62 -4.44 7.42 -0.49
CA GLN A 62 -3.55 6.64 -1.34
C GLN A 62 -2.10 7.08 -1.15
N ILE A 63 -1.19 6.39 -1.83
CA ILE A 63 0.23 6.71 -1.74
C ILE A 63 0.84 6.92 -3.13
N TYR A 64 1.65 7.96 -3.26
CA TYR A 64 2.29 8.27 -4.53
C TYR A 64 3.67 8.89 -4.31
N CYS A 65 4.43 9.03 -5.39
CA CYS A 65 5.76 9.61 -5.32
C CYS A 65 5.70 11.14 -5.40
N GLU A 66 6.50 11.80 -4.58
CA GLU A 66 6.53 13.27 -4.56
C GLU A 66 6.28 13.83 -5.95
N LYS A 67 6.79 13.15 -6.97
CA LYS A 67 6.62 13.59 -8.35
C LYS A 67 5.16 13.60 -8.74
N HIS A 68 4.46 12.50 -8.46
CA HIS A 68 3.05 12.39 -8.78
C HIS A 68 2.19 13.05 -7.71
N ALA A 69 2.46 12.70 -6.45
CA ALA A 69 1.72 13.27 -5.33
C ALA A 69 1.54 14.78 -5.49
N ARG A 70 2.65 15.49 -5.62
CA ARG A 70 2.61 16.94 -5.78
C ARG A 70 1.62 17.34 -6.86
N GLU A 71 1.62 16.60 -7.97
CA GLU A 71 0.72 16.89 -9.08
C GLU A 71 -0.73 16.71 -8.66
N ARG A 72 -0.98 15.70 -7.82
CA ARG A 72 -2.34 15.42 -7.34
C ARG A 72 -2.77 16.45 -6.30
N VAL A 73 -1.99 16.56 -5.22
CA VAL A 73 -2.30 17.50 -4.16
C VAL A 73 -2.40 18.93 -4.69
N SER A 74 -1.70 19.19 -5.80
CA SER A 74 -1.70 20.51 -6.41
C SER A 74 -2.23 20.44 -7.85
N GLY A 75 -3.39 21.02 -8.07
CA GLY A 75 -3.99 21.01 -9.40
C GLY A 75 -5.49 20.83 -9.37
N PRO A 76 -6.03 20.15 -10.39
CA PRO A 76 -7.47 19.90 -10.49
C PRO A 76 -7.97 18.91 -9.45
N SER A 77 -9.26 18.61 -9.48
CA SER A 77 -9.86 17.69 -8.53
C SER A 77 -10.87 16.76 -9.22
N SER A 78 -10.50 15.50 -9.33
CA SER A 78 -11.36 14.50 -9.98
C SER A 78 -12.41 13.97 -9.00
N GLY A 79 -13.67 14.25 -9.28
CA GLY A 79 -14.74 13.79 -8.41
C GLY A 79 -14.60 12.32 -8.06
N GLY A 1 -26.25 -22.56 -19.76
CA GLY A 1 -26.19 -23.55 -18.70
C GLY A 1 -26.01 -22.92 -17.34
N SER A 2 -25.61 -23.74 -16.36
CA SER A 2 -25.41 -23.26 -15.00
C SER A 2 -24.30 -24.04 -14.31
N SER A 3 -23.64 -23.39 -13.36
CA SER A 3 -22.54 -24.01 -12.62
C SER A 3 -22.73 -23.85 -11.13
N GLY A 4 -21.89 -24.53 -10.35
CA GLY A 4 -21.99 -24.44 -8.90
C GLY A 4 -20.63 -24.47 -8.23
N SER A 5 -20.46 -23.64 -7.20
CA SER A 5 -19.19 -23.57 -6.48
C SER A 5 -19.38 -23.97 -5.02
N SER A 6 -18.28 -23.99 -4.27
CA SER A 6 -18.32 -24.35 -2.85
C SER A 6 -17.07 -23.86 -2.14
N GLY A 7 -17.17 -23.72 -0.82
CA GLY A 7 -16.05 -23.26 -0.03
C GLY A 7 -16.40 -22.12 0.89
N SER A 8 -16.45 -22.40 2.19
CA SER A 8 -16.79 -21.39 3.19
C SER A 8 -15.54 -20.92 3.94
N ILE A 9 -15.62 -19.72 4.50
CA ILE A 9 -14.50 -19.15 5.24
C ILE A 9 -14.84 -19.01 6.73
N GLY A 10 -14.00 -19.59 7.58
CA GLY A 10 -14.23 -19.51 9.01
C GLY A 10 -13.06 -18.88 9.75
N ASN A 11 -11.93 -19.56 9.76
CA ASN A 11 -10.74 -19.05 10.43
C ASN A 11 -10.41 -17.64 9.96
N ALA A 12 -9.82 -16.85 10.86
CA ALA A 12 -9.45 -15.48 10.54
C ALA A 12 -7.94 -15.32 10.49
N GLN A 13 -7.47 -14.43 9.63
CA GLN A 13 -6.04 -14.18 9.48
C GLN A 13 -5.54 -13.22 10.55
N LYS A 14 -4.34 -13.45 11.05
CA LYS A 14 -3.74 -12.60 12.07
C LYS A 14 -2.57 -11.80 11.51
N LEU A 15 -2.52 -11.69 10.18
CA LEU A 15 -1.45 -10.95 9.52
C LEU A 15 -2.00 -9.70 8.85
N PRO A 16 -1.22 -8.62 8.88
CA PRO A 16 -1.60 -7.34 8.27
C PRO A 16 -1.61 -7.40 6.74
N MET A 17 -2.81 -7.54 6.17
CA MET A 17 -2.95 -7.61 4.71
C MET A 17 -2.44 -6.33 4.06
N CYS A 18 -1.59 -6.49 3.05
CA CYS A 18 -1.04 -5.35 2.33
C CYS A 18 -2.14 -4.41 1.86
N ASP A 19 -1.77 -3.15 1.65
CA ASP A 19 -2.74 -2.14 1.20
C ASP A 19 -2.68 -1.98 -0.32
N LYS A 20 -1.47 -2.01 -0.87
CA LYS A 20 -1.28 -1.86 -2.30
C LYS A 20 -1.90 -3.04 -3.06
N CYS A 21 -1.33 -4.21 -2.89
CA CYS A 21 -1.84 -5.41 -3.56
C CYS A 21 -3.02 -6.01 -2.80
N GLY A 22 -2.80 -6.26 -1.50
CA GLY A 22 -3.85 -6.83 -0.68
C GLY A 22 -3.62 -8.30 -0.37
N THR A 23 -2.56 -8.58 0.37
CA THR A 23 -2.24 -9.95 0.73
C THR A 23 -1.64 -10.03 2.14
N GLY A 24 -1.93 -11.12 2.85
CA GLY A 24 -1.41 -11.28 4.19
C GLY A 24 0.10 -11.15 4.25
N ILE A 25 0.57 -10.09 4.91
CA ILE A 25 2.00 -9.85 5.04
C ILE A 25 2.62 -10.81 6.05
N VAL A 26 3.91 -11.09 5.87
CA VAL A 26 4.63 -11.98 6.78
C VAL A 26 6.11 -11.62 6.85
N GLY A 27 6.61 -11.41 8.06
CA GLY A 27 8.00 -11.06 8.25
C GLY A 27 8.25 -9.58 8.08
N VAL A 28 9.32 -9.24 7.36
CA VAL A 28 9.67 -7.84 7.12
C VAL A 28 8.58 -7.13 6.33
N PHE A 29 8.31 -5.88 6.70
CA PHE A 29 7.29 -5.09 6.03
C PHE A 29 7.39 -3.63 6.43
N VAL A 30 6.77 -2.76 5.62
CA VAL A 30 6.80 -1.33 5.89
C VAL A 30 5.58 -0.90 6.72
N LYS A 31 5.79 -0.69 8.01
CA LYS A 31 4.72 -0.29 8.90
C LYS A 31 4.40 1.19 8.74
N LEU A 32 3.28 1.49 8.08
CA LEU A 32 2.87 2.86 7.84
C LEU A 32 2.14 3.43 9.07
N ARG A 33 1.98 4.74 9.10
CA ARG A 33 1.30 5.40 10.21
C ARG A 33 0.20 4.51 10.78
N ASP A 34 -0.92 4.42 10.05
CA ASP A 34 -2.04 3.59 10.49
C ASP A 34 -2.32 2.49 9.48
N ARG A 35 -1.39 2.29 8.55
CA ARG A 35 -1.54 1.27 7.52
C ARG A 35 -0.31 0.37 7.46
N HIS A 36 -0.38 -0.67 6.63
CA HIS A 36 0.74 -1.59 6.48
C HIS A 36 0.91 -2.01 5.02
N ARG A 37 2.14 -2.19 4.59
CA ARG A 37 2.43 -2.59 3.22
C ARG A 37 3.72 -3.40 3.15
N HIS A 38 3.95 -4.05 2.02
CA HIS A 38 5.13 -4.87 1.82
C HIS A 38 6.35 -4.00 1.51
N PRO A 39 7.55 -4.58 1.67
CA PRO A 39 8.80 -3.87 1.41
C PRO A 39 9.03 -3.62 -0.07
N GLU A 40 8.19 -4.23 -0.91
CA GLU A 40 8.30 -4.06 -2.35
C GLU A 40 7.07 -3.36 -2.91
N CYS A 41 5.94 -3.52 -2.24
CA CYS A 41 4.69 -2.91 -2.66
C CYS A 41 4.64 -1.43 -2.25
N TYR A 42 5.68 -0.99 -1.56
CA TYR A 42 5.75 0.40 -1.10
C TYR A 42 5.96 1.34 -2.27
N VAL A 43 5.91 0.80 -3.48
CA VAL A 43 6.08 1.60 -4.69
C VAL A 43 4.87 2.47 -4.96
N CYS A 44 5.06 3.51 -5.77
CA CYS A 44 3.97 4.42 -6.10
C CYS A 44 2.77 3.67 -6.65
N THR A 45 1.61 4.33 -6.64
CA THR A 45 0.39 3.72 -7.13
C THR A 45 0.10 4.13 -8.57
N ASP A 46 0.44 5.37 -8.90
CA ASP A 46 0.23 5.89 -10.25
C ASP A 46 1.11 5.16 -11.26
N CYS A 47 2.42 5.27 -11.08
CA CYS A 47 3.38 4.64 -11.98
C CYS A 47 3.82 3.29 -11.42
N GLY A 48 4.37 3.32 -10.20
CA GLY A 48 4.84 2.09 -9.58
C GLY A 48 6.35 2.05 -9.45
N THR A 49 6.93 3.10 -8.90
CA THR A 49 8.37 3.17 -8.73
C THR A 49 8.76 2.98 -7.26
N ASN A 50 9.91 2.34 -7.04
CA ASN A 50 10.39 2.10 -5.68
C ASN A 50 10.50 3.40 -4.90
N LEU A 51 9.59 3.58 -3.94
CA LEU A 51 9.58 4.78 -3.13
C LEU A 51 10.42 4.59 -1.87
N LYS A 52 11.23 3.54 -1.87
CA LYS A 52 12.09 3.24 -0.72
C LYS A 52 12.88 4.47 -0.30
N GLN A 53 13.52 5.12 -1.27
CA GLN A 53 14.32 6.32 -1.00
C GLN A 53 13.52 7.58 -1.30
N LYS A 54 13.11 7.73 -2.56
CA LYS A 54 12.34 8.89 -2.98
C LYS A 54 11.39 9.34 -1.87
N GLY A 55 10.40 8.49 -1.56
CA GLY A 55 9.45 8.82 -0.52
C GLY A 55 8.01 8.61 -0.98
N HIS A 56 7.08 8.65 -0.02
CA HIS A 56 5.67 8.46 -0.33
C HIS A 56 4.83 9.56 0.30
N PHE A 57 3.67 9.83 -0.30
CA PHE A 57 2.77 10.86 0.21
C PHE A 57 1.38 10.29 0.48
N PHE A 58 0.56 11.05 1.19
CA PHE A 58 -0.80 10.62 1.53
C PHE A 58 -1.82 11.45 0.76
N VAL A 59 -2.50 10.80 -0.19
CA VAL A 59 -3.51 11.47 -0.99
C VAL A 59 -4.72 10.56 -1.22
N GLU A 60 -5.87 10.97 -0.69
CA GLU A 60 -7.09 10.20 -0.84
C GLU A 60 -6.92 8.79 -0.28
N ASP A 61 -6.27 8.70 0.88
CA ASP A 61 -6.03 7.41 1.53
C ASP A 61 -5.19 6.51 0.64
N GLN A 62 -4.29 7.11 -0.14
CA GLN A 62 -3.43 6.34 -1.04
C GLN A 62 -1.99 6.81 -0.91
N ILE A 63 -1.09 6.14 -1.64
CA ILE A 63 0.32 6.48 -1.61
C ILE A 63 0.84 6.79 -3.02
N TYR A 64 1.69 7.80 -3.12
CA TYR A 64 2.25 8.20 -4.40
C TYR A 64 3.65 8.79 -4.21
N CYS A 65 4.36 9.00 -5.33
CA CYS A 65 5.70 9.56 -5.29
C CYS A 65 5.65 11.09 -5.22
N GLU A 66 6.62 11.67 -4.53
CA GLU A 66 6.69 13.12 -4.38
C GLU A 66 6.27 13.82 -5.67
N LYS A 67 6.83 13.38 -6.79
CA LYS A 67 6.52 13.96 -8.08
C LYS A 67 5.01 14.03 -8.30
N HIS A 68 4.38 12.86 -8.30
CA HIS A 68 2.93 12.78 -8.49
C HIS A 68 2.19 13.48 -7.36
N ALA A 69 2.36 12.98 -6.14
CA ALA A 69 1.71 13.56 -4.98
C ALA A 69 1.56 15.08 -5.12
N ARG A 70 2.64 15.72 -5.57
CA ARG A 70 2.64 17.17 -5.76
C ARG A 70 1.60 17.59 -6.79
N GLU A 71 1.58 16.88 -7.92
CA GLU A 71 0.64 17.18 -8.98
C GLU A 71 -0.78 16.77 -8.59
N ARG A 72 -0.88 15.75 -7.73
CA ARG A 72 -2.18 15.27 -7.29
C ARG A 72 -2.85 16.29 -6.37
N VAL A 73 -2.09 16.81 -5.41
CA VAL A 73 -2.61 17.79 -4.47
C VAL A 73 -2.85 19.13 -5.16
N SER A 74 -1.91 19.53 -6.01
CA SER A 74 -2.01 20.80 -6.73
C SER A 74 -3.03 20.70 -7.86
N GLY A 75 -3.66 21.82 -8.17
CA GLY A 75 -4.66 21.84 -9.24
C GLY A 75 -5.20 23.23 -9.51
N PRO A 76 -5.97 23.38 -10.59
CA PRO A 76 -6.57 24.65 -10.98
C PRO A 76 -7.65 25.11 -10.02
N SER A 77 -7.86 24.32 -8.96
CA SER A 77 -8.88 24.64 -7.97
C SER A 77 -8.37 25.66 -6.96
N SER A 78 -9.29 26.34 -6.28
CA SER A 78 -8.93 27.35 -5.29
C SER A 78 -8.30 26.68 -4.05
N GLY A 79 -7.69 27.50 -3.21
CA GLY A 79 -7.08 26.98 -1.99
C GLY A 79 -6.24 28.02 -1.28
N GLY A 1 -21.31 -33.27 -10.37
CA GLY A 1 -21.62 -32.78 -9.04
C GLY A 1 -22.83 -31.87 -9.02
N SER A 2 -23.79 -32.16 -8.16
CA SER A 2 -25.01 -31.36 -8.05
C SER A 2 -24.81 -30.19 -7.11
N SER A 3 -24.29 -30.48 -5.91
CA SER A 3 -24.06 -29.45 -4.91
C SER A 3 -23.17 -29.97 -3.78
N GLY A 4 -22.68 -29.06 -2.95
CA GLY A 4 -21.83 -29.45 -1.85
C GLY A 4 -21.01 -28.31 -1.31
N SER A 5 -20.42 -28.49 -0.13
CA SER A 5 -19.61 -27.45 0.49
C SER A 5 -18.37 -28.06 1.14
N SER A 6 -17.29 -27.28 1.16
CA SER A 6 -16.03 -27.74 1.75
C SER A 6 -15.32 -26.60 2.47
N GLY A 7 -14.48 -26.95 3.45
CA GLY A 7 -13.75 -25.95 4.19
C GLY A 7 -12.49 -26.51 4.83
N SER A 8 -11.78 -25.65 5.56
CA SER A 8 -10.54 -26.06 6.22
C SER A 8 -10.71 -26.07 7.74
N ILE A 9 -9.80 -26.74 8.43
CA ILE A 9 -9.84 -26.83 9.88
C ILE A 9 -8.46 -26.64 10.49
N GLY A 10 -8.28 -25.53 11.21
CA GLY A 10 -7.01 -25.26 11.84
C GLY A 10 -6.80 -23.77 12.10
N ASN A 11 -6.35 -23.45 13.31
CA ASN A 11 -6.11 -22.06 13.68
C ASN A 11 -5.00 -21.44 12.83
N ALA A 12 -5.12 -20.14 12.56
CA ALA A 12 -4.12 -19.44 11.76
C ALA A 12 -3.82 -18.07 12.35
N GLN A 13 -2.54 -17.73 12.42
CA GLN A 13 -2.12 -16.44 12.97
C GLN A 13 -2.60 -15.29 12.08
N LYS A 14 -2.78 -14.12 12.68
CA LYS A 14 -3.23 -12.95 11.93
C LYS A 14 -2.05 -12.19 11.35
N LEU A 15 -2.29 -11.48 10.25
CA LEU A 15 -1.25 -10.71 9.59
C LEU A 15 -1.84 -9.46 8.93
N PRO A 16 -1.03 -8.39 8.88
CA PRO A 16 -1.44 -7.12 8.28
C PRO A 16 -1.57 -7.21 6.77
N MET A 17 -2.80 -7.31 6.28
CA MET A 17 -3.05 -7.41 4.85
C MET A 17 -2.58 -6.15 4.12
N CYS A 18 -1.80 -6.34 3.07
CA CYS A 18 -1.28 -5.22 2.29
C CYS A 18 -2.42 -4.33 1.79
N ASP A 19 -2.09 -3.08 1.49
CA ASP A 19 -3.08 -2.13 1.00
C ASP A 19 -2.97 -1.94 -0.50
N LYS A 20 -1.74 -2.03 -1.02
CA LYS A 20 -1.50 -1.87 -2.44
C LYS A 20 -2.10 -3.04 -3.22
N CYS A 21 -1.59 -4.23 -2.98
CA CYS A 21 -2.09 -5.43 -3.66
C CYS A 21 -3.23 -6.06 -2.89
N GLY A 22 -3.01 -6.30 -1.60
CA GLY A 22 -4.03 -6.90 -0.76
C GLY A 22 -3.76 -8.37 -0.46
N THR A 23 -2.74 -8.61 0.36
CA THR A 23 -2.37 -9.96 0.73
C THR A 23 -1.65 -10.00 2.07
N GLY A 24 -2.05 -10.92 2.94
CA GLY A 24 -1.43 -11.04 4.24
C GLY A 24 0.08 -10.93 4.18
N ILE A 25 0.63 -9.98 4.94
CA ILE A 25 2.08 -9.77 4.96
C ILE A 25 2.75 -10.70 5.97
N VAL A 26 4.00 -11.06 5.69
CA VAL A 26 4.76 -11.94 6.58
C VAL A 26 6.23 -11.59 6.56
N GLY A 27 6.80 -11.36 7.74
CA GLY A 27 8.21 -11.02 7.84
C GLY A 27 8.45 -9.54 7.69
N VAL A 28 9.48 -9.19 6.91
CA VAL A 28 9.83 -7.78 6.69
C VAL A 28 8.75 -7.08 5.88
N PHE A 29 8.40 -5.87 6.30
CA PHE A 29 7.37 -5.08 5.62
C PHE A 29 7.45 -3.61 6.02
N VAL A 30 6.87 -2.75 5.20
CA VAL A 30 6.87 -1.32 5.48
C VAL A 30 5.63 -0.90 6.26
N LYS A 31 5.79 -0.71 7.56
CA LYS A 31 4.67 -0.30 8.42
C LYS A 31 4.33 1.17 8.21
N LEU A 32 3.17 1.42 7.64
CA LEU A 32 2.72 2.78 7.38
C LEU A 32 2.10 3.39 8.64
N ARG A 33 1.93 4.71 8.63
CA ARG A 33 1.34 5.41 9.76
C ARG A 33 0.32 4.54 10.48
N ASP A 34 -0.84 4.35 9.85
CA ASP A 34 -1.90 3.54 10.42
C ASP A 34 -2.20 2.33 9.54
N ARG A 35 -1.36 2.13 8.53
CA ARG A 35 -1.54 1.00 7.60
C ARG A 35 -0.25 0.21 7.46
N HIS A 36 -0.33 -0.89 6.72
CA HIS A 36 0.84 -1.75 6.51
C HIS A 36 0.92 -2.19 5.05
N ARG A 37 2.14 -2.22 4.51
CA ARG A 37 2.36 -2.62 3.13
C ARG A 37 3.62 -3.46 3.00
N HIS A 38 3.75 -4.16 1.87
CA HIS A 38 4.91 -5.00 1.63
C HIS A 38 6.15 -4.16 1.31
N PRO A 39 7.33 -4.76 1.47
CA PRO A 39 8.60 -4.08 1.19
C PRO A 39 8.82 -3.83 -0.29
N GLU A 40 7.96 -4.41 -1.12
CA GLU A 40 8.06 -4.24 -2.56
C GLU A 40 6.85 -3.49 -3.11
N CYS A 41 5.75 -3.54 -2.36
CA CYS A 41 4.52 -2.87 -2.77
C CYS A 41 4.55 -1.39 -2.40
N TYR A 42 5.36 -1.05 -1.40
CA TYR A 42 5.48 0.32 -0.94
C TYR A 42 5.60 1.28 -2.12
N VAL A 43 5.98 0.74 -3.28
CA VAL A 43 6.13 1.54 -4.49
C VAL A 43 4.89 2.37 -4.75
N CYS A 44 5.05 3.43 -5.55
CA CYS A 44 3.94 4.31 -5.89
C CYS A 44 2.76 3.51 -6.45
N THR A 45 1.59 4.13 -6.44
CA THR A 45 0.38 3.47 -6.96
C THR A 45 0.14 3.84 -8.42
N ASP A 46 0.44 5.08 -8.77
CA ASP A 46 0.25 5.54 -10.14
C ASP A 46 1.18 4.80 -11.11
N CYS A 47 2.48 5.01 -10.93
CA CYS A 47 3.46 4.35 -11.79
C CYS A 47 3.95 3.05 -11.16
N GLY A 48 4.52 3.16 -9.96
CA GLY A 48 5.03 1.99 -9.27
C GLY A 48 6.53 2.00 -9.10
N THR A 49 7.04 3.09 -8.55
CA THR A 49 8.48 3.24 -8.33
C THR A 49 8.83 3.07 -6.86
N ASN A 50 10.05 2.60 -6.60
CA ASN A 50 10.51 2.40 -5.22
C ASN A 50 10.54 3.72 -4.47
N LEU A 51 9.72 3.83 -3.43
CA LEU A 51 9.66 5.03 -2.62
C LEU A 51 10.49 4.89 -1.35
N LYS A 52 11.13 3.74 -1.20
CA LYS A 52 11.96 3.47 -0.03
C LYS A 52 12.81 4.68 0.34
N GLN A 53 13.54 5.21 -0.64
CA GLN A 53 14.38 6.38 -0.43
C GLN A 53 13.64 7.66 -0.77
N LYS A 54 13.29 7.82 -2.04
CA LYS A 54 12.58 9.01 -2.49
C LYS A 54 11.58 9.48 -1.45
N GLY A 55 10.60 8.62 -1.15
CA GLY A 55 9.59 8.96 -0.17
C GLY A 55 8.18 8.81 -0.71
N HIS A 56 7.21 8.75 0.19
CA HIS A 56 5.81 8.61 -0.21
C HIS A 56 4.96 9.71 0.43
N PHE A 57 3.86 10.06 -0.24
CA PHE A 57 2.95 11.09 0.26
C PHE A 57 1.60 10.50 0.62
N PHE A 58 0.76 11.31 1.26
CA PHE A 58 -0.58 10.87 1.65
C PHE A 58 -1.65 11.62 0.88
N VAL A 59 -2.34 10.91 -0.01
CA VAL A 59 -3.39 11.51 -0.82
C VAL A 59 -4.58 10.56 -0.97
N GLU A 60 -5.74 11.00 -0.52
CA GLU A 60 -6.95 10.18 -0.60
C GLU A 60 -6.72 8.81 0.01
N ASP A 61 -6.05 8.78 1.16
CA ASP A 61 -5.77 7.53 1.84
C ASP A 61 -4.91 6.61 0.98
N GLN A 62 -4.06 7.21 0.16
CA GLN A 62 -3.19 6.44 -0.72
C GLN A 62 -1.75 6.95 -0.66
N ILE A 63 -0.86 6.30 -1.39
CA ILE A 63 0.55 6.69 -1.41
C ILE A 63 1.03 6.94 -2.84
N TYR A 64 1.84 7.98 -3.01
CA TYR A 64 2.36 8.33 -4.32
C TYR A 64 3.74 8.99 -4.19
N CYS A 65 4.47 9.02 -5.30
CA CYS A 65 5.80 9.62 -5.32
C CYS A 65 5.71 11.15 -5.37
N GLU A 66 6.61 11.82 -4.65
CA GLU A 66 6.63 13.27 -4.62
C GLU A 66 6.21 13.86 -5.97
N LYS A 67 6.76 13.29 -7.04
CA LYS A 67 6.44 13.75 -8.39
C LYS A 67 4.94 13.72 -8.64
N HIS A 68 4.36 12.53 -8.58
CA HIS A 68 2.93 12.37 -8.80
C HIS A 68 2.13 13.10 -7.73
N ALA A 69 2.42 12.80 -6.46
CA ALA A 69 1.72 13.43 -5.35
C ALA A 69 1.39 14.88 -5.66
N ARG A 70 2.43 15.70 -5.83
CA ARG A 70 2.25 17.11 -6.14
C ARG A 70 1.19 17.30 -7.22
N GLU A 71 1.26 16.48 -8.26
CA GLU A 71 0.30 16.56 -9.36
C GLU A 71 -1.12 16.32 -8.87
N ARG A 72 -1.24 15.53 -7.80
CA ARG A 72 -2.55 15.22 -7.23
C ARG A 72 -3.04 16.35 -6.35
N VAL A 73 -2.24 16.72 -5.36
CA VAL A 73 -2.59 17.79 -4.44
C VAL A 73 -3.26 18.94 -5.17
N SER A 74 -2.97 19.07 -6.46
CA SER A 74 -3.54 20.14 -7.28
C SER A 74 -5.06 20.18 -7.13
N GLY A 75 -5.69 19.01 -7.24
CA GLY A 75 -7.14 18.93 -7.11
C GLY A 75 -7.66 17.54 -7.34
N PRO A 76 -8.71 17.17 -6.60
CA PRO A 76 -9.33 15.84 -6.71
C PRO A 76 -10.08 15.66 -8.02
N SER A 77 -10.05 14.44 -8.56
CA SER A 77 -10.73 14.14 -9.81
C SER A 77 -12.17 14.62 -9.78
N SER A 78 -12.88 14.30 -8.70
CA SER A 78 -14.27 14.71 -8.55
C SER A 78 -15.13 14.09 -9.65
N GLY A 79 -14.88 12.82 -9.94
CA GLY A 79 -15.65 12.13 -10.97
C GLY A 79 -14.91 10.91 -11.51
N GLY A 1 -15.77 -9.12 -19.20
CA GLY A 1 -15.55 -10.31 -18.39
C GLY A 1 -14.89 -10.01 -17.07
N SER A 2 -15.54 -10.42 -15.98
CA SER A 2 -15.03 -10.18 -14.64
C SER A 2 -15.27 -11.38 -13.73
N SER A 3 -14.47 -11.50 -12.69
CA SER A 3 -14.61 -12.60 -11.74
C SER A 3 -14.15 -12.18 -10.35
N GLY A 4 -14.75 -12.81 -9.33
CA GLY A 4 -14.40 -12.49 -7.95
C GLY A 4 -14.33 -13.72 -7.07
N SER A 5 -14.34 -13.50 -5.76
CA SER A 5 -14.28 -14.60 -4.80
C SER A 5 -14.84 -14.18 -3.45
N SER A 6 -15.91 -14.84 -3.02
CA SER A 6 -16.54 -14.52 -1.74
C SER A 6 -16.00 -15.41 -0.64
N GLY A 7 -16.42 -15.15 0.60
CA GLY A 7 -15.98 -15.93 1.73
C GLY A 7 -16.26 -15.26 3.05
N SER A 8 -15.95 -15.95 4.15
CA SER A 8 -16.18 -15.41 5.49
C SER A 8 -14.95 -15.62 6.37
N ILE A 9 -14.65 -14.61 7.18
CA ILE A 9 -13.50 -14.68 8.08
C ILE A 9 -13.95 -14.89 9.53
N GLY A 10 -13.29 -15.83 10.21
CA GLY A 10 -13.63 -16.11 11.59
C GLY A 10 -12.47 -15.89 12.53
N ASN A 11 -11.33 -16.50 12.21
CA ASN A 11 -10.14 -16.37 13.04
C ASN A 11 -9.65 -14.93 13.08
N ALA A 12 -8.63 -14.67 13.88
CA ALA A 12 -8.08 -13.32 14.02
C ALA A 12 -6.73 -13.21 13.31
N GLN A 13 -6.63 -12.26 12.39
CA GLN A 13 -5.39 -12.06 11.65
C GLN A 13 -4.27 -11.59 12.57
N LYS A 14 -3.13 -12.27 12.49
CA LYS A 14 -1.97 -11.92 13.32
C LYS A 14 -0.87 -11.29 12.48
N LEU A 15 -1.24 -10.81 11.30
CA LEU A 15 -0.27 -10.18 10.39
C LEU A 15 -0.93 -9.05 9.62
N PRO A 16 -0.18 -7.96 9.41
CA PRO A 16 -0.67 -6.78 8.68
C PRO A 16 -0.84 -7.06 7.19
N MET A 17 -2.05 -7.41 6.79
CA MET A 17 -2.34 -7.70 5.39
C MET A 17 -2.07 -6.48 4.52
N CYS A 18 -1.33 -6.70 3.43
CA CYS A 18 -0.99 -5.61 2.52
C CYS A 18 -2.24 -4.86 2.08
N ASP A 19 -2.06 -3.62 1.65
CA ASP A 19 -3.17 -2.79 1.19
C ASP A 19 -3.30 -2.84 -0.32
N LYS A 20 -2.18 -2.72 -1.01
CA LYS A 20 -2.16 -2.75 -2.47
C LYS A 20 -2.81 -4.03 -2.99
N CYS A 21 -2.20 -5.17 -2.70
CA CYS A 21 -2.71 -6.45 -3.14
C CYS A 21 -3.81 -6.96 -2.19
N GLY A 22 -3.45 -7.11 -0.92
CA GLY A 22 -4.40 -7.57 0.08
C GLY A 22 -4.10 -8.99 0.53
N THR A 23 -2.97 -9.17 1.20
CA THR A 23 -2.58 -10.47 1.70
C THR A 23 -1.73 -10.35 2.96
N GLY A 24 -1.97 -11.25 3.92
CA GLY A 24 -1.22 -11.22 5.16
C GLY A 24 0.28 -11.16 4.93
N ILE A 25 0.91 -10.10 5.42
CA ILE A 25 2.35 -9.93 5.26
C ILE A 25 3.11 -10.82 6.25
N VAL A 26 4.24 -11.35 5.79
CA VAL A 26 5.07 -12.21 6.62
C VAL A 26 6.55 -11.88 6.47
N GLY A 27 7.18 -11.49 7.56
CA GLY A 27 8.59 -11.15 7.53
C GLY A 27 8.82 -9.65 7.39
N VAL A 28 9.67 -9.27 6.44
CA VAL A 28 9.98 -7.87 6.20
C VAL A 28 8.81 -7.17 5.51
N PHE A 29 8.58 -5.91 5.90
CA PHE A 29 7.49 -5.13 5.32
C PHE A 29 7.61 -3.66 5.73
N VAL A 30 6.83 -2.81 5.07
CA VAL A 30 6.84 -1.37 5.35
C VAL A 30 5.60 -0.95 6.11
N LYS A 31 5.75 -0.70 7.41
CA LYS A 31 4.63 -0.29 8.24
C LYS A 31 4.29 1.19 8.02
N LEU A 32 3.13 1.44 7.43
CA LEU A 32 2.69 2.81 7.15
C LEU A 32 2.08 3.44 8.40
N ARG A 33 1.90 4.76 8.35
CA ARG A 33 1.32 5.48 9.48
C ARG A 33 0.31 4.61 10.22
N ASP A 34 -0.84 4.40 9.61
CA ASP A 34 -1.89 3.59 10.22
C ASP A 34 -2.18 2.35 9.37
N ARG A 35 -1.49 2.24 8.25
CA ARG A 35 -1.68 1.11 7.35
C ARG A 35 -0.40 0.29 7.22
N HIS A 36 -0.48 -0.82 6.48
CA HIS A 36 0.68 -1.69 6.28
C HIS A 36 0.73 -2.19 4.84
N ARG A 37 1.93 -2.24 4.29
CA ARG A 37 2.13 -2.71 2.92
C ARG A 37 3.39 -3.55 2.79
N HIS A 38 3.58 -4.15 1.63
CA HIS A 38 4.76 -4.98 1.39
C HIS A 38 5.96 -4.13 1.00
N PRO A 39 7.17 -4.72 1.09
CA PRO A 39 8.41 -4.03 0.74
C PRO A 39 8.53 -3.76 -0.75
N GLU A 40 7.66 -4.39 -1.53
CA GLU A 40 7.67 -4.22 -2.98
C GLU A 40 6.44 -3.47 -3.46
N CYS A 41 5.36 -3.57 -2.70
CA CYS A 41 4.12 -2.89 -3.04
C CYS A 41 4.12 -1.45 -2.52
N TYR A 42 5.18 -1.09 -1.81
CA TYR A 42 5.30 0.26 -1.27
C TYR A 42 5.65 1.26 -2.35
N VAL A 43 5.60 0.82 -3.60
CA VAL A 43 5.89 1.68 -4.74
C VAL A 43 4.72 2.60 -5.06
N CYS A 44 5.01 3.66 -5.80
CA CYS A 44 3.96 4.62 -6.18
C CYS A 44 2.78 3.91 -6.82
N THR A 45 1.60 4.52 -6.69
CA THR A 45 0.39 3.95 -7.26
C THR A 45 0.20 4.38 -8.71
N ASP A 46 0.59 5.61 -9.01
CA ASP A 46 0.47 6.14 -10.37
C ASP A 46 1.41 5.41 -11.33
N CYS A 47 2.71 5.55 -11.12
CA CYS A 47 3.71 4.91 -11.96
C CYS A 47 4.12 3.56 -11.38
N GLY A 48 4.72 3.59 -10.20
CA GLY A 48 5.16 2.36 -9.56
C GLY A 48 6.65 2.33 -9.32
N THR A 49 7.17 3.37 -8.67
CA THR A 49 8.60 3.46 -8.39
C THR A 49 8.88 3.17 -6.92
N ASN A 50 10.13 2.83 -6.62
CA ASN A 50 10.54 2.53 -5.25
C ASN A 50 10.50 3.78 -4.38
N LEU A 51 9.72 3.74 -3.31
CA LEU A 51 9.60 4.87 -2.40
C LEU A 51 10.32 4.58 -1.08
N LYS A 52 11.07 3.49 -1.05
CA LYS A 52 11.81 3.11 0.15
C LYS A 52 12.55 4.30 0.75
N GLN A 53 13.30 5.00 -0.10
CA GLN A 53 14.06 6.16 0.35
C GLN A 53 13.31 7.46 0.03
N LYS A 54 12.98 7.64 -1.25
CA LYS A 54 12.27 8.83 -1.69
C LYS A 54 11.13 9.17 -0.74
N GLY A 55 10.33 8.15 -0.41
CA GLY A 55 9.20 8.35 0.49
C GLY A 55 7.88 8.46 -0.25
N HIS A 56 6.78 8.19 0.46
CA HIS A 56 5.46 8.26 -0.13
C HIS A 56 4.63 9.37 0.50
N PHE A 57 3.60 9.82 -0.21
CA PHE A 57 2.74 10.88 0.29
C PHE A 57 1.29 10.38 0.43
N PHE A 58 0.51 11.11 1.23
CA PHE A 58 -0.89 10.75 1.45
C PHE A 58 -1.82 11.64 0.63
N VAL A 59 -2.52 11.05 -0.32
CA VAL A 59 -3.44 11.80 -1.17
C VAL A 59 -4.68 10.96 -1.49
N GLU A 60 -5.83 11.43 -1.01
CA GLU A 60 -7.09 10.73 -1.24
C GLU A 60 -7.02 9.29 -0.75
N ASP A 61 -6.42 9.11 0.42
CA ASP A 61 -6.28 7.78 1.00
C ASP A 61 -5.45 6.88 0.12
N GLN A 62 -4.49 7.47 -0.60
CA GLN A 62 -3.63 6.71 -1.49
C GLN A 62 -2.16 7.11 -1.29
N ILE A 63 -1.28 6.45 -2.03
CA ILE A 63 0.15 6.73 -1.93
C ILE A 63 0.76 7.00 -3.31
N TYR A 64 1.63 8.00 -3.38
CA TYR A 64 2.28 8.36 -4.64
C TYR A 64 3.68 8.92 -4.39
N CYS A 65 4.40 9.17 -5.47
CA CYS A 65 5.76 9.69 -5.38
C CYS A 65 5.75 11.22 -5.42
N GLU A 66 6.59 11.84 -4.60
CA GLU A 66 6.68 13.29 -4.56
C GLU A 66 6.43 13.90 -5.94
N LYS A 67 6.98 13.25 -6.96
CA LYS A 67 6.81 13.73 -8.34
C LYS A 67 5.34 13.87 -8.69
N HIS A 68 4.56 12.83 -8.39
CA HIS A 68 3.14 12.83 -8.68
C HIS A 68 2.35 13.50 -7.55
N ALA A 69 2.63 13.09 -6.33
CA ALA A 69 1.95 13.64 -5.17
C ALA A 69 1.87 15.17 -5.26
N ARG A 70 2.98 15.80 -5.60
CA ARG A 70 3.04 17.25 -5.73
C ARG A 70 2.07 17.74 -6.80
N GLU A 71 1.92 16.96 -7.86
CA GLU A 71 1.03 17.31 -8.95
C GLU A 71 -0.43 17.09 -8.56
N ARG A 72 -0.66 16.09 -7.70
CA ARG A 72 -2.01 15.78 -7.25
C ARG A 72 -2.52 16.83 -6.28
N VAL A 73 -1.78 17.04 -5.20
CA VAL A 73 -2.16 18.02 -4.20
C VAL A 73 -2.49 19.37 -4.83
N SER A 74 -1.77 19.70 -5.91
CA SER A 74 -1.99 20.96 -6.61
C SER A 74 -2.00 22.13 -5.64
N GLY A 75 -1.09 22.09 -4.66
CA GLY A 75 -1.02 23.15 -3.68
C GLY A 75 -0.15 24.31 -4.15
N PRO A 76 0.08 25.28 -3.24
CA PRO A 76 0.90 26.45 -3.56
C PRO A 76 2.37 26.11 -3.73
N SER A 77 2.91 26.42 -4.90
CA SER A 77 4.31 26.15 -5.20
C SER A 77 4.89 27.21 -6.13
N SER A 78 6.22 27.29 -6.17
CA SER A 78 6.90 28.26 -7.02
C SER A 78 6.88 27.82 -8.48
N GLY A 79 7.16 26.54 -8.71
CA GLY A 79 7.16 26.02 -10.06
C GLY A 79 6.17 24.88 -10.25
N GLY A 1 -21.63 -28.60 -19.56
CA GLY A 1 -22.04 -27.51 -18.70
C GLY A 1 -21.84 -27.82 -17.24
N SER A 2 -21.16 -26.91 -16.53
CA SER A 2 -20.90 -27.10 -15.11
C SER A 2 -20.97 -25.76 -14.37
N SER A 3 -21.45 -25.81 -13.13
CA SER A 3 -21.57 -24.61 -12.31
C SER A 3 -21.87 -24.97 -10.86
N GLY A 4 -21.59 -24.03 -9.95
CA GLY A 4 -21.83 -24.27 -8.54
C GLY A 4 -20.62 -23.91 -7.69
N SER A 5 -20.87 -23.15 -6.62
CA SER A 5 -19.80 -22.73 -5.73
C SER A 5 -20.37 -22.29 -4.37
N SER A 6 -19.55 -22.44 -3.33
CA SER A 6 -19.98 -22.07 -1.99
C SER A 6 -18.77 -21.78 -1.10
N GLY A 7 -19.00 -21.10 0.02
CA GLY A 7 -17.92 -20.78 0.93
C GLY A 7 -18.41 -20.04 2.16
N SER A 8 -17.52 -19.86 3.13
CA SER A 8 -17.86 -19.16 4.37
C SER A 8 -16.95 -17.96 4.59
N ILE A 9 -17.55 -16.80 4.86
CA ILE A 9 -16.79 -15.59 5.09
C ILE A 9 -16.96 -15.10 6.53
N GLY A 10 -15.84 -14.72 7.15
CA GLY A 10 -15.89 -14.24 8.52
C GLY A 10 -14.72 -14.73 9.34
N ASN A 11 -13.64 -13.97 9.38
CA ASN A 11 -12.46 -14.34 10.13
C ASN A 11 -11.53 -13.15 10.32
N ALA A 12 -10.61 -13.25 11.28
CA ALA A 12 -9.67 -12.17 11.56
C ALA A 12 -8.31 -12.46 10.93
N GLN A 13 -7.42 -11.48 11.00
CA GLN A 13 -6.08 -11.62 10.42
C GLN A 13 -5.01 -11.16 11.41
N LYS A 14 -4.17 -12.09 11.83
CA LYS A 14 -3.10 -11.78 12.77
C LYS A 14 -1.89 -11.20 12.06
N LEU A 15 -2.11 -10.73 10.82
CA LEU A 15 -1.04 -10.14 10.04
C LEU A 15 -1.52 -8.90 9.28
N PRO A 16 -0.65 -7.89 9.20
CA PRO A 16 -0.98 -6.63 8.51
C PRO A 16 -1.07 -6.81 7.01
N MET A 17 -2.28 -7.09 6.52
CA MET A 17 -2.50 -7.28 5.08
C MET A 17 -2.04 -6.06 4.29
N CYS A 18 -1.40 -6.29 3.15
CA CYS A 18 -0.91 -5.21 2.31
C CYS A 18 -2.07 -4.35 1.80
N ASP A 19 -1.90 -3.04 1.89
CA ASP A 19 -2.93 -2.11 1.44
C ASP A 19 -2.99 -2.06 -0.09
N LYS A 20 -1.83 -2.14 -0.73
CA LYS A 20 -1.75 -2.11 -2.18
C LYS A 20 -2.61 -3.20 -2.80
N CYS A 21 -2.24 -4.45 -2.55
CA CYS A 21 -2.98 -5.58 -3.09
C CYS A 21 -4.12 -5.99 -2.15
N GLY A 22 -3.76 -6.50 -0.98
CA GLY A 22 -4.76 -6.90 -0.01
C GLY A 22 -4.59 -8.35 0.43
N THR A 23 -3.44 -8.64 1.04
CA THR A 23 -3.16 -10.00 1.51
C THR A 23 -2.26 -9.97 2.74
N GLY A 24 -2.63 -10.74 3.75
CA GLY A 24 -1.84 -10.81 4.97
C GLY A 24 -0.35 -10.78 4.70
N ILE A 25 0.35 -9.83 5.32
CA ILE A 25 1.79 -9.72 5.15
C ILE A 25 2.54 -10.64 6.10
N VAL A 26 3.63 -11.22 5.62
CA VAL A 26 4.44 -12.12 6.43
C VAL A 26 5.92 -11.76 6.35
N GLY A 27 6.53 -11.50 7.50
CA GLY A 27 7.93 -11.14 7.54
C GLY A 27 8.16 -9.65 7.37
N VAL A 28 9.23 -9.29 6.68
CA VAL A 28 9.56 -7.89 6.45
C VAL A 28 8.44 -7.18 5.70
N PHE A 29 8.23 -5.91 6.02
CA PHE A 29 7.19 -5.12 5.38
C PHE A 29 7.37 -3.63 5.69
N VAL A 30 6.61 -2.79 4.99
CA VAL A 30 6.68 -1.35 5.18
C VAL A 30 5.56 -0.86 6.09
N LYS A 31 5.89 -0.60 7.35
CA LYS A 31 4.91 -0.12 8.31
C LYS A 31 4.63 1.36 8.13
N LEU A 32 3.48 1.67 7.53
CA LEU A 32 3.09 3.05 7.29
C LEU A 32 2.48 3.68 8.53
N ARG A 33 2.41 5.01 8.57
CA ARG A 33 1.85 5.72 9.70
C ARG A 33 0.72 4.92 10.34
N ASP A 34 -0.42 4.88 9.68
CA ASP A 34 -1.58 4.14 10.18
C ASP A 34 -1.97 3.03 9.22
N ARG A 35 -1.09 2.75 8.26
CA ARG A 35 -1.36 1.70 7.28
C ARG A 35 -0.18 0.73 7.19
N HIS A 36 -0.35 -0.33 6.40
CA HIS A 36 0.70 -1.33 6.24
C HIS A 36 0.73 -1.84 4.81
N ARG A 37 1.93 -1.97 4.25
CA ARG A 37 2.09 -2.44 2.88
C ARG A 37 3.33 -3.34 2.76
N HIS A 38 3.45 -4.00 1.62
CA HIS A 38 4.58 -4.90 1.38
C HIS A 38 5.84 -4.10 1.04
N PRO A 39 7.01 -4.75 1.17
CA PRO A 39 8.30 -4.12 0.89
C PRO A 39 8.50 -3.85 -0.60
N GLU A 40 7.58 -4.36 -1.42
CA GLU A 40 7.67 -4.18 -2.87
C GLU A 40 6.48 -3.36 -3.37
N CYS A 41 5.37 -3.45 -2.67
CA CYS A 41 4.15 -2.72 -3.04
C CYS A 41 4.22 -1.28 -2.54
N TYR A 42 5.31 -0.94 -1.85
CA TYR A 42 5.49 0.41 -1.32
C TYR A 42 5.84 1.39 -2.44
N VAL A 43 5.75 0.92 -3.68
CA VAL A 43 6.04 1.76 -4.83
C VAL A 43 4.86 2.64 -5.20
N CYS A 44 5.12 3.75 -5.88
CA CYS A 44 4.08 4.67 -6.30
C CYS A 44 2.98 3.92 -7.06
N THR A 45 1.79 4.51 -7.06
CA THR A 45 0.65 3.90 -7.75
C THR A 45 0.55 4.39 -9.19
N ASP A 46 0.92 5.65 -9.41
CA ASP A 46 0.88 6.25 -10.74
C ASP A 46 1.91 5.59 -11.66
N CYS A 47 3.19 5.78 -11.35
CA CYS A 47 4.27 5.21 -12.14
C CYS A 47 4.67 3.85 -11.60
N GLY A 48 5.13 3.82 -10.35
CA GLY A 48 5.55 2.58 -9.74
C GLY A 48 7.03 2.56 -9.40
N THR A 49 7.49 3.61 -8.73
CA THR A 49 8.89 3.72 -8.35
C THR A 49 9.09 3.40 -6.87
N ASN A 50 10.28 2.92 -6.53
CA ASN A 50 10.59 2.57 -5.14
C ASN A 50 10.70 3.83 -4.28
N LEU A 51 9.74 3.99 -3.38
CA LEU A 51 9.73 5.15 -2.49
C LEU A 51 10.52 4.86 -1.21
N LYS A 52 11.33 3.82 -1.25
CA LYS A 52 12.16 3.44 -0.10
C LYS A 52 12.85 4.66 0.49
N GLN A 53 13.55 5.42 -0.36
CA GLN A 53 14.25 6.61 0.08
C GLN A 53 13.61 7.87 -0.48
N LYS A 54 13.15 7.78 -1.73
CA LYS A 54 12.51 8.92 -2.38
C LYS A 54 11.43 9.53 -1.50
N GLY A 55 10.58 8.68 -0.94
CA GLY A 55 9.52 9.16 -0.08
C GLY A 55 8.14 8.87 -0.63
N HIS A 56 7.16 8.72 0.25
CA HIS A 56 5.79 8.44 -0.17
C HIS A 56 4.84 9.50 0.36
N PHE A 57 3.62 9.52 -0.18
CA PHE A 57 2.61 10.50 0.23
C PHE A 57 1.26 9.83 0.40
N PHE A 58 0.46 10.37 1.32
CA PHE A 58 -0.87 9.83 1.59
C PHE A 58 -1.93 10.58 0.80
N VAL A 59 -2.54 9.89 -0.17
CA VAL A 59 -3.57 10.49 -1.00
C VAL A 59 -4.68 9.49 -1.30
N GLU A 60 -5.84 9.70 -0.69
CA GLU A 60 -6.99 8.82 -0.90
C GLU A 60 -6.69 7.43 -0.37
N ASP A 61 -6.03 7.36 0.78
CA ASP A 61 -5.68 6.08 1.39
C ASP A 61 -4.73 5.30 0.51
N GLN A 62 -3.87 6.00 -0.23
CA GLN A 62 -2.91 5.37 -1.12
C GLN A 62 -1.53 5.99 -0.95
N ILE A 63 -0.55 5.43 -1.67
CA ILE A 63 0.81 5.93 -1.60
C ILE A 63 1.32 6.35 -2.98
N TYR A 64 2.05 7.45 -3.03
CA TYR A 64 2.59 7.95 -4.28
C TYR A 64 3.95 8.60 -4.08
N CYS A 65 4.57 9.03 -5.17
CA CYS A 65 5.88 9.67 -5.11
C CYS A 65 5.75 11.19 -5.15
N GLU A 66 6.58 11.88 -4.37
CA GLU A 66 6.55 13.33 -4.33
C GLU A 66 6.18 13.91 -5.69
N LYS A 67 6.79 13.38 -6.74
CA LYS A 67 6.51 13.84 -8.09
C LYS A 67 5.01 13.86 -8.38
N HIS A 68 4.39 12.68 -8.35
CA HIS A 68 2.96 12.57 -8.60
C HIS A 68 2.16 13.15 -7.44
N ALA A 69 2.43 12.67 -6.23
CA ALA A 69 1.73 13.16 -5.04
C ALA A 69 1.41 14.64 -5.15
N ARG A 70 2.46 15.45 -5.28
CA ARG A 70 2.29 16.89 -5.40
C ARG A 70 1.22 17.23 -6.44
N GLU A 71 1.29 16.58 -7.59
CA GLU A 71 0.33 16.82 -8.67
C GLU A 71 -1.08 16.48 -8.21
N ARG A 72 -1.21 15.41 -7.44
CA ARG A 72 -2.51 14.96 -6.94
C ARG A 72 -3.06 15.96 -5.92
N VAL A 73 -2.29 16.21 -4.87
CA VAL A 73 -2.71 17.15 -3.83
C VAL A 73 -2.89 18.55 -4.38
N SER A 74 -2.10 18.88 -5.41
CA SER A 74 -2.18 20.19 -6.03
C SER A 74 -3.09 20.17 -7.26
N GLY A 75 -3.89 19.12 -7.36
CA GLY A 75 -4.81 18.99 -8.49
C GLY A 75 -5.85 20.09 -8.52
N PRO A 76 -6.71 20.06 -9.55
CA PRO A 76 -7.77 21.06 -9.72
C PRO A 76 -8.87 20.91 -8.67
N SER A 77 -8.86 21.80 -7.69
CA SER A 77 -9.86 21.78 -6.63
C SER A 77 -11.20 22.32 -7.11
N SER A 78 -11.19 23.57 -7.57
CA SER A 78 -12.40 24.22 -8.07
C SER A 78 -12.16 24.85 -9.44
N GLY A 79 -13.15 24.73 -10.31
CA GLY A 79 -13.03 25.30 -11.65
C GLY A 79 -13.58 24.39 -12.72
N GLY A 1 11.96 -15.64 1.25
CA GLY A 1 11.85 -17.00 0.79
C GLY A 1 10.56 -17.66 1.23
N SER A 2 10.02 -18.54 0.39
CA SER A 2 8.77 -19.24 0.71
C SER A 2 9.05 -20.70 1.04
N SER A 3 8.14 -21.30 1.80
CA SER A 3 8.28 -22.70 2.19
C SER A 3 7.70 -23.63 1.13
N GLY A 4 6.44 -23.39 0.76
CA GLY A 4 5.80 -24.21 -0.25
C GLY A 4 5.90 -25.69 0.05
N SER A 5 4.85 -26.24 0.66
CA SER A 5 4.82 -27.66 1.02
C SER A 5 3.39 -28.16 1.11
N SER A 6 3.18 -29.41 0.68
CA SER A 6 1.85 -30.01 0.70
C SER A 6 1.45 -30.36 2.13
N GLY A 7 0.21 -30.02 2.48
CA GLY A 7 -0.29 -30.30 3.82
C GLY A 7 -1.52 -29.49 4.16
N SER A 8 -1.62 -29.09 5.42
CA SER A 8 -2.77 -28.31 5.88
C SER A 8 -2.42 -26.82 5.95
N ILE A 9 -3.44 -25.97 5.86
CA ILE A 9 -3.23 -24.53 5.91
C ILE A 9 -3.71 -23.95 7.24
N GLY A 10 -3.10 -22.86 7.66
CA GLY A 10 -3.47 -22.23 8.91
C GLY A 10 -2.30 -21.57 9.61
N ASN A 11 -2.53 -20.38 10.17
CA ASN A 11 -1.48 -19.65 10.86
C ASN A 11 -1.99 -19.10 12.19
N ALA A 12 -1.52 -19.68 13.29
CA ALA A 12 -1.93 -19.25 14.61
C ALA A 12 -1.67 -17.76 14.81
N GLN A 13 -0.42 -17.34 14.61
CA GLN A 13 -0.04 -15.95 14.76
C GLN A 13 -0.65 -15.09 13.66
N LYS A 14 -1.38 -14.05 14.05
CA LYS A 14 -2.02 -13.16 13.09
C LYS A 14 -0.98 -12.39 12.28
N LEU A 15 -1.35 -11.97 11.08
CA LEU A 15 -0.45 -11.23 10.21
C LEU A 15 -1.17 -10.08 9.54
N PRO A 16 -0.49 -8.92 9.41
CA PRO A 16 -1.05 -7.73 8.78
C PRO A 16 -1.22 -7.90 7.28
N MET A 17 -2.47 -7.91 6.82
CA MET A 17 -2.77 -8.05 5.41
C MET A 17 -2.34 -6.82 4.62
N CYS A 18 -1.61 -7.04 3.53
CA CYS A 18 -1.13 -5.95 2.70
C CYS A 18 -2.29 -5.09 2.21
N ASP A 19 -1.98 -3.89 1.73
CA ASP A 19 -3.00 -2.98 1.23
C ASP A 19 -3.10 -3.05 -0.29
N LYS A 20 -1.96 -3.09 -0.96
CA LYS A 20 -1.92 -3.17 -2.41
C LYS A 20 -2.49 -4.50 -2.90
N CYS A 21 -1.76 -5.58 -2.66
CA CYS A 21 -2.20 -6.90 -3.08
C CYS A 21 -3.30 -7.43 -2.16
N GLY A 22 -3.07 -7.31 -0.85
CA GLY A 22 -4.05 -7.77 0.11
C GLY A 22 -3.79 -9.19 0.56
N THR A 23 -2.58 -9.45 1.05
CA THR A 23 -2.21 -10.78 1.51
C THR A 23 -1.45 -10.72 2.83
N GLY A 24 -1.80 -11.61 3.75
CA GLY A 24 -1.14 -11.65 5.04
C GLY A 24 0.37 -11.51 4.93
N ILE A 25 0.89 -10.36 5.32
CA ILE A 25 2.33 -10.11 5.26
C ILE A 25 3.08 -11.00 6.24
N VAL A 26 4.21 -11.56 5.79
CA VAL A 26 5.03 -12.42 6.64
C VAL A 26 6.49 -12.01 6.59
N GLY A 27 7.03 -11.60 7.74
CA GLY A 27 8.42 -11.19 7.80
C GLY A 27 8.57 -9.69 7.73
N VAL A 28 9.48 -9.23 6.88
CA VAL A 28 9.73 -7.80 6.71
C VAL A 28 8.58 -7.12 5.99
N PHE A 29 8.30 -5.87 6.35
CA PHE A 29 7.22 -5.12 5.72
C PHE A 29 7.31 -3.64 6.12
N VAL A 30 6.63 -2.79 5.34
CA VAL A 30 6.63 -1.36 5.60
C VAL A 30 5.37 -0.93 6.34
N LYS A 31 5.50 -0.72 7.65
CA LYS A 31 4.37 -0.31 8.47
C LYS A 31 4.06 1.17 8.27
N LEU A 32 2.93 1.45 7.64
CA LEU A 32 2.51 2.82 7.39
C LEU A 32 1.83 3.42 8.62
N ARG A 33 1.64 4.73 8.60
CA ARG A 33 1.00 5.43 9.71
C ARG A 33 -0.05 4.53 10.37
N ASP A 34 -1.18 4.36 9.70
CA ASP A 34 -2.25 3.53 10.24
C ASP A 34 -2.53 2.35 9.31
N ARG A 35 -1.73 2.23 8.26
CA ARG A 35 -1.89 1.14 7.30
C ARG A 35 -0.62 0.30 7.22
N HIS A 36 -0.69 -0.80 6.47
CA HIS A 36 0.45 -1.69 6.31
C HIS A 36 0.63 -2.08 4.84
N ARG A 37 1.88 -2.37 4.46
CA ARG A 37 2.18 -2.75 3.09
C ARG A 37 3.47 -3.57 3.03
N HIS A 38 3.74 -4.15 1.87
CA HIS A 38 4.95 -4.96 1.68
C HIS A 38 6.13 -4.08 1.31
N PRO A 39 7.35 -4.64 1.43
CA PRO A 39 8.58 -3.92 1.12
C PRO A 39 8.74 -3.68 -0.37
N GLU A 40 7.84 -4.25 -1.17
CA GLU A 40 7.89 -4.09 -2.62
C GLU A 40 6.63 -3.38 -3.12
N CYS A 41 5.52 -3.59 -2.43
CA CYS A 41 4.26 -2.97 -2.80
C CYS A 41 4.22 -1.50 -2.40
N TYR A 42 5.29 -1.05 -1.75
CA TYR A 42 5.38 0.34 -1.31
C TYR A 42 5.65 1.27 -2.49
N VAL A 43 5.46 0.76 -3.69
CA VAL A 43 5.68 1.53 -4.91
C VAL A 43 4.50 2.48 -5.17
N CYS A 44 4.78 3.57 -5.88
CA CYS A 44 3.74 4.55 -6.20
C CYS A 44 2.54 3.88 -6.84
N THR A 45 1.41 4.57 -6.82
CA THR A 45 0.18 4.04 -7.41
C THR A 45 0.05 4.44 -8.87
N ASP A 46 0.44 5.66 -9.18
CA ASP A 46 0.37 6.17 -10.56
C ASP A 46 1.32 5.39 -11.47
N CYS A 47 2.61 5.56 -11.24
CA CYS A 47 3.62 4.88 -12.05
C CYS A 47 3.99 3.53 -11.43
N GLY A 48 4.49 3.57 -10.20
CA GLY A 48 4.89 2.34 -9.52
C GLY A 48 6.38 2.22 -9.34
N THR A 49 6.98 3.22 -8.69
CA THR A 49 8.41 3.23 -8.44
C THR A 49 8.73 3.09 -6.96
N ASN A 50 9.89 2.50 -6.66
CA ASN A 50 10.30 2.32 -5.27
C ASN A 50 10.34 3.65 -4.53
N LEU A 51 9.40 3.85 -3.61
CA LEU A 51 9.33 5.08 -2.84
C LEU A 51 10.15 4.96 -1.56
N LYS A 52 11.03 3.96 -1.51
CA LYS A 52 11.87 3.74 -0.35
C LYS A 52 12.73 4.96 -0.05
N GLN A 53 13.55 5.34 -1.03
CA GLN A 53 14.43 6.51 -0.87
C GLN A 53 13.65 7.80 -1.09
N LYS A 54 13.17 8.00 -2.31
CA LYS A 54 12.41 9.20 -2.65
C LYS A 54 11.38 9.52 -1.56
N GLY A 55 10.48 8.57 -1.32
CA GLY A 55 9.46 8.77 -0.30
C GLY A 55 8.06 8.71 -0.88
N HIS A 56 7.06 8.71 0.00
CA HIS A 56 5.66 8.65 -0.42
C HIS A 56 4.85 9.75 0.24
N PHE A 57 3.74 10.12 -0.39
CA PHE A 57 2.86 11.17 0.14
C PHE A 57 1.46 10.64 0.38
N PHE A 58 0.66 11.41 1.09
CA PHE A 58 -0.71 11.02 1.40
C PHE A 58 -1.72 11.94 0.70
N VAL A 59 -2.42 11.38 -0.29
CA VAL A 59 -3.41 12.14 -1.04
C VAL A 59 -4.64 11.30 -1.33
N GLU A 60 -5.79 11.76 -0.86
CA GLU A 60 -7.04 11.06 -1.06
C GLU A 60 -6.96 9.62 -0.55
N ASP A 61 -6.37 9.46 0.63
CA ASP A 61 -6.21 8.14 1.22
C ASP A 61 -5.40 7.22 0.32
N GLN A 62 -4.46 7.81 -0.42
CA GLN A 62 -3.62 7.04 -1.33
C GLN A 62 -2.15 7.42 -1.17
N ILE A 63 -1.28 6.73 -1.89
CA ILE A 63 0.15 6.99 -1.82
C ILE A 63 0.72 7.30 -3.20
N TYR A 64 1.63 8.27 -3.27
CA TYR A 64 2.24 8.65 -4.53
C TYR A 64 3.66 9.16 -4.31
N CYS A 65 4.46 9.18 -5.37
CA CYS A 65 5.83 9.63 -5.30
C CYS A 65 5.90 11.15 -5.22
N GLU A 66 6.83 11.65 -4.41
CA GLU A 66 7.00 13.09 -4.24
C GLU A 66 6.69 13.84 -5.54
N LYS A 67 7.22 13.33 -6.64
CA LYS A 67 7.00 13.94 -7.95
C LYS A 67 5.51 14.04 -8.26
N HIS A 68 4.85 12.89 -8.34
CA HIS A 68 3.42 12.84 -8.63
C HIS A 68 2.63 13.57 -7.56
N ALA A 69 2.81 13.16 -6.30
CA ALA A 69 2.11 13.77 -5.18
C ALA A 69 1.94 15.28 -5.41
N ARG A 70 3.04 16.00 -5.49
CA ARG A 70 3.01 17.43 -5.70
C ARG A 70 2.02 17.80 -6.80
N GLU A 71 2.15 17.14 -7.94
CA GLU A 71 1.26 17.39 -9.07
C GLU A 71 -0.21 17.30 -8.65
N ARG A 72 -0.52 16.28 -7.85
CA ARG A 72 -1.88 16.07 -7.37
C ARG A 72 -2.34 17.24 -6.51
N VAL A 73 -1.60 17.52 -5.45
CA VAL A 73 -1.92 18.62 -4.55
C VAL A 73 -2.35 19.86 -5.32
N SER A 74 -1.49 20.30 -6.24
CA SER A 74 -1.77 21.48 -7.04
C SER A 74 -2.96 21.23 -7.97
N GLY A 75 -2.83 20.26 -8.85
CA GLY A 75 -3.90 19.93 -9.79
C GLY A 75 -5.26 20.02 -9.14
N PRO A 76 -6.29 20.29 -9.95
CA PRO A 76 -7.67 20.39 -9.47
C PRO A 76 -8.24 19.05 -9.03
N SER A 77 -9.51 19.06 -8.62
CA SER A 77 -10.17 17.83 -8.18
C SER A 77 -11.32 17.47 -9.11
N SER A 78 -11.59 16.17 -9.22
CA SER A 78 -12.66 15.68 -10.08
C SER A 78 -14.02 16.17 -9.60
N GLY A 79 -15.05 15.91 -10.39
CA GLY A 79 -16.39 16.34 -10.02
C GLY A 79 -16.66 16.16 -8.54
N GLY A 1 -1.71 -15.80 -20.19
CA GLY A 1 -2.31 -15.53 -18.90
C GLY A 1 -2.94 -16.76 -18.27
N SER A 2 -2.66 -16.97 -16.99
CA SER A 2 -3.19 -18.13 -16.27
C SER A 2 -3.34 -17.83 -14.79
N SER A 3 -4.57 -17.88 -14.29
CA SER A 3 -4.84 -17.61 -12.89
C SER A 3 -6.25 -18.07 -12.51
N GLY A 4 -6.45 -18.34 -11.21
CA GLY A 4 -7.74 -18.79 -10.75
C GLY A 4 -7.66 -19.52 -9.43
N SER A 5 -8.68 -19.37 -8.60
CA SER A 5 -8.71 -20.02 -7.29
C SER A 5 -10.14 -20.40 -6.90
N SER A 6 -10.31 -21.60 -6.38
CA SER A 6 -11.62 -22.08 -5.98
C SER A 6 -11.62 -22.49 -4.50
N GLY A 7 -12.71 -22.16 -3.81
CA GLY A 7 -12.82 -22.48 -2.40
C GLY A 7 -13.32 -21.32 -1.56
N SER A 8 -13.59 -21.58 -0.29
CA SER A 8 -14.07 -20.54 0.61
C SER A 8 -12.91 -19.84 1.31
N ILE A 9 -12.86 -18.52 1.16
CA ILE A 9 -11.80 -17.72 1.77
C ILE A 9 -12.35 -16.83 2.87
N GLY A 10 -12.11 -17.22 4.12
CA GLY A 10 -12.58 -16.45 5.25
C GLY A 10 -12.08 -16.98 6.57
N ASN A 11 -10.84 -16.68 6.89
CA ASN A 11 -10.23 -17.14 8.15
C ASN A 11 -9.59 -15.97 8.90
N ALA A 12 -9.60 -16.06 10.22
CA ALA A 12 -9.02 -15.02 11.06
C ALA A 12 -7.56 -14.78 10.70
N GLN A 13 -7.26 -13.57 10.24
CA GLN A 13 -5.90 -13.21 9.86
C GLN A 13 -5.28 -12.27 10.89
N LYS A 14 -4.21 -12.75 11.54
CA LYS A 14 -3.52 -11.95 12.55
C LYS A 14 -2.34 -11.20 11.94
N LEU A 15 -2.35 -11.06 10.61
CA LEU A 15 -1.30 -10.36 9.91
C LEU A 15 -1.84 -9.13 9.20
N PRO A 16 -0.98 -8.09 9.06
CA PRO A 16 -1.35 -6.84 8.40
C PRO A 16 -1.55 -7.01 6.90
N MET A 17 -2.81 -7.00 6.47
CA MET A 17 -3.13 -7.15 5.05
C MET A 17 -2.48 -6.04 4.22
N CYS A 18 -1.99 -6.41 3.04
CA CYS A 18 -1.34 -5.44 2.16
C CYS A 18 -2.38 -4.51 1.53
N ASP A 19 -2.06 -3.22 1.52
CA ASP A 19 -2.96 -2.22 0.94
C ASP A 19 -2.90 -2.25 -0.59
N LYS A 20 -1.73 -2.56 -1.12
CA LYS A 20 -1.53 -2.63 -2.56
C LYS A 20 -2.31 -3.79 -3.16
N CYS A 21 -1.94 -5.00 -2.77
CA CYS A 21 -2.60 -6.20 -3.27
C CYS A 21 -3.78 -6.58 -2.39
N GLY A 22 -3.48 -7.05 -1.18
CA GLY A 22 -4.52 -7.44 -0.25
C GLY A 22 -4.32 -8.84 0.29
N THR A 23 -3.10 -9.13 0.72
CA THR A 23 -2.77 -10.44 1.27
C THR A 23 -1.95 -10.32 2.55
N GLY A 24 -2.36 -11.06 3.59
CA GLY A 24 -1.65 -11.01 4.85
C GLY A 24 -0.15 -10.98 4.68
N ILE A 25 0.49 -9.99 5.29
CA ILE A 25 1.94 -9.85 5.20
C ILE A 25 2.64 -10.66 6.27
N VAL A 26 3.89 -11.04 6.00
CA VAL A 26 4.68 -11.82 6.95
C VAL A 26 6.15 -11.42 6.91
N GLY A 27 6.72 -11.18 8.09
CA GLY A 27 8.11 -10.78 8.17
C GLY A 27 8.33 -9.32 7.84
N VAL A 28 9.43 -9.02 7.16
CA VAL A 28 9.74 -7.65 6.79
C VAL A 28 8.61 -7.02 5.98
N PHE A 29 8.32 -5.76 6.26
CA PHE A 29 7.25 -5.04 5.57
C PHE A 29 7.33 -3.54 5.85
N VAL A 30 6.55 -2.77 5.11
CA VAL A 30 6.53 -1.32 5.28
C VAL A 30 5.31 -0.87 6.07
N LYS A 31 5.53 -0.56 7.34
CA LYS A 31 4.43 -0.12 8.22
C LYS A 31 4.19 1.38 8.05
N LEU A 32 3.08 1.71 7.40
CA LEU A 32 2.72 3.11 7.18
C LEU A 32 1.98 3.68 8.38
N ARG A 33 1.93 5.01 8.47
CA ARG A 33 1.25 5.68 9.56
C ARG A 33 0.07 4.86 10.06
N ASP A 34 -1.01 4.85 9.27
CA ASP A 34 -2.21 4.11 9.61
C ASP A 34 -2.50 3.03 8.58
N ARG A 35 -1.52 2.76 7.71
CA ARG A 35 -1.67 1.76 6.68
C ARG A 35 -0.50 0.78 6.69
N HIS A 36 -0.61 -0.27 5.88
CA HIS A 36 0.45 -1.28 5.80
C HIS A 36 0.60 -1.79 4.37
N ARG A 37 1.84 -1.93 3.92
CA ARG A 37 2.13 -2.40 2.58
C ARG A 37 3.41 -3.22 2.55
N HIS A 38 3.54 -4.09 1.55
CA HIS A 38 4.73 -4.93 1.41
C HIS A 38 5.96 -4.08 1.10
N PRO A 39 7.14 -4.67 1.29
CA PRO A 39 8.42 -3.99 1.04
C PRO A 39 8.67 -3.75 -0.45
N GLU A 40 7.84 -4.36 -1.28
CA GLU A 40 7.96 -4.21 -2.73
C GLU A 40 6.82 -3.39 -3.30
N CYS A 41 5.65 -3.50 -2.66
CA CYS A 41 4.47 -2.77 -3.11
C CYS A 41 4.57 -1.29 -2.72
N TYR A 42 5.35 -1.01 -1.69
CA TYR A 42 5.53 0.36 -1.21
C TYR A 42 5.70 1.33 -2.38
N VAL A 43 6.11 0.79 -3.52
CA VAL A 43 6.31 1.60 -4.72
C VAL A 43 5.07 2.44 -5.03
N CYS A 44 5.27 3.52 -5.78
CA CYS A 44 4.17 4.41 -6.15
C CYS A 44 3.02 3.62 -6.76
N THR A 45 1.80 4.13 -6.60
CA THR A 45 0.62 3.49 -7.14
C THR A 45 0.35 3.93 -8.58
N ASP A 46 0.67 5.19 -8.88
CA ASP A 46 0.47 5.74 -10.20
C ASP A 46 1.40 5.09 -11.21
N CYS A 47 2.71 5.27 -11.01
CA CYS A 47 3.70 4.69 -11.90
C CYS A 47 4.23 3.37 -11.36
N GLY A 48 4.88 3.42 -10.21
CA GLY A 48 5.42 2.22 -9.59
C GLY A 48 6.91 2.32 -9.34
N THR A 49 7.34 3.44 -8.78
CA THR A 49 8.75 3.65 -8.48
C THR A 49 9.05 3.43 -7.00
N ASN A 50 10.20 2.83 -6.73
CA ASN A 50 10.61 2.56 -5.35
C ASN A 50 10.67 3.84 -4.53
N LEU A 51 9.74 4.00 -3.61
CA LEU A 51 9.69 5.19 -2.75
C LEU A 51 10.54 4.99 -1.50
N LYS A 52 11.41 3.99 -1.53
CA LYS A 52 12.29 3.70 -0.40
C LYS A 52 13.22 4.87 -0.13
N GLN A 53 13.85 5.39 -1.18
CA GLN A 53 14.76 6.50 -1.04
C GLN A 53 14.08 7.82 -1.40
N LYS A 54 13.28 7.80 -2.45
CA LYS A 54 12.56 8.99 -2.89
C LYS A 54 11.58 9.46 -1.83
N GLY A 55 10.68 8.57 -1.41
CA GLY A 55 9.71 8.91 -0.40
C GLY A 55 8.29 8.72 -0.88
N HIS A 56 7.34 8.62 0.05
CA HIS A 56 5.93 8.43 -0.28
C HIS A 56 5.08 9.51 0.37
N PHE A 57 3.87 9.70 -0.15
CA PHE A 57 2.95 10.69 0.38
C PHE A 57 1.58 10.08 0.65
N PHE A 58 0.87 10.65 1.61
CA PHE A 58 -0.46 10.17 1.98
C PHE A 58 -1.55 10.97 1.26
N VAL A 59 -2.22 10.33 0.31
CA VAL A 59 -3.28 10.97 -0.45
C VAL A 59 -4.44 10.02 -0.70
N GLU A 60 -5.59 10.34 -0.12
CA GLU A 60 -6.79 9.51 -0.28
C GLU A 60 -6.53 8.09 0.22
N ASP A 61 -5.82 7.98 1.33
CA ASP A 61 -5.51 6.68 1.92
C ASP A 61 -4.63 5.86 0.97
N GLN A 62 -3.80 6.54 0.19
CA GLN A 62 -2.91 5.88 -0.75
C GLN A 62 -1.49 6.43 -0.65
N ILE A 63 -0.57 5.80 -1.38
CA ILE A 63 0.82 6.22 -1.37
C ILE A 63 1.29 6.61 -2.78
N TYR A 64 2.08 7.67 -2.86
CA TYR A 64 2.60 8.14 -4.14
C TYR A 64 3.95 8.83 -3.97
N CYS A 65 4.62 9.10 -5.07
CA CYS A 65 5.92 9.76 -5.06
C CYS A 65 5.76 11.27 -5.00
N GLU A 66 6.71 11.94 -4.35
CA GLU A 66 6.67 13.40 -4.24
C GLU A 66 6.22 14.04 -5.54
N LYS A 67 6.75 13.53 -6.65
CA LYS A 67 6.41 14.05 -7.97
C LYS A 67 4.91 14.02 -8.20
N HIS A 68 4.35 12.81 -8.26
CA HIS A 68 2.92 12.64 -8.47
C HIS A 68 2.12 13.25 -7.32
N ALA A 69 2.41 12.80 -6.10
CA ALA A 69 1.72 13.31 -4.92
C ALA A 69 1.40 14.79 -5.07
N ARG A 70 2.43 15.59 -5.32
CA ARG A 70 2.27 17.03 -5.48
C ARG A 70 1.19 17.34 -6.51
N GLU A 71 1.25 16.65 -7.65
CA GLU A 71 0.29 16.85 -8.73
C GLU A 71 -1.13 16.55 -8.24
N ARG A 72 -1.26 15.56 -7.38
CA ARG A 72 -2.56 15.16 -6.84
C ARG A 72 -3.17 16.29 -6.03
N VAL A 73 -2.42 16.80 -5.05
CA VAL A 73 -2.90 17.89 -4.20
C VAL A 73 -3.05 19.17 -5.00
N SER A 74 -2.14 19.40 -5.95
CA SER A 74 -2.18 20.59 -6.78
C SER A 74 -3.40 20.59 -7.69
N GLY A 75 -3.60 19.48 -8.40
CA GLY A 75 -4.73 19.36 -9.30
C GLY A 75 -5.96 20.06 -8.77
N PRO A 76 -6.50 20.99 -9.56
CA PRO A 76 -7.70 21.76 -9.19
C PRO A 76 -8.95 20.90 -9.19
N SER A 77 -9.73 20.99 -8.11
CA SER A 77 -10.96 20.22 -7.98
C SER A 77 -12.18 21.13 -8.01
N SER A 78 -13.36 20.53 -8.05
CA SER A 78 -14.60 21.29 -8.08
C SER A 78 -14.61 22.37 -7.00
N GLY A 79 -14.32 21.96 -5.77
CA GLY A 79 -14.30 22.90 -4.66
C GLY A 79 -13.12 23.86 -4.73
N GLY A 1 -19.21 -35.00 -0.24
CA GLY A 1 -19.02 -35.67 1.03
C GLY A 1 -17.56 -35.97 1.31
N SER A 2 -17.05 -35.43 2.40
CA SER A 2 -15.65 -35.64 2.77
C SER A 2 -15.49 -35.64 4.29
N SER A 3 -14.28 -35.92 4.75
CA SER A 3 -13.99 -35.95 6.17
C SER A 3 -12.51 -35.65 6.44
N GLY A 4 -12.24 -35.00 7.57
CA GLY A 4 -10.87 -34.66 7.92
C GLY A 4 -10.75 -34.10 9.32
N SER A 5 -9.53 -33.75 9.71
CA SER A 5 -9.28 -33.19 11.04
C SER A 5 -8.49 -31.90 10.94
N SER A 6 -9.14 -30.79 11.29
CA SER A 6 -8.49 -29.48 11.25
C SER A 6 -8.45 -28.85 12.64
N GLY A 7 -7.56 -27.88 12.81
CA GLY A 7 -7.44 -27.21 14.09
C GLY A 7 -6.00 -27.19 14.60
N SER A 8 -5.64 -26.12 15.30
CA SER A 8 -4.29 -25.98 15.82
C SER A 8 -4.29 -25.15 17.11
N ILE A 9 -4.11 -25.82 18.24
CA ILE A 9 -4.10 -25.16 19.54
C ILE A 9 -2.88 -24.25 19.67
N GLY A 10 -2.95 -23.31 20.61
CA GLY A 10 -1.84 -22.40 20.82
C GLY A 10 -2.14 -20.99 20.35
N ASN A 11 -1.22 -20.06 20.62
CA ASN A 11 -1.41 -18.67 20.21
C ASN A 11 -1.51 -18.56 18.70
N ALA A 12 -2.24 -17.55 18.24
CA ALA A 12 -2.42 -17.33 16.81
C ALA A 12 -2.42 -15.84 16.48
N GLN A 13 -1.74 -15.47 15.39
CA GLN A 13 -1.66 -14.08 14.98
C GLN A 13 -1.71 -13.96 13.45
N LYS A 14 -2.39 -12.94 12.96
CA LYS A 14 -2.50 -12.72 11.53
C LYS A 14 -1.72 -11.49 11.10
N LEU A 15 -0.93 -11.63 10.04
CA LEU A 15 -0.12 -10.52 9.53
C LEU A 15 -1.01 -9.41 8.97
N PRO A 16 -0.45 -8.19 8.91
CA PRO A 16 -1.17 -7.01 8.41
C PRO A 16 -1.41 -7.10 6.90
N MET A 17 -2.67 -7.27 6.50
CA MET A 17 -3.02 -7.34 5.10
C MET A 17 -2.53 -6.12 4.34
N CYS A 18 -1.69 -6.35 3.33
CA CYS A 18 -1.15 -5.25 2.53
C CYS A 18 -2.26 -4.38 1.96
N ASP A 19 -2.10 -3.08 2.10
CA ASP A 19 -3.10 -2.12 1.61
C ASP A 19 -3.17 -2.16 0.08
N LYS A 20 -2.02 -2.32 -0.56
CA LYS A 20 -1.95 -2.37 -2.02
C LYS A 20 -2.80 -3.52 -2.56
N CYS A 21 -2.44 -4.74 -2.20
CA CYS A 21 -3.17 -5.92 -2.65
C CYS A 21 -4.22 -6.34 -1.62
N GLY A 22 -3.76 -6.82 -0.48
CA GLY A 22 -4.67 -7.25 0.57
C GLY A 22 -4.40 -8.67 1.03
N THR A 23 -3.14 -8.96 1.35
CA THR A 23 -2.76 -10.30 1.79
C THR A 23 -1.83 -10.23 2.99
N GLY A 24 -2.04 -11.12 3.96
CA GLY A 24 -1.21 -11.14 5.15
C GLY A 24 0.26 -10.98 4.82
N ILE A 25 0.84 -9.87 5.25
CA ILE A 25 2.26 -9.59 5.00
C ILE A 25 3.14 -10.44 5.91
N VAL A 26 3.72 -11.50 5.36
CA VAL A 26 4.59 -12.39 6.11
C VAL A 26 6.06 -12.07 5.85
N GLY A 27 6.77 -11.66 6.89
CA GLY A 27 8.18 -11.34 6.75
C GLY A 27 8.43 -9.85 6.74
N VAL A 28 9.48 -9.43 6.03
CA VAL A 28 9.83 -8.01 5.95
C VAL A 28 8.74 -7.23 5.22
N PHE A 29 8.57 -5.96 5.61
CA PHE A 29 7.57 -5.10 5.01
C PHE A 29 7.77 -3.64 5.43
N VAL A 30 6.99 -2.75 4.83
CA VAL A 30 7.08 -1.33 5.13
C VAL A 30 5.93 -0.89 6.02
N LYS A 31 6.21 -0.68 7.30
CA LYS A 31 5.20 -0.24 8.25
C LYS A 31 4.89 1.24 8.08
N LEU A 32 3.70 1.54 7.58
CA LEU A 32 3.29 2.92 7.37
C LEU A 32 2.76 3.54 8.66
N ARG A 33 2.67 4.86 8.70
CA ARG A 33 2.18 5.57 9.88
C ARG A 33 1.12 4.74 10.60
N ASP A 34 -0.07 4.68 10.03
CA ASP A 34 -1.17 3.92 10.62
C ASP A 34 -1.60 2.79 9.69
N ARG A 35 -0.81 2.53 8.67
CA ARG A 35 -1.12 1.47 7.71
C ARG A 35 0.07 0.54 7.51
N HIS A 36 -0.13 -0.53 6.75
CA HIS A 36 0.93 -1.49 6.49
C HIS A 36 0.88 -1.97 5.05
N ARG A 37 2.05 -2.10 4.43
CA ARG A 37 2.16 -2.54 3.05
C ARG A 37 3.41 -3.38 2.83
N HIS A 38 3.41 -4.17 1.76
CA HIS A 38 4.55 -5.03 1.44
C HIS A 38 5.79 -4.19 1.12
N PRO A 39 6.97 -4.81 1.20
CA PRO A 39 8.24 -4.14 0.93
C PRO A 39 8.41 -3.80 -0.55
N GLU A 40 7.51 -4.33 -1.38
CA GLU A 40 7.57 -4.08 -2.81
C GLU A 40 6.33 -3.33 -3.28
N CYS A 41 5.21 -3.50 -2.56
CA CYS A 41 3.97 -2.84 -2.90
C CYS A 41 3.96 -1.40 -2.40
N TYR A 42 4.98 -1.05 -1.62
CA TYR A 42 5.09 0.30 -1.07
C TYR A 42 5.43 1.31 -2.17
N VAL A 43 5.54 0.82 -3.40
CA VAL A 43 5.86 1.67 -4.54
C VAL A 43 4.68 2.56 -4.90
N CYS A 44 4.92 3.54 -5.77
CA CYS A 44 3.89 4.47 -6.20
C CYS A 44 2.78 3.73 -6.95
N THR A 45 1.59 4.32 -6.96
CA THR A 45 0.45 3.71 -7.64
C THR A 45 0.38 4.16 -9.10
N ASP A 46 0.77 5.40 -9.35
CA ASP A 46 0.75 5.96 -10.69
C ASP A 46 1.78 5.26 -11.59
N CYS A 47 3.05 5.43 -11.25
CA CYS A 47 4.13 4.81 -12.02
C CYS A 47 4.54 3.48 -11.40
N GLY A 48 5.04 3.53 -10.17
CA GLY A 48 5.46 2.32 -9.49
C GLY A 48 6.94 2.34 -9.16
N THR A 49 7.38 3.38 -8.47
CA THR A 49 8.78 3.51 -8.09
C THR A 49 8.97 3.27 -6.58
N ASN A 50 10.18 2.91 -6.20
CA ASN A 50 10.49 2.65 -4.80
C ASN A 50 10.39 3.92 -3.97
N LEU A 51 9.39 3.99 -3.11
CA LEU A 51 9.18 5.16 -2.26
C LEU A 51 9.90 4.99 -0.93
N LYS A 52 10.77 3.99 -0.85
CA LYS A 52 11.54 3.74 0.37
C LYS A 52 12.32 4.97 0.79
N GLN A 53 13.13 5.49 -0.12
CA GLN A 53 13.94 6.67 0.16
C GLN A 53 13.22 7.94 -0.29
N LYS A 54 12.88 7.99 -1.57
CA LYS A 54 12.18 9.14 -2.14
C LYS A 54 11.08 9.63 -1.20
N GLY A 55 10.30 8.68 -0.67
CA GLY A 55 9.23 9.04 0.24
C GLY A 55 7.86 8.84 -0.39
N HIS A 56 6.86 8.64 0.45
CA HIS A 56 5.49 8.43 -0.02
C HIS A 56 4.56 9.51 0.52
N PHE A 57 3.43 9.71 -0.15
CA PHE A 57 2.46 10.71 0.27
C PHE A 57 1.06 10.10 0.38
N PHE A 58 0.15 10.83 1.02
CA PHE A 58 -1.21 10.36 1.22
C PHE A 58 -2.20 11.19 0.38
N VAL A 59 -2.79 10.56 -0.63
CA VAL A 59 -3.74 11.24 -1.49
C VAL A 59 -4.91 10.33 -1.85
N GLU A 60 -6.11 10.74 -1.47
CA GLU A 60 -7.30 9.96 -1.76
C GLU A 60 -7.17 8.54 -1.22
N ASP A 61 -6.58 8.41 -0.04
CA ASP A 61 -6.38 7.12 0.60
C ASP A 61 -5.44 6.25 -0.23
N GLN A 62 -4.50 6.89 -0.91
CA GLN A 62 -3.54 6.17 -1.75
C GLN A 62 -2.11 6.64 -1.47
N ILE A 63 -1.14 5.98 -2.09
CA ILE A 63 0.26 6.33 -1.91
C ILE A 63 0.93 6.64 -3.25
N TYR A 64 1.73 7.69 -3.28
CA TYR A 64 2.43 8.09 -4.50
C TYR A 64 3.81 8.67 -4.18
N CYS A 65 4.59 8.92 -5.21
CA CYS A 65 5.93 9.47 -5.04
C CYS A 65 5.87 10.99 -4.95
N GLU A 66 6.76 11.56 -4.13
CA GLU A 66 6.81 13.01 -3.95
C GLU A 66 6.55 13.73 -5.27
N LYS A 67 7.15 13.23 -6.34
CA LYS A 67 6.97 13.83 -7.66
C LYS A 67 5.49 13.89 -8.04
N HIS A 68 4.88 12.72 -8.23
CA HIS A 68 3.48 12.64 -8.59
C HIS A 68 2.60 13.29 -7.53
N ALA A 69 2.75 12.83 -6.29
CA ALA A 69 1.98 13.37 -5.17
C ALA A 69 1.71 14.86 -5.36
N ARG A 70 2.78 15.64 -5.46
CA ARG A 70 2.67 17.08 -5.64
C ARG A 70 1.70 17.42 -6.78
N GLU A 71 1.91 16.77 -7.92
CA GLU A 71 1.05 17.00 -9.09
C GLU A 71 -0.42 16.77 -8.73
N ARG A 72 -0.67 15.72 -7.96
CA ARG A 72 -2.03 15.39 -7.56
C ARG A 72 -2.60 16.45 -6.61
N VAL A 73 -1.84 16.74 -5.56
CA VAL A 73 -2.26 17.73 -4.57
C VAL A 73 -3.04 18.87 -5.23
N SER A 74 -2.38 19.57 -6.15
CA SER A 74 -3.00 20.68 -6.85
C SER A 74 -3.42 20.27 -8.26
N GLY A 75 -4.72 20.39 -8.53
CA GLY A 75 -5.23 20.02 -9.85
C GLY A 75 -4.27 20.37 -10.96
N PRO A 76 -4.11 19.46 -11.93
CA PRO A 76 -3.22 19.66 -13.08
C PRO A 76 -3.74 20.73 -14.04
N SER A 77 -2.85 21.64 -14.43
CA SER A 77 -3.22 22.72 -15.34
C SER A 77 -2.12 22.97 -16.36
N SER A 78 -2.45 22.82 -17.63
CA SER A 78 -1.48 23.02 -18.71
C SER A 78 -2.11 23.79 -19.88
N GLY A 79 -1.43 24.83 -20.33
CA GLY A 79 -1.93 25.62 -21.44
C GLY A 79 -1.17 25.37 -22.73
N GLY A 1 -15.45 -8.68 2.53
CA GLY A 1 -15.99 -10.03 2.59
C GLY A 1 -15.92 -10.74 1.25
N SER A 2 -14.74 -11.26 0.93
CA SER A 2 -14.54 -11.97 -0.33
C SER A 2 -15.71 -12.89 -0.64
N SER A 3 -15.99 -13.81 0.28
CA SER A 3 -17.08 -14.76 0.12
C SER A 3 -18.41 -14.13 0.54
N GLY A 4 -18.44 -13.61 1.76
CA GLY A 4 -19.65 -12.99 2.27
C GLY A 4 -20.28 -13.79 3.40
N SER A 5 -19.46 -14.22 4.35
CA SER A 5 -19.93 -15.00 5.48
C SER A 5 -19.65 -14.27 6.80
N SER A 6 -20.70 -14.08 7.60
CA SER A 6 -20.55 -13.41 8.89
C SER A 6 -21.57 -13.95 9.89
N GLY A 7 -21.06 -14.45 11.01
CA GLY A 7 -21.93 -15.00 12.04
C GLY A 7 -21.17 -15.68 13.15
N SER A 8 -20.42 -14.90 13.92
CA SER A 8 -19.63 -15.44 15.02
C SER A 8 -18.72 -16.57 14.53
N ILE A 9 -18.10 -16.36 13.38
CA ILE A 9 -17.21 -17.36 12.80
C ILE A 9 -15.96 -16.71 12.22
N GLY A 10 -14.90 -17.49 12.08
CA GLY A 10 -13.66 -16.98 11.55
C GLY A 10 -12.73 -16.46 12.62
N ASN A 11 -11.47 -16.23 12.27
CA ASN A 11 -10.48 -15.74 13.21
C ASN A 11 -9.78 -14.50 12.66
N ALA A 12 -9.73 -13.45 13.46
CA ALA A 12 -9.08 -12.20 13.07
C ALA A 12 -7.63 -12.44 12.66
N GLN A 13 -7.23 -11.85 11.53
CA GLN A 13 -5.87 -12.00 11.04
C GLN A 13 -4.86 -11.37 12.00
N LYS A 14 -3.76 -12.06 12.24
CA LYS A 14 -2.72 -11.57 13.14
C LYS A 14 -1.57 -10.93 12.35
N LEU A 15 -1.84 -10.61 11.09
CA LEU A 15 -0.83 -9.99 10.23
C LEU A 15 -1.43 -8.83 9.44
N PRO A 16 -0.67 -7.73 9.34
CA PRO A 16 -1.09 -6.53 8.61
C PRO A 16 -1.13 -6.75 7.11
N MET A 17 -2.30 -7.15 6.60
CA MET A 17 -2.46 -7.39 5.17
C MET A 17 -2.07 -6.16 4.36
N CYS A 18 -1.34 -6.39 3.26
CA CYS A 18 -0.91 -5.29 2.40
C CYS A 18 -2.10 -4.54 1.83
N ASP A 19 -1.94 -3.23 1.67
CA ASP A 19 -3.01 -2.39 1.13
C ASP A 19 -3.03 -2.45 -0.39
N LYS A 20 -1.84 -2.45 -0.99
CA LYS A 20 -1.73 -2.50 -2.44
C LYS A 20 -2.53 -3.66 -3.01
N CYS A 21 -2.14 -4.88 -2.65
CA CYS A 21 -2.83 -6.07 -3.13
C CYS A 21 -3.97 -6.45 -2.19
N GLY A 22 -3.62 -6.83 -0.97
CA GLY A 22 -4.63 -7.21 0.01
C GLY A 22 -4.41 -8.61 0.54
N THR A 23 -3.22 -8.86 1.05
CA THR A 23 -2.88 -10.18 1.60
C THR A 23 -2.06 -10.05 2.87
N GLY A 24 -2.30 -10.95 3.83
CA GLY A 24 -1.57 -10.92 5.08
C GLY A 24 -0.06 -10.84 4.87
N ILE A 25 0.56 -9.82 5.45
CA ILE A 25 2.00 -9.64 5.33
C ILE A 25 2.75 -10.54 6.29
N VAL A 26 3.90 -11.06 5.85
CA VAL A 26 4.72 -11.93 6.68
C VAL A 26 6.19 -11.61 6.53
N GLY A 27 6.82 -11.20 7.63
CA GLY A 27 8.23 -10.86 7.61
C GLY A 27 8.46 -9.37 7.40
N VAL A 28 9.44 -9.05 6.56
CA VAL A 28 9.77 -7.66 6.27
C VAL A 28 8.61 -6.96 5.55
N PHE A 29 8.42 -5.68 5.87
CA PHE A 29 7.35 -4.90 5.25
C PHE A 29 7.53 -3.41 5.53
N VAL A 30 6.73 -2.59 4.85
CA VAL A 30 6.81 -1.14 5.03
C VAL A 30 5.66 -0.63 5.90
N LYS A 31 5.97 -0.31 7.15
CA LYS A 31 4.98 0.19 8.08
C LYS A 31 4.62 1.64 7.77
N LEU A 32 3.33 1.90 7.58
CA LEU A 32 2.86 3.24 7.27
C LEU A 32 2.19 3.88 8.50
N ARG A 33 1.98 5.19 8.43
CA ARG A 33 1.36 5.92 9.53
C ARG A 33 0.34 5.03 10.26
N ASP A 34 -0.80 4.80 9.61
CA ASP A 34 -1.85 3.97 10.19
C ASP A 34 -2.11 2.75 9.32
N ARG A 35 -1.40 2.65 8.20
CA ARG A 35 -1.56 1.52 7.29
C ARG A 35 -0.24 0.76 7.15
N HIS A 36 -0.28 -0.31 6.35
CA HIS A 36 0.91 -1.12 6.13
C HIS A 36 0.90 -1.72 4.72
N ARG A 37 2.06 -1.72 4.07
CA ARG A 37 2.19 -2.25 2.73
C ARG A 37 3.44 -3.10 2.60
N HIS A 38 3.44 -4.00 1.62
CA HIS A 38 4.59 -4.88 1.39
C HIS A 38 5.82 -4.08 0.99
N PRO A 39 6.99 -4.70 1.10
CA PRO A 39 8.27 -4.06 0.76
C PRO A 39 8.42 -3.83 -0.75
N GLU A 40 7.64 -4.56 -1.54
CA GLU A 40 7.69 -4.42 -2.99
C GLU A 40 6.51 -3.60 -3.49
N CYS A 41 5.39 -3.67 -2.78
CA CYS A 41 4.19 -2.93 -3.15
C CYS A 41 4.26 -1.49 -2.65
N TYR A 42 5.37 -1.15 -1.99
CA TYR A 42 5.55 0.20 -1.46
C TYR A 42 5.91 1.17 -2.58
N VAL A 43 5.72 0.74 -3.81
CA VAL A 43 6.02 1.58 -4.98
C VAL A 43 4.84 2.48 -5.32
N CYS A 44 5.12 3.58 -6.01
CA CYS A 44 4.08 4.53 -6.40
C CYS A 44 2.95 3.81 -7.13
N THR A 45 1.75 4.39 -7.07
CA THR A 45 0.59 3.81 -7.72
C THR A 45 0.47 4.30 -9.16
N ASP A 46 0.86 5.56 -9.38
CA ASP A 46 0.78 6.16 -10.71
C ASP A 46 1.79 5.51 -11.65
N CYS A 47 3.07 5.66 -11.34
CA CYS A 47 4.13 5.08 -12.15
C CYS A 47 4.53 3.70 -11.64
N GLY A 48 5.06 3.65 -10.42
CA GLY A 48 5.47 2.38 -9.85
C GLY A 48 6.93 2.37 -9.46
N THR A 49 7.40 3.45 -8.86
CA THR A 49 8.79 3.57 -8.45
C THR A 49 8.95 3.23 -6.97
N ASN A 50 10.11 2.69 -6.61
CA ASN A 50 10.39 2.33 -5.23
C ASN A 50 10.50 3.57 -4.35
N LEU A 51 9.49 3.77 -3.50
CA LEU A 51 9.46 4.92 -2.61
C LEU A 51 10.26 4.64 -1.34
N LYS A 52 11.02 3.55 -1.36
CA LYS A 52 11.83 3.18 -0.21
C LYS A 52 12.54 4.39 0.39
N GLN A 53 13.30 5.10 -0.44
CA GLN A 53 14.02 6.28 0.01
C GLN A 53 13.22 7.55 -0.27
N LYS A 54 12.94 7.79 -1.55
CA LYS A 54 12.19 8.97 -1.96
C LYS A 54 11.09 9.29 -0.94
N GLY A 55 10.35 8.26 -0.54
CA GLY A 55 9.27 8.45 0.43
C GLY A 55 7.90 8.29 -0.19
N HIS A 56 6.91 8.03 0.66
CA HIS A 56 5.54 7.85 0.19
C HIS A 56 4.62 8.95 0.74
N PHE A 57 3.69 9.40 -0.09
CA PHE A 57 2.75 10.45 0.31
C PHE A 57 1.34 9.90 0.44
N PHE A 58 0.63 10.38 1.45
CA PHE A 58 -0.74 9.92 1.69
C PHE A 58 -1.74 10.80 0.95
N VAL A 59 -2.40 10.23 -0.05
CA VAL A 59 -3.38 10.95 -0.85
C VAL A 59 -4.57 10.06 -1.20
N GLU A 60 -5.72 10.34 -0.59
CA GLU A 60 -6.92 9.57 -0.84
C GLU A 60 -6.73 8.11 -0.42
N ASP A 61 -6.08 7.91 0.71
CA ASP A 61 -5.83 6.57 1.24
C ASP A 61 -4.94 5.79 0.29
N GLN A 62 -4.04 6.48 -0.39
CA GLN A 62 -3.12 5.85 -1.33
C GLN A 62 -1.70 6.36 -1.13
N ILE A 63 -0.76 5.80 -1.89
CA ILE A 63 0.64 6.19 -1.79
C ILE A 63 1.20 6.55 -3.17
N TYR A 64 1.93 7.67 -3.23
CA TYR A 64 2.52 8.12 -4.47
C TYR A 64 3.88 8.76 -4.23
N CYS A 65 4.57 9.11 -5.31
CA CYS A 65 5.88 9.73 -5.21
C CYS A 65 5.77 11.26 -5.20
N GLU A 66 6.54 11.90 -4.33
CA GLU A 66 6.52 13.35 -4.21
C GLU A 66 6.25 14.00 -5.57
N LYS A 67 6.87 13.45 -6.61
CA LYS A 67 6.69 13.98 -7.95
C LYS A 67 5.22 13.97 -8.36
N HIS A 68 4.57 12.84 -8.16
CA HIS A 68 3.15 12.71 -8.50
C HIS A 68 2.26 13.23 -7.38
N ALA A 69 2.50 12.73 -6.17
CA ALA A 69 1.73 13.14 -5.00
C ALA A 69 1.51 14.66 -5.00
N ARG A 70 2.60 15.41 -5.13
CA ARG A 70 2.53 16.86 -5.14
C ARG A 70 1.52 17.34 -6.19
N GLU A 71 1.53 16.70 -7.34
CA GLU A 71 0.62 17.07 -8.42
C GLU A 71 -0.84 16.84 -8.01
N ARG A 72 -1.08 15.75 -7.30
CA ARG A 72 -2.42 15.42 -6.84
C ARG A 72 -2.93 16.44 -5.84
N VAL A 73 -2.17 16.64 -4.76
CA VAL A 73 -2.54 17.59 -3.73
C VAL A 73 -3.14 18.86 -4.33
N SER A 74 -2.41 19.47 -5.26
CA SER A 74 -2.87 20.69 -5.91
C SER A 74 -4.11 20.42 -6.76
N GLY A 75 -3.99 19.49 -7.70
CA GLY A 75 -5.11 19.14 -8.56
C GLY A 75 -6.43 19.14 -7.81
N PRO A 76 -7.50 19.56 -8.50
CA PRO A 76 -8.84 19.62 -7.92
C PRO A 76 -9.42 18.22 -7.67
N SER A 77 -10.34 18.13 -6.72
CA SER A 77 -10.97 16.86 -6.37
C SER A 77 -11.97 16.45 -7.45
N SER A 78 -11.76 15.27 -8.03
CA SER A 78 -12.64 14.76 -9.07
C SER A 78 -13.95 14.24 -8.47
N GLY A 79 -13.83 13.28 -7.55
CA GLY A 79 -15.00 12.71 -6.92
C GLY A 79 -15.35 11.34 -7.48
N GLY A 1 -22.17 -17.39 -21.06
CA GLY A 1 -21.39 -17.29 -19.84
C GLY A 1 -22.23 -16.88 -18.65
N SER A 2 -22.50 -17.83 -17.76
CA SER A 2 -23.30 -17.56 -16.57
C SER A 2 -22.72 -18.26 -15.35
N SER A 3 -22.44 -17.49 -14.30
CA SER A 3 -21.87 -18.04 -13.08
C SER A 3 -22.97 -18.49 -12.12
N GLY A 4 -22.57 -19.08 -11.01
CA GLY A 4 -23.53 -19.55 -10.03
C GLY A 4 -22.90 -19.87 -8.69
N SER A 5 -21.97 -19.02 -8.26
CA SER A 5 -21.27 -19.22 -7.00
C SER A 5 -21.87 -18.34 -5.91
N SER A 6 -22.06 -18.92 -4.72
CA SER A 6 -22.63 -18.19 -3.60
C SER A 6 -22.09 -18.73 -2.27
N GLY A 7 -22.20 -17.92 -1.22
CA GLY A 7 -21.74 -18.34 0.08
C GLY A 7 -20.29 -17.94 0.33
N SER A 8 -20.01 -17.45 1.53
CA SER A 8 -18.66 -17.02 1.90
C SER A 8 -18.42 -17.22 3.39
N ILE A 9 -17.26 -17.76 3.72
CA ILE A 9 -16.89 -18.00 5.12
C ILE A 9 -15.82 -17.02 5.58
N GLY A 10 -15.89 -16.63 6.84
CA GLY A 10 -14.92 -15.70 7.38
C GLY A 10 -13.74 -16.40 8.04
N ASN A 11 -12.54 -15.98 7.69
CA ASN A 11 -11.33 -16.57 8.25
C ASN A 11 -10.57 -15.57 9.12
N ALA A 12 -10.24 -15.98 10.34
CA ALA A 12 -9.52 -15.13 11.27
C ALA A 12 -8.12 -14.82 10.76
N GLN A 13 -7.88 -13.56 10.41
CA GLN A 13 -6.57 -13.14 9.90
C GLN A 13 -5.69 -12.65 11.03
N LYS A 14 -4.48 -13.21 11.13
CA LYS A 14 -3.54 -12.84 12.17
C LYS A 14 -2.35 -12.10 11.57
N LEU A 15 -2.51 -11.59 10.35
CA LEU A 15 -1.44 -10.87 9.67
C LEU A 15 -2.00 -9.63 8.97
N PRO A 16 -1.19 -8.55 8.96
CA PRO A 16 -1.58 -7.29 8.32
C PRO A 16 -1.63 -7.39 6.80
N MET A 17 -2.84 -7.53 6.26
CA MET A 17 -3.02 -7.64 4.82
C MET A 17 -2.47 -6.40 4.11
N CYS A 18 -1.63 -6.64 3.11
CA CYS A 18 -1.02 -5.56 2.34
C CYS A 18 -2.10 -4.61 1.79
N ASP A 19 -1.69 -3.40 1.44
CA ASP A 19 -2.62 -2.42 0.88
C ASP A 19 -2.56 -2.41 -0.64
N LYS A 20 -1.36 -2.22 -1.18
CA LYS A 20 -1.17 -2.19 -2.62
C LYS A 20 -1.82 -3.40 -3.29
N CYS A 21 -1.33 -4.60 -2.94
CA CYS A 21 -1.87 -5.83 -3.50
C CYS A 21 -3.05 -6.33 -2.67
N GLY A 22 -2.79 -6.70 -1.42
CA GLY A 22 -3.84 -7.20 -0.56
C GLY A 22 -3.62 -8.63 -0.14
N THR A 23 -2.42 -8.92 0.37
CA THR A 23 -2.08 -10.27 0.80
C THR A 23 -1.48 -10.26 2.20
N GLY A 24 -1.99 -11.13 3.07
CA GLY A 24 -1.48 -11.20 4.43
C GLY A 24 0.02 -11.13 4.50
N ILE A 25 0.55 -10.01 4.96
CA ILE A 25 1.99 -9.82 5.07
C ILE A 25 2.59 -10.78 6.10
N VAL A 26 3.82 -11.20 5.85
CA VAL A 26 4.51 -12.13 6.75
C VAL A 26 5.99 -11.77 6.87
N GLY A 27 6.46 -11.61 8.10
CA GLY A 27 7.85 -11.27 8.32
C GLY A 27 8.13 -9.79 8.14
N VAL A 28 9.21 -9.49 7.43
CA VAL A 28 9.59 -8.09 7.18
C VAL A 28 8.52 -7.38 6.35
N PHE A 29 8.25 -6.13 6.71
CA PHE A 29 7.25 -5.33 6.00
C PHE A 29 7.36 -3.86 6.39
N VAL A 30 6.83 -2.99 5.53
CA VAL A 30 6.86 -1.55 5.79
C VAL A 30 5.63 -1.11 6.56
N LYS A 31 5.80 -0.87 7.85
CA LYS A 31 4.70 -0.44 8.70
C LYS A 31 4.39 1.04 8.49
N LEU A 32 3.27 1.31 7.82
CA LEU A 32 2.86 2.68 7.54
C LEU A 32 2.16 3.30 8.75
N ARG A 33 2.01 4.62 8.73
CA ARG A 33 1.36 5.34 9.83
C ARG A 33 0.29 4.47 10.47
N ASP A 34 -0.84 4.34 9.80
CA ASP A 34 -1.96 3.53 10.30
C ASP A 34 -2.26 2.36 9.38
N ARG A 35 -1.36 2.13 8.42
CA ARG A 35 -1.53 1.04 7.46
C ARG A 35 -0.28 0.19 7.38
N HIS A 36 -0.35 -0.91 6.62
CA HIS A 36 0.78 -1.80 6.46
C HIS A 36 0.97 -2.19 5.00
N ARG A 37 2.20 -2.48 4.62
CA ARG A 37 2.52 -2.86 3.24
C ARG A 37 3.79 -3.71 3.20
N HIS A 38 4.08 -4.26 2.02
CA HIS A 38 5.26 -5.09 1.84
C HIS A 38 6.48 -4.23 1.51
N PRO A 39 7.68 -4.82 1.66
CA PRO A 39 8.94 -4.13 1.39
C PRO A 39 9.15 -3.89 -0.10
N GLU A 40 8.30 -4.50 -0.92
CA GLU A 40 8.40 -4.35 -2.37
C GLU A 40 7.15 -3.67 -2.94
N CYS A 41 6.05 -3.77 -2.21
CA CYS A 41 4.79 -3.17 -2.63
C CYS A 41 4.73 -1.70 -2.21
N TYR A 42 5.81 -1.22 -1.58
CA TYR A 42 5.87 0.16 -1.12
C TYR A 42 6.08 1.11 -2.30
N VAL A 43 5.80 0.62 -3.50
CA VAL A 43 5.96 1.43 -4.71
C VAL A 43 4.74 2.31 -4.94
N CYS A 44 4.93 3.38 -5.72
CA CYS A 44 3.84 4.31 -6.02
C CYS A 44 2.62 3.57 -6.56
N THR A 45 1.48 4.23 -6.52
CA THR A 45 0.24 3.63 -7.01
C THR A 45 -0.03 4.02 -8.47
N ASP A 46 0.32 5.26 -8.81
CA ASP A 46 0.12 5.76 -10.17
C ASP A 46 1.03 5.02 -11.15
N CYS A 47 2.34 5.25 -11.03
CA CYS A 47 3.31 4.61 -11.91
C CYS A 47 3.74 3.26 -11.35
N GLY A 48 4.26 3.28 -10.11
CA GLY A 48 4.70 2.05 -9.49
C GLY A 48 6.21 2.01 -9.30
N THR A 49 6.77 3.09 -8.75
CA THR A 49 8.21 3.17 -8.52
C THR A 49 8.53 3.08 -7.04
N ASN A 50 9.72 2.58 -6.73
CA ASN A 50 10.16 2.44 -5.35
C ASN A 50 10.23 3.80 -4.66
N LEU A 51 9.46 3.95 -3.58
CA LEU A 51 9.43 5.20 -2.83
C LEU A 51 10.35 5.12 -1.61
N LYS A 52 11.25 4.15 -1.61
CA LYS A 52 12.18 3.97 -0.50
C LYS A 52 12.95 5.25 -0.22
N GLN A 53 13.66 5.74 -1.23
CA GLN A 53 14.44 6.96 -1.09
C GLN A 53 13.58 8.19 -1.34
N LYS A 54 12.95 8.24 -2.51
CA LYS A 54 12.09 9.36 -2.87
C LYS A 54 11.07 9.64 -1.77
N GLY A 55 10.34 8.59 -1.38
CA GLY A 55 9.33 8.74 -0.34
C GLY A 55 7.93 8.75 -0.90
N HIS A 56 6.95 8.49 -0.03
CA HIS A 56 5.56 8.47 -0.45
C HIS A 56 4.77 9.57 0.25
N PHE A 57 3.67 10.00 -0.37
CA PHE A 57 2.83 11.06 0.17
C PHE A 57 1.43 10.53 0.47
N PHE A 58 0.69 11.27 1.30
CA PHE A 58 -0.66 10.88 1.66
C PHE A 58 -1.70 11.75 0.94
N VAL A 59 -2.42 11.14 0.00
CA VAL A 59 -3.44 11.86 -0.76
C VAL A 59 -4.67 10.98 -0.99
N GLU A 60 -5.80 11.43 -0.48
CA GLU A 60 -7.05 10.69 -0.63
C GLU A 60 -6.90 9.27 -0.11
N ASP A 61 -6.25 9.11 1.03
CA ASP A 61 -6.03 7.81 1.63
C ASP A 61 -5.23 6.91 0.70
N GLN A 62 -4.34 7.51 -0.08
CA GLN A 62 -3.52 6.76 -1.02
C GLN A 62 -2.05 7.17 -0.91
N ILE A 63 -1.18 6.47 -1.63
CA ILE A 63 0.24 6.77 -1.62
C ILE A 63 0.76 7.05 -3.02
N TYR A 64 1.63 8.04 -3.13
CA TYR A 64 2.21 8.41 -4.41
C TYR A 64 3.60 9.02 -4.24
N CYS A 65 4.37 9.05 -5.33
CA CYS A 65 5.72 9.59 -5.30
C CYS A 65 5.70 11.12 -5.33
N GLU A 66 6.63 11.73 -4.61
CA GLU A 66 6.71 13.19 -4.56
C GLU A 66 6.35 13.81 -5.91
N LYS A 67 6.88 13.22 -6.97
CA LYS A 67 6.63 13.71 -8.33
C LYS A 67 5.13 13.78 -8.60
N HIS A 68 4.44 12.65 -8.46
CA HIS A 68 3.00 12.60 -8.68
C HIS A 68 2.25 13.38 -7.61
N ALA A 69 2.51 13.05 -6.35
CA ALA A 69 1.86 13.74 -5.24
C ALA A 69 1.69 15.23 -5.53
N ARG A 70 2.81 15.93 -5.69
CA ARG A 70 2.78 17.36 -5.97
C ARG A 70 1.73 17.68 -7.03
N GLU A 71 1.73 16.89 -8.10
CA GLU A 71 0.77 17.10 -9.18
C GLU A 71 -0.66 16.97 -8.69
N ARG A 72 -0.87 16.06 -7.75
CA ARG A 72 -2.20 15.83 -7.19
C ARG A 72 -2.67 17.03 -6.38
N VAL A 73 -1.82 17.46 -5.44
CA VAL A 73 -2.14 18.60 -4.60
C VAL A 73 -2.12 19.90 -5.39
N SER A 74 -1.32 19.92 -6.46
CA SER A 74 -1.21 21.10 -7.30
C SER A 74 -2.16 21.01 -8.49
N GLY A 75 -2.96 22.06 -8.68
CA GLY A 75 -3.90 22.08 -9.78
C GLY A 75 -3.50 23.06 -10.87
N PRO A 76 -4.08 22.89 -12.06
CA PRO A 76 -3.80 23.75 -13.22
C PRO A 76 -4.34 25.17 -13.03
N SER A 77 -4.76 25.48 -11.81
CA SER A 77 -5.31 26.80 -11.50
C SER A 77 -4.36 27.90 -11.96
N SER A 78 -4.88 28.85 -12.71
CA SER A 78 -4.08 29.97 -13.22
C SER A 78 -4.21 31.18 -12.31
N GLY A 79 -3.33 32.16 -12.52
CA GLY A 79 -3.36 33.36 -11.71
C GLY A 79 -2.96 33.11 -10.27
N GLY A 1 -27.43 -25.49 -8.97
CA GLY A 1 -26.17 -25.83 -8.37
C GLY A 1 -25.12 -24.74 -8.54
N SER A 2 -25.40 -23.56 -8.01
CA SER A 2 -24.49 -22.43 -8.11
C SER A 2 -23.77 -22.19 -6.79
N SER A 3 -22.52 -21.76 -6.87
CA SER A 3 -21.73 -21.48 -5.68
C SER A 3 -21.62 -22.73 -4.81
N GLY A 4 -21.42 -23.87 -5.44
CA GLY A 4 -21.30 -25.12 -4.70
C GLY A 4 -19.96 -25.27 -4.03
N SER A 5 -19.84 -24.74 -2.82
CA SER A 5 -18.59 -24.82 -2.06
C SER A 5 -18.85 -24.73 -0.56
N SER A 6 -17.90 -25.22 0.23
CA SER A 6 -18.03 -25.21 1.68
C SER A 6 -16.72 -24.82 2.34
N GLY A 7 -16.78 -24.54 3.65
CA GLY A 7 -15.59 -24.15 4.37
C GLY A 7 -15.05 -22.80 3.93
N SER A 8 -15.85 -21.76 4.11
CA SER A 8 -15.45 -20.41 3.73
C SER A 8 -14.49 -19.82 4.75
N ILE A 9 -14.00 -18.61 4.46
CA ILE A 9 -13.06 -17.94 5.35
C ILE A 9 -13.79 -17.33 6.56
N GLY A 10 -13.20 -17.46 7.73
CA GLY A 10 -13.80 -16.92 8.94
C GLY A 10 -12.91 -17.06 10.14
N ASN A 11 -11.68 -16.55 10.04
CA ASN A 11 -10.72 -16.62 11.13
C ASN A 11 -9.77 -15.44 11.09
N ALA A 12 -9.68 -14.72 12.21
CA ALA A 12 -8.80 -13.56 12.30
C ALA A 12 -7.35 -13.94 12.00
N GLN A 13 -6.62 -13.03 11.37
CA GLN A 13 -5.23 -13.27 11.02
C GLN A 13 -4.29 -12.61 12.03
N LYS A 14 -3.08 -13.13 12.13
CA LYS A 14 -2.09 -12.59 13.05
C LYS A 14 -1.04 -11.77 12.31
N LEU A 15 -1.37 -11.36 11.08
CA LEU A 15 -0.46 -10.57 10.26
C LEU A 15 -1.21 -9.50 9.49
N PRO A 16 -0.64 -8.29 9.44
CA PRO A 16 -1.24 -7.15 8.73
C PRO A 16 -1.22 -7.33 7.22
N MET A 17 -2.34 -7.80 6.67
CA MET A 17 -2.46 -8.02 5.23
C MET A 17 -2.10 -6.75 4.46
N CYS A 18 -1.37 -6.92 3.37
CA CYS A 18 -0.97 -5.79 2.54
C CYS A 18 -2.17 -4.93 2.17
N ASP A 19 -1.89 -3.70 1.75
CA ASP A 19 -2.95 -2.77 1.36
C ASP A 19 -3.06 -2.68 -0.15
N LYS A 20 -1.93 -2.77 -0.84
CA LYS A 20 -1.90 -2.69 -2.29
C LYS A 20 -2.55 -3.92 -2.91
N CYS A 21 -2.13 -5.10 -2.46
CA CYS A 21 -2.67 -6.35 -2.96
C CYS A 21 -3.77 -6.88 -2.06
N GLY A 22 -3.48 -6.95 -0.76
CA GLY A 22 -4.47 -7.43 0.19
C GLY A 22 -4.23 -8.88 0.59
N THR A 23 -3.09 -9.13 1.22
CA THR A 23 -2.73 -10.48 1.65
C THR A 23 -1.88 -10.45 2.92
N GLY A 24 -2.21 -11.32 3.87
CA GLY A 24 -1.46 -11.37 5.12
C GLY A 24 0.02 -11.13 4.91
N ILE A 25 0.51 -9.99 5.40
CA ILE A 25 1.92 -9.65 5.27
C ILE A 25 2.79 -10.55 6.13
N VAL A 26 3.50 -11.47 5.48
CA VAL A 26 4.38 -12.40 6.19
C VAL A 26 5.84 -12.06 5.95
N GLY A 27 6.54 -11.67 7.01
CA GLY A 27 7.94 -11.32 6.90
C GLY A 27 8.16 -9.82 6.85
N VAL A 28 9.08 -9.39 5.99
CA VAL A 28 9.38 -7.97 5.83
C VAL A 28 8.13 -7.17 5.51
N PHE A 29 8.09 -5.93 5.99
CA PHE A 29 6.95 -5.06 5.75
C PHE A 29 7.26 -3.62 6.16
N VAL A 30 6.60 -2.67 5.50
CA VAL A 30 6.81 -1.26 5.79
C VAL A 30 5.67 -0.69 6.63
N LYS A 31 5.92 -0.55 7.93
CA LYS A 31 4.92 -0.02 8.84
C LYS A 31 4.57 1.43 8.50
N LEU A 32 3.43 1.61 7.84
CA LEU A 32 2.98 2.95 7.45
C LEU A 32 2.26 3.63 8.59
N ARG A 33 2.04 4.94 8.46
CA ARG A 33 1.35 5.71 9.49
C ARG A 33 0.31 4.86 10.21
N ASP A 34 -0.81 4.63 9.55
CA ASP A 34 -1.88 3.83 10.13
C ASP A 34 -2.14 2.57 9.29
N ARG A 35 -1.26 2.33 8.32
CA ARG A 35 -1.39 1.16 7.45
C ARG A 35 -0.09 0.39 7.37
N HIS A 36 -0.10 -0.73 6.65
CA HIS A 36 1.08 -1.56 6.51
C HIS A 36 1.12 -2.22 5.13
N ARG A 37 2.18 -1.93 4.37
CA ARG A 37 2.32 -2.50 3.03
C ARG A 37 3.64 -3.27 2.92
N HIS A 38 3.76 -4.07 1.86
CA HIS A 38 4.95 -4.87 1.63
C HIS A 38 6.13 -3.98 1.25
N PRO A 39 7.35 -4.50 1.44
CA PRO A 39 8.59 -3.77 1.12
C PRO A 39 8.78 -3.58 -0.38
N GLU A 40 7.89 -4.19 -1.17
CA GLU A 40 7.96 -4.09 -2.62
C GLU A 40 6.73 -3.40 -3.19
N CYS A 41 5.63 -3.48 -2.45
CA CYS A 41 4.38 -2.85 -2.87
C CYS A 41 4.33 -1.38 -2.44
N TYR A 42 5.38 -0.93 -1.76
CA TYR A 42 5.46 0.44 -1.29
C TYR A 42 5.75 1.39 -2.45
N VAL A 43 5.71 0.87 -3.67
CA VAL A 43 5.98 1.67 -4.85
C VAL A 43 4.81 2.58 -5.18
N CYS A 44 5.08 3.67 -5.89
CA CYS A 44 4.04 4.62 -6.27
C CYS A 44 2.87 3.90 -6.95
N THR A 45 1.73 4.57 -7.00
CA THR A 45 0.53 4.01 -7.61
C THR A 45 0.42 4.41 -9.08
N ASP A 46 0.82 5.64 -9.37
CA ASP A 46 0.77 6.15 -10.74
C ASP A 46 1.77 5.41 -11.63
N CYS A 47 3.05 5.64 -11.39
CA CYS A 47 4.10 5.00 -12.17
C CYS A 47 4.47 3.64 -11.58
N GLY A 48 4.89 3.63 -10.32
CA GLY A 48 5.26 2.39 -9.66
C GLY A 48 6.73 2.30 -9.37
N THR A 49 7.25 3.31 -8.66
CA THR A 49 8.67 3.34 -8.32
C THR A 49 8.88 3.16 -6.81
N ASN A 50 10.00 2.56 -6.45
CA ASN A 50 10.32 2.34 -5.04
C ASN A 50 10.38 3.65 -4.27
N LEU A 51 9.41 3.85 -3.39
CA LEU A 51 9.35 5.06 -2.58
C LEU A 51 10.15 4.91 -1.29
N LYS A 52 10.92 3.83 -1.22
CA LYS A 52 11.76 3.57 -0.04
C LYS A 52 12.59 4.79 0.33
N GLN A 53 13.38 5.27 -0.62
CA GLN A 53 14.23 6.43 -0.39
C GLN A 53 13.52 7.71 -0.83
N LYS A 54 12.99 7.70 -2.04
CA LYS A 54 12.29 8.87 -2.57
C LYS A 54 11.24 9.36 -1.59
N GLY A 55 10.41 8.44 -1.10
CA GLY A 55 9.38 8.79 -0.15
C GLY A 55 7.99 8.68 -0.75
N HIS A 56 6.97 8.68 0.12
CA HIS A 56 5.58 8.58 -0.33
C HIS A 56 4.72 9.64 0.33
N PHE A 57 3.57 9.92 -0.28
CA PHE A 57 2.65 10.93 0.25
C PHE A 57 1.27 10.32 0.47
N PHE A 58 0.41 11.05 1.19
CA PHE A 58 -0.94 10.59 1.47
C PHE A 58 -1.96 11.41 0.69
N VAL A 59 -2.60 10.77 -0.30
CA VAL A 59 -3.60 11.44 -1.11
C VAL A 59 -4.78 10.51 -1.41
N GLU A 60 -5.96 10.88 -0.92
CA GLU A 60 -7.16 10.08 -1.13
C GLU A 60 -6.97 8.66 -0.61
N ASP A 61 -6.33 8.54 0.56
CA ASP A 61 -6.08 7.25 1.17
C ASP A 61 -5.19 6.38 0.28
N GLN A 62 -4.29 7.03 -0.46
CA GLN A 62 -3.38 6.33 -1.35
C GLN A 62 -1.95 6.82 -1.17
N ILE A 63 -1.02 6.21 -1.90
CA ILE A 63 0.38 6.58 -1.82
C ILE A 63 0.94 6.91 -3.20
N TYR A 64 1.79 7.94 -3.26
CA TYR A 64 2.39 8.36 -4.51
C TYR A 64 3.79 8.93 -4.28
N CYS A 65 4.55 9.09 -5.36
CA CYS A 65 5.90 9.62 -5.27
C CYS A 65 5.88 11.15 -5.17
N GLU A 66 6.80 11.70 -4.41
CA GLU A 66 6.88 13.14 -4.23
C GLU A 66 6.52 13.88 -5.52
N LYS A 67 7.07 13.40 -6.63
CA LYS A 67 6.80 14.01 -7.93
C LYS A 67 5.29 14.08 -8.19
N HIS A 68 4.66 12.92 -8.30
CA HIS A 68 3.22 12.85 -8.55
C HIS A 68 2.45 13.53 -7.42
N ALA A 69 2.68 13.09 -6.19
CA ALA A 69 2.01 13.65 -5.03
C ALA A 69 1.74 15.13 -5.22
N ARG A 70 2.77 15.89 -5.57
CA ARG A 70 2.65 17.32 -5.78
C ARG A 70 1.59 17.63 -6.83
N GLU A 71 1.66 16.93 -7.97
CA GLU A 71 0.71 17.12 -9.05
C GLU A 71 -0.72 16.89 -8.56
N ARG A 72 -0.90 15.88 -7.73
CA ARG A 72 -2.21 15.55 -7.19
C ARG A 72 -2.72 16.66 -6.27
N VAL A 73 -1.86 17.08 -5.34
CA VAL A 73 -2.22 18.13 -4.40
C VAL A 73 -2.49 19.44 -5.12
N SER A 74 -1.51 19.92 -5.88
CA SER A 74 -1.64 21.17 -6.62
C SER A 74 -1.97 20.90 -8.08
N GLY A 75 -3.21 21.17 -8.46
CA GLY A 75 -3.63 20.96 -9.85
C GLY A 75 -5.01 20.35 -9.94
N PRO A 76 -5.64 20.49 -11.11
CA PRO A 76 -6.99 19.95 -11.36
C PRO A 76 -7.00 18.43 -11.42
N SER A 77 -8.06 17.82 -10.88
CA SER A 77 -8.20 16.37 -10.87
C SER A 77 -8.22 15.82 -12.29
N SER A 78 -9.17 16.30 -13.09
CA SER A 78 -9.30 15.85 -14.47
C SER A 78 -7.98 15.98 -15.21
N GLY A 79 -7.57 14.90 -15.86
CA GLY A 79 -6.33 14.92 -16.62
C GLY A 79 -5.71 13.54 -16.77
N GLY A 1 -8.95 -29.10 -7.36
CA GLY A 1 -8.77 -30.08 -6.29
C GLY A 1 -7.55 -29.79 -5.44
N SER A 2 -7.79 -29.40 -4.19
CA SER A 2 -6.69 -29.08 -3.28
C SER A 2 -7.03 -29.56 -1.86
N SER A 3 -5.98 -29.78 -1.06
CA SER A 3 -6.16 -30.25 0.31
C SER A 3 -4.98 -29.82 1.17
N GLY A 4 -5.15 -29.95 2.49
CA GLY A 4 -4.08 -29.58 3.40
C GLY A 4 -4.51 -29.70 4.86
N SER A 5 -3.53 -29.65 5.77
CA SER A 5 -3.81 -29.76 7.19
C SER A 5 -3.30 -28.53 7.93
N SER A 6 -4.23 -27.75 8.46
CA SER A 6 -3.87 -26.53 9.20
C SER A 6 -4.22 -26.68 10.68
N GLY A 7 -3.72 -25.74 11.49
CA GLY A 7 -3.98 -25.78 12.91
C GLY A 7 -2.79 -25.36 13.74
N SER A 8 -3.04 -24.88 14.95
CA SER A 8 -1.98 -24.44 15.83
C SER A 8 -2.39 -24.54 17.29
N ILE A 9 -1.41 -24.68 18.18
CA ILE A 9 -1.69 -24.79 19.61
C ILE A 9 -1.49 -23.45 20.31
N GLY A 10 -2.45 -23.09 21.17
CA GLY A 10 -2.36 -21.84 21.90
C GLY A 10 -3.19 -20.74 21.26
N ASN A 11 -2.52 -19.70 20.77
CA ASN A 11 -3.20 -18.58 20.14
C ASN A 11 -2.78 -18.45 18.68
N ALA A 12 -3.73 -18.03 17.83
CA ALA A 12 -3.45 -17.87 16.41
C ALA A 12 -3.08 -16.42 16.09
N GLN A 13 -2.01 -16.25 15.33
CA GLN A 13 -1.56 -14.91 14.94
C GLN A 13 -1.60 -14.73 13.43
N LYS A 14 -2.26 -13.67 12.99
CA LYS A 14 -2.38 -13.38 11.57
C LYS A 14 -1.63 -12.10 11.21
N LEU A 15 -0.84 -12.15 10.14
CA LEU A 15 -0.07 -11.00 9.70
C LEU A 15 -1.00 -9.89 9.20
N PRO A 16 -0.48 -8.66 9.18
CA PRO A 16 -1.24 -7.48 8.73
C PRO A 16 -1.49 -7.51 7.22
N MET A 17 -2.75 -7.70 6.84
CA MET A 17 -3.12 -7.75 5.43
C MET A 17 -2.61 -6.51 4.69
N CYS A 18 -1.92 -6.75 3.59
CA CYS A 18 -1.36 -5.66 2.79
C CYS A 18 -2.46 -4.73 2.29
N ASP A 19 -2.16 -3.44 2.23
CA ASP A 19 -3.13 -2.45 1.76
C ASP A 19 -3.15 -2.39 0.23
N LYS A 20 -2.02 -2.68 -0.39
CA LYS A 20 -1.91 -2.66 -1.84
C LYS A 20 -2.71 -3.81 -2.46
N CYS A 21 -2.36 -5.04 -2.10
CA CYS A 21 -3.05 -6.21 -2.62
C CYS A 21 -4.11 -6.70 -1.64
N GLY A 22 -3.66 -7.21 -0.49
CA GLY A 22 -4.57 -7.70 0.51
C GLY A 22 -4.26 -9.12 0.93
N THR A 23 -3.01 -9.36 1.35
CA THR A 23 -2.59 -10.68 1.77
C THR A 23 -1.71 -10.60 3.01
N GLY A 24 -1.92 -11.53 3.94
CA GLY A 24 -1.14 -11.54 5.17
C GLY A 24 0.33 -11.30 4.91
N ILE A 25 0.82 -10.13 5.34
CA ILE A 25 2.22 -9.77 5.16
C ILE A 25 3.12 -10.64 6.02
N VAL A 26 3.76 -11.63 5.39
CA VAL A 26 4.66 -12.53 6.10
C VAL A 26 6.11 -12.20 5.80
N GLY A 27 6.81 -11.64 6.78
CA GLY A 27 8.21 -11.29 6.61
C GLY A 27 8.42 -9.79 6.55
N VAL A 28 9.55 -9.37 5.97
CA VAL A 28 9.87 -7.96 5.86
C VAL A 28 8.75 -7.19 5.18
N PHE A 29 8.45 -6.00 5.69
CA PHE A 29 7.39 -5.17 5.14
C PHE A 29 7.58 -3.71 5.54
N VAL A 30 6.86 -2.82 4.87
CA VAL A 30 6.95 -1.39 5.15
C VAL A 30 5.75 -0.92 5.98
N LYS A 31 5.98 -0.71 7.27
CA LYS A 31 4.93 -0.25 8.16
C LYS A 31 4.64 1.23 7.96
N LEU A 32 3.46 1.54 7.45
CA LEU A 32 3.06 2.93 7.22
C LEU A 32 2.55 3.57 8.50
N ARG A 33 2.45 4.90 8.49
CA ARG A 33 1.98 5.64 9.65
C ARG A 33 0.96 4.82 10.44
N ASP A 34 -0.24 4.70 9.89
CA ASP A 34 -1.31 3.94 10.55
C ASP A 34 -1.74 2.76 9.69
N ARG A 35 -1.04 2.55 8.58
CA ARG A 35 -1.35 1.45 7.68
C ARG A 35 -0.14 0.54 7.48
N HIS A 36 -0.34 -0.55 6.77
CA HIS A 36 0.74 -1.51 6.51
C HIS A 36 0.77 -1.91 5.04
N ARG A 37 1.97 -2.13 4.52
CA ARG A 37 2.14 -2.52 3.11
C ARG A 37 3.37 -3.39 2.94
N HIS A 38 3.41 -4.13 1.84
CA HIS A 38 4.55 -5.01 1.55
C HIS A 38 5.80 -4.19 1.24
N PRO A 39 6.96 -4.86 1.29
CA PRO A 39 8.24 -4.21 1.01
C PRO A 39 8.41 -3.85 -0.46
N GLU A 40 7.53 -4.40 -1.31
CA GLU A 40 7.58 -4.12 -2.74
C GLU A 40 6.34 -3.33 -3.18
N CYS A 41 5.26 -3.47 -2.43
CA CYS A 41 4.02 -2.78 -2.74
C CYS A 41 4.07 -1.33 -2.28
N TYR A 42 5.16 -0.98 -1.59
CA TYR A 42 5.32 0.38 -1.08
C TYR A 42 5.67 1.35 -2.22
N VAL A 43 5.59 0.86 -3.45
CA VAL A 43 5.89 1.67 -4.62
C VAL A 43 4.71 2.56 -4.99
N CYS A 44 5.00 3.64 -5.70
CA CYS A 44 3.97 4.59 -6.12
C CYS A 44 2.85 3.87 -6.86
N THR A 45 1.66 4.44 -6.83
CA THR A 45 0.50 3.86 -7.50
C THR A 45 0.42 4.32 -8.95
N ASP A 46 0.84 5.55 -9.21
CA ASP A 46 0.83 6.10 -10.56
C ASP A 46 1.84 5.39 -11.45
N CYS A 47 3.11 5.54 -11.14
CA CYS A 47 4.18 4.92 -11.91
C CYS A 47 4.58 3.58 -11.31
N GLY A 48 5.09 3.62 -10.07
CA GLY A 48 5.50 2.41 -9.39
C GLY A 48 6.98 2.40 -9.09
N THR A 49 7.46 3.44 -8.43
CA THR A 49 8.88 3.55 -8.07
C THR A 49 9.08 3.32 -6.58
N ASN A 50 10.24 2.76 -6.24
CA ASN A 50 10.56 2.49 -4.83
C ASN A 50 10.55 3.78 -4.01
N LEU A 51 9.54 3.91 -3.15
CA LEU A 51 9.40 5.08 -2.31
C LEU A 51 10.17 4.92 -1.01
N LYS A 52 11.06 3.92 -0.97
CA LYS A 52 11.87 3.66 0.22
C LYS A 52 12.64 4.90 0.63
N GLN A 53 13.40 5.47 -0.30
CA GLN A 53 14.19 6.67 -0.02
C GLN A 53 13.44 7.92 -0.44
N LYS A 54 12.93 7.91 -1.67
CA LYS A 54 12.19 9.05 -2.19
C LYS A 54 11.14 9.53 -1.21
N GLY A 55 10.25 8.61 -0.81
CA GLY A 55 9.20 8.96 0.14
C GLY A 55 7.81 8.78 -0.45
N HIS A 56 6.83 8.58 0.42
CA HIS A 56 5.45 8.39 -0.02
C HIS A 56 4.58 9.54 0.46
N PHE A 57 3.48 9.80 -0.26
CA PHE A 57 2.57 10.87 0.08
C PHE A 57 1.15 10.33 0.28
N PHE A 58 0.29 11.15 0.88
CA PHE A 58 -1.09 10.76 1.14
C PHE A 58 -2.05 11.59 0.30
N VAL A 59 -2.68 10.95 -0.68
CA VAL A 59 -3.64 11.63 -1.55
C VAL A 59 -4.83 10.73 -1.86
N GLU A 60 -6.03 11.20 -1.53
CA GLU A 60 -7.25 10.44 -1.78
C GLU A 60 -7.14 9.03 -1.21
N ASP A 61 -6.56 8.93 -0.01
CA ASP A 61 -6.40 7.64 0.64
C ASP A 61 -5.50 6.72 -0.18
N GLN A 62 -4.54 7.31 -0.87
CA GLN A 62 -3.61 6.55 -1.70
C GLN A 62 -2.18 6.99 -1.46
N ILE A 63 -1.23 6.30 -2.09
CA ILE A 63 0.18 6.61 -1.94
C ILE A 63 0.83 6.90 -3.28
N TYR A 64 1.69 7.91 -3.32
CA TYR A 64 2.37 8.30 -4.55
C TYR A 64 3.75 8.88 -4.24
N CYS A 65 4.53 9.12 -5.29
CA CYS A 65 5.86 9.68 -5.14
C CYS A 65 5.83 11.20 -5.16
N GLU A 66 6.69 11.81 -4.36
CA GLU A 66 6.76 13.27 -4.28
C GLU A 66 6.48 13.90 -5.63
N LYS A 67 7.07 13.33 -6.67
CA LYS A 67 6.90 13.84 -8.03
C LYS A 67 5.41 13.92 -8.39
N HIS A 68 4.74 12.78 -8.38
CA HIS A 68 3.33 12.72 -8.70
C HIS A 68 2.49 13.41 -7.63
N ALA A 69 2.65 12.97 -6.38
CA ALA A 69 1.92 13.55 -5.26
C ALA A 69 1.72 15.05 -5.46
N ARG A 70 2.83 15.78 -5.56
CA ARG A 70 2.78 17.23 -5.75
C ARG A 70 1.79 17.60 -6.85
N GLU A 71 1.85 16.88 -7.97
CA GLU A 71 0.96 17.13 -9.09
C GLU A 71 -0.49 16.88 -8.71
N ARG A 72 -0.71 15.89 -7.83
CA ARG A 72 -2.05 15.55 -7.39
C ARG A 72 -2.62 16.65 -6.49
N VAL A 73 -1.89 16.98 -5.44
CA VAL A 73 -2.33 18.02 -4.51
C VAL A 73 -2.44 19.38 -5.21
N SER A 74 -1.55 19.62 -6.16
CA SER A 74 -1.54 20.87 -6.91
C SER A 74 -2.69 20.91 -7.91
N GLY A 75 -2.68 19.97 -8.85
CA GLY A 75 -3.73 19.92 -9.86
C GLY A 75 -3.36 19.03 -11.03
N PRO A 76 -4.20 18.03 -11.31
CA PRO A 76 -3.98 17.09 -12.41
C PRO A 76 -4.15 17.75 -13.78
N SER A 77 -4.71 18.95 -13.79
CA SER A 77 -4.93 19.68 -15.03
C SER A 77 -4.26 21.05 -14.97
N SER A 78 -3.21 21.23 -15.77
CA SER A 78 -2.49 22.49 -15.80
C SER A 78 -3.00 23.38 -16.94
N GLY A 79 -3.37 24.61 -16.60
CA GLY A 79 -3.87 25.54 -17.59
C GLY A 79 -5.18 26.19 -17.18
N GLY A 1 4.86 -26.36 -7.47
CA GLY A 1 4.01 -26.41 -6.29
C GLY A 1 3.65 -25.03 -5.79
N SER A 2 3.25 -24.95 -4.52
CA SER A 2 2.86 -23.68 -3.91
C SER A 2 3.10 -23.70 -2.41
N SER A 3 3.51 -22.55 -1.87
CA SER A 3 3.78 -22.44 -0.44
C SER A 3 3.06 -21.23 0.16
N GLY A 4 2.49 -21.42 1.35
CA GLY A 4 1.78 -20.34 2.00
C GLY A 4 0.67 -19.76 1.14
N SER A 5 -0.16 -20.63 0.58
CA SER A 5 -1.26 -20.20 -0.28
C SER A 5 -2.60 -20.48 0.39
N SER A 6 -2.69 -21.61 1.08
CA SER A 6 -3.92 -21.99 1.77
C SER A 6 -3.63 -22.83 2.99
N GLY A 7 -3.95 -22.30 4.17
CA GLY A 7 -3.71 -23.02 5.40
C GLY A 7 -4.10 -22.21 6.63
N SER A 8 -4.77 -22.86 7.57
CA SER A 8 -5.20 -22.20 8.80
C SER A 8 -4.39 -22.69 10.00
N ILE A 9 -4.08 -21.78 10.90
CA ILE A 9 -3.32 -22.12 12.10
C ILE A 9 -3.90 -21.44 13.34
N GLY A 10 -3.72 -22.08 14.49
CA GLY A 10 -4.23 -21.52 15.73
C GLY A 10 -3.48 -20.28 16.16
N ASN A 11 -3.96 -19.12 15.75
CA ASN A 11 -3.33 -17.85 16.09
C ASN A 11 -4.37 -16.75 16.25
N ALA A 12 -4.37 -16.11 17.42
CA ALA A 12 -5.31 -15.03 17.71
C ALA A 12 -4.94 -13.77 16.95
N GLN A 13 -3.65 -13.43 16.96
CA GLN A 13 -3.16 -12.24 16.28
C GLN A 13 -3.33 -12.37 14.77
N LYS A 14 -3.34 -11.24 14.08
CA LYS A 14 -3.49 -11.23 12.62
C LYS A 14 -2.31 -10.54 11.96
N LEU A 15 -2.28 -10.54 10.63
CA LEU A 15 -1.21 -9.92 9.88
C LEU A 15 -1.68 -8.62 9.23
N PRO A 16 -0.74 -7.68 9.05
CA PRO A 16 -1.04 -6.38 8.45
C PRO A 16 -1.36 -6.49 6.96
N MET A 17 -2.62 -6.28 6.61
CA MET A 17 -3.05 -6.35 5.22
C MET A 17 -2.33 -5.31 4.37
N CYS A 18 -2.02 -5.68 3.13
CA CYS A 18 -1.32 -4.79 2.21
C CYS A 18 -2.31 -3.90 1.47
N ASP A 19 -2.14 -2.59 1.62
CA ASP A 19 -3.02 -1.62 0.96
C ASP A 19 -2.94 -1.77 -0.55
N LYS A 20 -1.77 -2.14 -1.05
CA LYS A 20 -1.56 -2.32 -2.49
C LYS A 20 -2.39 -3.48 -3.01
N CYS A 21 -2.03 -4.69 -2.61
CA CYS A 21 -2.75 -5.89 -3.04
C CYS A 21 -3.91 -6.20 -2.10
N GLY A 22 -3.58 -6.53 -0.85
CA GLY A 22 -4.61 -6.85 0.11
C GLY A 22 -4.45 -8.24 0.70
N THR A 23 -3.21 -8.62 1.01
CA THR A 23 -2.92 -9.93 1.57
C THR A 23 -2.08 -9.81 2.84
N GLY A 24 -2.50 -10.49 3.89
CA GLY A 24 -1.78 -10.44 5.14
C GLY A 24 -0.28 -10.61 4.96
N ILE A 25 0.47 -9.55 5.22
CA ILE A 25 1.92 -9.57 5.07
C ILE A 25 2.55 -10.48 6.12
N VAL A 26 3.70 -11.07 5.77
CA VAL A 26 4.40 -11.95 6.68
C VAL A 26 5.89 -11.62 6.72
N GLY A 27 6.41 -11.34 7.91
CA GLY A 27 7.82 -11.01 8.05
C GLY A 27 8.11 -9.57 7.73
N VAL A 28 9.27 -9.33 7.13
CA VAL A 28 9.67 -7.97 6.76
C VAL A 28 8.61 -7.30 5.90
N PHE A 29 8.33 -6.03 6.20
CA PHE A 29 7.33 -5.27 5.46
C PHE A 29 7.41 -3.79 5.80
N VAL A 30 6.81 -2.95 4.95
CA VAL A 30 6.82 -1.51 5.15
C VAL A 30 5.70 -1.09 6.10
N LYS A 31 6.05 -0.82 7.34
CA LYS A 31 5.08 -0.40 8.35
C LYS A 31 4.81 1.10 8.26
N LEU A 32 3.67 1.45 7.69
CA LEU A 32 3.29 2.85 7.54
C LEU A 32 2.67 3.39 8.83
N ARG A 33 2.63 4.71 8.94
CA ARG A 33 2.06 5.35 10.12
C ARG A 33 0.91 4.52 10.70
N ASP A 34 -0.23 4.55 10.01
CA ASP A 34 -1.40 3.80 10.45
C ASP A 34 -1.80 2.75 9.40
N ARG A 35 -0.91 2.52 8.44
CA ARG A 35 -1.17 1.54 7.39
C ARG A 35 0.00 0.58 7.26
N HIS A 36 -0.17 -0.44 6.40
CA HIS A 36 0.87 -1.43 6.18
C HIS A 36 0.98 -1.78 4.69
N ARG A 37 2.17 -2.19 4.28
CA ARG A 37 2.42 -2.54 2.89
C ARG A 37 3.60 -3.49 2.77
N HIS A 38 3.86 -3.97 1.55
CA HIS A 38 4.97 -4.88 1.30
C HIS A 38 6.21 -4.11 0.86
N PRO A 39 7.39 -4.75 0.99
CA PRO A 39 8.66 -4.15 0.61
C PRO A 39 8.80 -4.01 -0.90
N GLU A 40 7.81 -4.48 -1.64
CA GLU A 40 7.82 -4.41 -3.10
C GLU A 40 6.67 -3.54 -3.61
N CYS A 41 5.56 -3.58 -2.89
CA CYS A 41 4.38 -2.80 -3.27
C CYS A 41 4.57 -1.32 -2.92
N TYR A 42 5.44 -1.06 -1.95
CA TYR A 42 5.70 0.30 -1.51
C TYR A 42 5.86 1.24 -2.71
N VAL A 43 6.17 0.66 -3.86
CA VAL A 43 6.34 1.44 -5.09
C VAL A 43 5.12 2.32 -5.35
N CYS A 44 5.35 3.47 -5.99
CA CYS A 44 4.28 4.39 -6.30
C CYS A 44 3.15 3.69 -7.04
N THR A 45 1.95 4.27 -6.96
CA THR A 45 0.78 3.70 -7.62
C THR A 45 0.59 4.28 -9.02
N ASP A 46 0.95 5.55 -9.18
CA ASP A 46 0.82 6.23 -10.46
C ASP A 46 1.81 5.65 -11.47
N CYS A 47 3.10 5.77 -11.17
CA CYS A 47 4.14 5.27 -12.06
C CYS A 47 4.58 3.87 -11.64
N GLY A 48 5.08 3.76 -10.41
CA GLY A 48 5.53 2.48 -9.90
C GLY A 48 7.03 2.44 -9.66
N THR A 49 7.52 3.40 -8.89
CA THR A 49 8.95 3.47 -8.57
C THR A 49 9.20 3.23 -7.10
N ASN A 50 10.36 2.63 -6.79
CA ASN A 50 10.72 2.33 -5.42
C ASN A 50 10.80 3.61 -4.58
N LEU A 51 9.89 3.74 -3.62
CA LEU A 51 9.84 4.91 -2.75
C LEU A 51 10.62 4.66 -1.47
N LYS A 52 11.42 3.60 -1.46
CA LYS A 52 12.23 3.26 -0.30
C LYS A 52 12.84 4.51 0.34
N GLN A 53 13.63 5.23 -0.44
CA GLN A 53 14.27 6.45 0.04
C GLN A 53 13.47 7.68 -0.36
N LYS A 54 13.23 7.83 -1.66
CA LYS A 54 12.48 8.96 -2.19
C LYS A 54 11.41 9.41 -1.19
N GLY A 55 10.43 8.56 -0.97
CA GLY A 55 9.36 8.88 -0.04
C GLY A 55 7.98 8.67 -0.65
N HIS A 56 6.96 8.66 0.21
CA HIS A 56 5.58 8.47 -0.25
C HIS A 56 4.65 9.50 0.38
N PHE A 57 3.42 9.55 -0.10
CA PHE A 57 2.43 10.49 0.41
C PHE A 57 1.05 9.83 0.51
N PHE A 58 0.21 10.37 1.39
CA PHE A 58 -1.13 9.83 1.60
C PHE A 58 -2.15 10.64 0.81
N VAL A 59 -2.77 10.00 -0.18
CA VAL A 59 -3.77 10.65 -1.01
C VAL A 59 -4.92 9.71 -1.34
N GLU A 60 -6.11 10.07 -0.90
CA GLU A 60 -7.30 9.25 -1.14
C GLU A 60 -7.08 7.82 -0.66
N ASP A 61 -6.44 7.68 0.50
CA ASP A 61 -6.17 6.37 1.06
C ASP A 61 -5.22 5.57 0.17
N GLN A 62 -4.33 6.28 -0.52
CA GLN A 62 -3.37 5.63 -1.40
C GLN A 62 -1.97 6.19 -1.19
N ILE A 63 -0.99 5.65 -1.91
CA ILE A 63 0.38 6.08 -1.80
C ILE A 63 0.95 6.47 -3.16
N TYR A 64 1.73 7.55 -3.19
CA TYR A 64 2.33 8.02 -4.43
C TYR A 64 3.70 8.67 -4.16
N CYS A 65 4.45 8.91 -5.23
CA CYS A 65 5.76 9.53 -5.11
C CYS A 65 5.64 11.04 -4.98
N GLU A 66 6.47 11.62 -4.11
CA GLU A 66 6.45 13.06 -3.87
C GLU A 66 6.15 13.81 -5.16
N LYS A 67 6.75 13.36 -6.26
CA LYS A 67 6.54 13.99 -7.56
C LYS A 67 5.05 14.01 -7.93
N HIS A 68 4.47 12.82 -8.04
CA HIS A 68 3.06 12.70 -8.39
C HIS A 68 2.18 13.30 -7.29
N ALA A 69 2.36 12.81 -6.07
CA ALA A 69 1.58 13.30 -4.93
C ALA A 69 1.26 14.78 -5.08
N ARG A 70 2.29 15.61 -5.13
CA ARG A 70 2.12 17.05 -5.28
C ARG A 70 1.08 17.37 -6.36
N GLU A 71 1.25 16.76 -7.53
CA GLU A 71 0.33 16.98 -8.64
C GLU A 71 -1.10 16.64 -8.24
N ARG A 72 -1.25 15.56 -7.49
CA ARG A 72 -2.57 15.12 -7.04
C ARG A 72 -3.18 16.15 -6.08
N VAL A 73 -2.40 16.53 -5.07
CA VAL A 73 -2.87 17.50 -4.09
C VAL A 73 -3.58 18.67 -4.74
N SER A 74 -2.86 19.37 -5.63
CA SER A 74 -3.43 20.52 -6.34
C SER A 74 -4.56 20.08 -7.26
N GLY A 75 -5.20 21.06 -7.90
CA GLY A 75 -6.30 20.75 -8.80
C GLY A 75 -6.12 21.41 -10.17
N PRO A 76 -6.58 20.72 -11.22
CA PRO A 76 -6.49 21.22 -12.59
C PRO A 76 -7.41 22.41 -12.84
N SER A 77 -8.64 22.32 -12.34
CA SER A 77 -9.62 23.38 -12.51
C SER A 77 -10.51 23.50 -11.28
N SER A 78 -10.96 24.72 -10.99
CA SER A 78 -11.81 24.97 -9.85
C SER A 78 -13.20 24.37 -10.05
N GLY A 79 -13.98 24.31 -8.98
CA GLY A 79 -15.32 23.75 -9.07
C GLY A 79 -15.55 22.64 -8.08
N GLY A 1 -23.66 -31.25 5.19
CA GLY A 1 -22.85 -30.38 6.03
C GLY A 1 -23.13 -28.92 5.78
N SER A 2 -22.54 -28.06 6.61
CA SER A 2 -22.73 -26.62 6.48
C SER A 2 -21.43 -25.86 6.71
N SER A 3 -20.94 -25.20 5.67
CA SER A 3 -19.70 -24.45 5.76
C SER A 3 -19.92 -23.13 6.49
N GLY A 4 -18.88 -22.67 7.20
CA GLY A 4 -18.99 -21.43 7.93
C GLY A 4 -18.87 -21.63 9.43
N SER A 5 -18.05 -20.81 10.07
CA SER A 5 -17.86 -20.89 11.51
C SER A 5 -18.81 -19.96 12.25
N SER A 6 -19.10 -20.29 13.50
CA SER A 6 -20.00 -19.48 14.32
C SER A 6 -19.36 -18.16 14.69
N GLY A 7 -20.13 -17.29 15.34
CA GLY A 7 -19.61 -15.99 15.74
C GLY A 7 -18.24 -16.09 16.38
N SER A 8 -17.32 -15.23 15.96
CA SER A 8 -15.97 -15.23 16.50
C SER A 8 -15.57 -13.83 16.97
N ILE A 9 -15.06 -13.76 18.19
CA ILE A 9 -14.64 -12.48 18.77
C ILE A 9 -13.16 -12.50 19.12
N GLY A 10 -12.47 -11.41 18.82
CA GLY A 10 -11.05 -11.33 19.11
C GLY A 10 -10.25 -10.72 17.97
N ASN A 11 -9.24 -11.45 17.51
CA ASN A 11 -8.40 -10.98 16.42
C ASN A 11 -8.75 -11.67 15.11
N ALA A 12 -8.98 -10.88 14.06
CA ALA A 12 -9.33 -11.42 12.76
C ALA A 12 -8.11 -12.02 12.07
N GLN A 13 -6.99 -11.29 12.12
CA GLN A 13 -5.76 -11.75 11.49
C GLN A 13 -4.55 -11.42 12.37
N LYS A 14 -3.58 -12.33 12.38
CA LYS A 14 -2.36 -12.13 13.17
C LYS A 14 -1.23 -11.57 12.31
N LEU A 15 -1.60 -11.02 11.16
CA LEU A 15 -0.61 -10.45 10.24
C LEU A 15 -1.19 -9.24 9.51
N PRO A 16 -0.38 -8.19 9.38
CA PRO A 16 -0.78 -6.96 8.70
C PRO A 16 -0.92 -7.15 7.19
N MET A 17 -2.15 -7.43 6.76
CA MET A 17 -2.43 -7.63 5.34
C MET A 17 -2.08 -6.39 4.52
N CYS A 18 -1.26 -6.57 3.49
CA CYS A 18 -0.85 -5.47 2.63
C CYS A 18 -2.06 -4.69 2.14
N ASP A 19 -1.90 -3.38 2.03
CA ASP A 19 -2.98 -2.51 1.55
C ASP A 19 -3.04 -2.48 0.03
N LYS A 20 -1.87 -2.55 -0.60
CA LYS A 20 -1.78 -2.54 -2.06
C LYS A 20 -2.52 -3.73 -2.66
N CYS A 21 -1.99 -4.92 -2.43
CA CYS A 21 -2.60 -6.14 -2.95
C CYS A 21 -3.78 -6.57 -2.08
N GLY A 22 -3.51 -6.88 -0.82
CA GLY A 22 -4.55 -7.31 0.09
C GLY A 22 -4.35 -8.72 0.60
N THR A 23 -3.13 -9.01 1.06
CA THR A 23 -2.82 -10.34 1.56
C THR A 23 -2.02 -10.26 2.86
N GLY A 24 -2.23 -11.22 3.76
CA GLY A 24 -1.53 -11.23 5.02
C GLY A 24 -0.02 -11.17 4.84
N ILE A 25 0.59 -10.10 5.32
CA ILE A 25 2.03 -9.92 5.21
C ILE A 25 2.77 -10.87 6.15
N VAL A 26 3.84 -11.48 5.64
CA VAL A 26 4.63 -12.41 6.44
C VAL A 26 6.11 -12.08 6.32
N GLY A 27 6.73 -11.75 7.46
CA GLY A 27 8.14 -11.43 7.47
C GLY A 27 8.40 -9.94 7.35
N VAL A 28 9.35 -9.56 6.51
CA VAL A 28 9.69 -8.16 6.31
C VAL A 28 8.56 -7.42 5.61
N PHE A 29 8.37 -6.15 5.99
CA PHE A 29 7.32 -5.33 5.40
C PHE A 29 7.49 -3.87 5.79
N VAL A 30 6.85 -2.98 5.04
CA VAL A 30 6.93 -1.55 5.30
C VAL A 30 5.74 -1.07 6.13
N LYS A 31 5.97 -0.88 7.42
CA LYS A 31 4.93 -0.42 8.32
C LYS A 31 4.65 1.06 8.13
N LEU A 32 3.50 1.38 7.56
CA LEU A 32 3.10 2.76 7.32
C LEU A 32 2.52 3.39 8.57
N ARG A 33 2.44 4.72 8.58
CA ARG A 33 1.91 5.45 9.73
C ARG A 33 0.83 4.62 10.43
N ASP A 34 -0.34 4.54 9.81
CA ASP A 34 -1.46 3.78 10.37
C ASP A 34 -1.84 2.62 9.45
N ARG A 35 -1.01 2.35 8.46
CA ARG A 35 -1.27 1.27 7.52
C ARG A 35 -0.05 0.37 7.37
N HIS A 36 -0.21 -0.72 6.63
CA HIS A 36 0.88 -1.66 6.42
C HIS A 36 0.90 -2.15 4.97
N ARG A 37 2.11 -2.22 4.39
CA ARG A 37 2.26 -2.66 3.01
C ARG A 37 3.54 -3.48 2.85
N HIS A 38 3.69 -4.12 1.69
CA HIS A 38 4.86 -4.92 1.41
C HIS A 38 6.06 -4.06 1.04
N PRO A 39 7.26 -4.64 1.10
CA PRO A 39 8.50 -3.93 0.78
C PRO A 39 8.62 -3.61 -0.71
N GLU A 40 7.71 -4.17 -1.51
CA GLU A 40 7.72 -3.94 -2.95
C GLU A 40 6.47 -3.20 -3.38
N CYS A 41 5.37 -3.40 -2.64
CA CYS A 41 4.11 -2.75 -2.95
C CYS A 41 4.09 -1.30 -2.44
N TYR A 42 5.15 -0.94 -1.72
CA TYR A 42 5.26 0.41 -1.17
C TYR A 42 5.61 1.41 -2.26
N VAL A 43 5.56 0.97 -3.51
CA VAL A 43 5.87 1.82 -4.65
C VAL A 43 4.69 2.72 -5.00
N CYS A 44 4.93 3.72 -5.83
CA CYS A 44 3.89 4.66 -6.24
C CYS A 44 2.74 3.91 -6.93
N THR A 45 1.53 4.46 -6.81
CA THR A 45 0.36 3.86 -7.41
C THR A 45 0.21 4.27 -8.87
N ASP A 46 0.64 5.49 -9.18
CA ASP A 46 0.56 6.01 -10.54
C ASP A 46 1.53 5.28 -11.46
N CYS A 47 2.83 5.46 -11.20
CA CYS A 47 3.86 4.83 -12.00
C CYS A 47 4.29 3.49 -11.39
N GLY A 48 4.86 3.55 -10.19
CA GLY A 48 5.30 2.34 -9.52
C GLY A 48 6.80 2.32 -9.27
N THR A 49 7.29 3.36 -8.62
CA THR A 49 8.72 3.47 -8.32
C THR A 49 8.98 3.26 -6.83
N ASN A 50 10.16 2.73 -6.52
CA ASN A 50 10.53 2.49 -5.12
C ASN A 50 10.48 3.78 -4.31
N LEU A 51 9.57 3.82 -3.34
CA LEU A 51 9.40 4.99 -2.49
C LEU A 51 10.12 4.80 -1.16
N LYS A 52 10.97 3.77 -1.09
CA LYS A 52 11.72 3.47 0.12
C LYS A 52 12.46 4.70 0.62
N GLN A 53 13.34 5.24 -0.23
CA GLN A 53 14.11 6.43 0.13
C GLN A 53 13.42 7.70 -0.36
N LYS A 54 12.99 7.68 -1.61
CA LYS A 54 12.30 8.83 -2.20
C LYS A 54 11.28 9.41 -1.23
N GLY A 55 10.28 8.60 -0.89
CA GLY A 55 9.24 9.04 0.03
C GLY A 55 7.84 8.83 -0.52
N HIS A 56 6.87 8.69 0.37
CA HIS A 56 5.48 8.47 -0.03
C HIS A 56 4.58 9.56 0.54
N PHE A 57 3.46 9.81 -0.14
CA PHE A 57 2.51 10.83 0.31
C PHE A 57 1.11 10.25 0.40
N PHE A 58 0.19 11.02 0.98
CA PHE A 58 -1.19 10.58 1.15
C PHE A 58 -2.13 11.40 0.26
N VAL A 59 -2.77 10.74 -0.69
CA VAL A 59 -3.70 11.42 -1.59
C VAL A 59 -4.88 10.52 -1.94
N GLU A 60 -6.07 10.92 -1.50
CA GLU A 60 -7.28 10.15 -1.77
C GLU A 60 -7.15 8.73 -1.22
N ASP A 61 -6.57 8.62 -0.03
CA ASP A 61 -6.38 7.32 0.61
C ASP A 61 -5.45 6.44 -0.21
N GLN A 62 -4.49 7.06 -0.88
CA GLN A 62 -3.54 6.34 -1.70
C GLN A 62 -2.12 6.82 -1.44
N ILE A 63 -1.15 6.18 -2.08
CA ILE A 63 0.26 6.54 -1.92
C ILE A 63 0.91 6.84 -3.26
N TYR A 64 1.67 7.92 -3.32
CA TYR A 64 2.36 8.32 -4.54
C TYR A 64 3.75 8.88 -4.24
N CYS A 65 4.48 9.20 -5.30
CA CYS A 65 5.83 9.74 -5.15
C CYS A 65 5.80 11.27 -5.20
N GLU A 66 6.63 11.89 -4.36
CA GLU A 66 6.69 13.35 -4.32
C GLU A 66 6.44 13.95 -5.69
N LYS A 67 6.97 13.32 -6.72
CA LYS A 67 6.81 13.79 -8.09
C LYS A 67 5.33 13.93 -8.44
N HIS A 68 4.59 12.82 -8.34
CA HIS A 68 3.17 12.82 -8.64
C HIS A 68 2.37 13.53 -7.53
N ALA A 69 2.65 13.14 -6.28
CA ALA A 69 1.97 13.72 -5.14
C ALA A 69 1.81 15.23 -5.30
N ARG A 70 2.94 15.93 -5.40
CA ARG A 70 2.94 17.38 -5.56
C ARG A 70 2.01 17.80 -6.70
N GLU A 71 1.79 16.89 -7.65
CA GLU A 71 0.93 17.18 -8.79
C GLU A 71 -0.52 16.83 -8.47
N ARG A 72 -0.71 15.95 -7.48
CA ARG A 72 -2.04 15.55 -7.07
C ARG A 72 -2.61 16.49 -6.02
N VAL A 73 -1.74 17.00 -5.16
CA VAL A 73 -2.15 17.93 -4.11
C VAL A 73 -2.81 19.17 -4.69
N SER A 74 -2.16 19.77 -5.69
CA SER A 74 -2.67 20.96 -6.33
C SER A 74 -3.62 20.60 -7.48
N GLY A 75 -4.40 21.58 -7.93
CA GLY A 75 -5.34 21.34 -9.01
C GLY A 75 -4.65 21.25 -10.36
N PRO A 76 -5.17 21.98 -11.35
CA PRO A 76 -4.62 21.99 -12.71
C PRO A 76 -3.27 22.68 -12.78
N SER A 77 -2.44 22.26 -13.73
CA SER A 77 -1.11 22.83 -13.90
C SER A 77 -1.19 24.35 -13.91
N SER A 78 -2.13 24.90 -14.67
CA SER A 78 -2.30 26.34 -14.76
C SER A 78 -3.37 26.83 -13.79
N GLY A 79 -3.17 28.02 -13.25
CA GLY A 79 -4.11 28.59 -12.31
C GLY A 79 -3.47 28.97 -10.99
N GLY A 1 -6.55 -3.05 -15.18
CA GLY A 1 -5.28 -3.75 -15.28
C GLY A 1 -5.19 -4.91 -14.29
N SER A 2 -6.09 -5.87 -14.43
CA SER A 2 -6.11 -7.03 -13.54
C SER A 2 -4.81 -7.83 -13.66
N SER A 3 -4.32 -8.33 -12.53
CA SER A 3 -3.08 -9.10 -12.51
C SER A 3 -3.37 -10.58 -12.78
N GLY A 4 -2.30 -11.34 -13.04
CA GLY A 4 -2.46 -12.76 -13.30
C GLY A 4 -1.78 -13.62 -12.26
N SER A 5 -2.21 -13.50 -11.01
CA SER A 5 -1.64 -14.27 -9.92
C SER A 5 -2.55 -15.43 -9.53
N SER A 6 -2.08 -16.25 -8.60
CA SER A 6 -2.85 -17.40 -8.14
C SER A 6 -3.84 -17.01 -7.05
N GLY A 7 -3.32 -16.33 -6.02
CA GLY A 7 -4.16 -15.89 -4.92
C GLY A 7 -3.39 -15.72 -3.63
N SER A 8 -3.03 -16.83 -2.99
CA SER A 8 -2.29 -16.79 -1.74
C SER A 8 -1.24 -17.88 -1.70
N ILE A 9 -0.22 -17.69 -0.86
CA ILE A 9 0.85 -18.67 -0.73
C ILE A 9 0.80 -19.35 0.63
N GLY A 10 1.13 -20.64 0.65
CA GLY A 10 1.12 -21.40 1.89
C GLY A 10 0.00 -20.97 2.81
N ASN A 11 0.36 -20.61 4.04
CA ASN A 11 -0.62 -20.17 5.03
C ASN A 11 -0.32 -18.75 5.51
N ALA A 12 -1.36 -18.07 5.99
CA ALA A 12 -1.20 -16.70 6.48
C ALA A 12 -2.22 -16.40 7.58
N GLN A 13 -1.73 -16.24 8.81
CA GLN A 13 -2.59 -15.95 9.95
C GLN A 13 -1.92 -14.96 10.90
N LYS A 14 -2.73 -14.23 11.64
CA LYS A 14 -2.22 -13.24 12.59
C LYS A 14 -1.16 -12.36 11.94
N LEU A 15 -1.36 -12.04 10.67
CA LEU A 15 -0.42 -11.19 9.94
C LEU A 15 -1.11 -9.96 9.38
N PRO A 16 -0.35 -8.85 9.27
CA PRO A 16 -0.86 -7.59 8.75
C PRO A 16 -1.15 -7.65 7.25
N MET A 17 -2.43 -7.63 6.91
CA MET A 17 -2.84 -7.68 5.51
C MET A 17 -2.31 -6.48 4.74
N CYS A 18 -1.72 -6.73 3.58
CA CYS A 18 -1.17 -5.68 2.75
C CYS A 18 -2.26 -4.71 2.30
N ASP A 19 -1.89 -3.44 2.16
CA ASP A 19 -2.84 -2.40 1.74
C ASP A 19 -2.95 -2.36 0.22
N LYS A 20 -1.85 -2.67 -0.46
CA LYS A 20 -1.83 -2.67 -1.92
C LYS A 20 -2.66 -3.82 -2.48
N CYS A 21 -2.17 -5.04 -2.29
CA CYS A 21 -2.87 -6.22 -2.78
C CYS A 21 -3.93 -6.67 -1.78
N GLY A 22 -3.48 -7.10 -0.59
CA GLY A 22 -4.41 -7.56 0.43
C GLY A 22 -4.13 -8.98 0.86
N THR A 23 -2.88 -9.29 1.15
CA THR A 23 -2.48 -10.62 1.57
C THR A 23 -1.64 -10.57 2.83
N GLY A 24 -1.96 -11.45 3.80
CA GLY A 24 -1.23 -11.49 5.04
C GLY A 24 0.28 -11.40 4.83
N ILE A 25 0.86 -10.26 5.19
CA ILE A 25 2.28 -10.05 5.04
C ILE A 25 3.07 -10.97 5.97
N VAL A 26 4.23 -11.42 5.50
CA VAL A 26 5.09 -12.31 6.28
C VAL A 26 6.56 -11.91 6.15
N GLY A 27 7.16 -11.55 7.28
CA GLY A 27 8.56 -11.15 7.27
C GLY A 27 8.73 -9.66 7.21
N VAL A 28 9.55 -9.19 6.26
CA VAL A 28 9.81 -7.77 6.10
C VAL A 28 8.61 -7.07 5.48
N PHE A 29 8.32 -5.85 5.95
CA PHE A 29 7.21 -5.08 5.44
C PHE A 29 7.31 -3.62 5.86
N VAL A 30 6.65 -2.73 5.12
CA VAL A 30 6.68 -1.30 5.42
C VAL A 30 5.52 -0.92 6.32
N LYS A 31 5.82 -0.74 7.61
CA LYS A 31 4.80 -0.36 8.59
C LYS A 31 4.43 1.11 8.45
N LEU A 32 3.29 1.37 7.82
CA LEU A 32 2.82 2.74 7.61
C LEU A 32 1.83 3.14 8.70
N ARG A 33 1.49 4.42 8.75
CA ARG A 33 0.55 4.94 9.74
C ARG A 33 -0.73 4.12 9.74
N ASP A 34 -1.10 3.60 10.90
CA ASP A 34 -2.31 2.80 11.04
C ASP A 34 -2.59 2.01 9.77
N ARG A 35 -1.52 1.67 9.04
CA ARG A 35 -1.65 0.92 7.81
C ARG A 35 -0.57 -0.16 7.71
N HIS A 36 -0.67 -1.00 6.68
CA HIS A 36 0.30 -2.07 6.47
C HIS A 36 0.45 -2.39 4.99
N ARG A 37 1.69 -2.44 4.53
CA ARG A 37 1.97 -2.74 3.12
C ARG A 37 3.23 -3.57 2.98
N HIS A 38 3.43 -4.15 1.80
CA HIS A 38 4.59 -4.98 1.54
C HIS A 38 5.82 -4.11 1.23
N PRO A 39 7.01 -4.71 1.35
CA PRO A 39 8.27 -4.01 1.09
C PRO A 39 8.47 -3.70 -0.39
N GLU A 40 7.59 -4.26 -1.22
CA GLU A 40 7.67 -4.04 -2.67
C GLU A 40 6.43 -3.31 -3.17
N CYS A 41 5.33 -3.43 -2.43
CA CYS A 41 4.08 -2.78 -2.81
C CYS A 41 4.07 -1.32 -2.36
N TYR A 42 5.13 -0.92 -1.65
CA TYR A 42 5.24 0.44 -1.17
C TYR A 42 5.55 1.41 -2.31
N VAL A 43 5.56 0.89 -3.53
CA VAL A 43 5.83 1.70 -4.71
C VAL A 43 4.66 2.62 -5.04
N CYS A 44 4.93 3.68 -5.79
CA CYS A 44 3.90 4.63 -6.17
C CYS A 44 2.71 3.92 -6.81
N THR A 45 1.53 4.53 -6.70
CA THR A 45 0.31 3.96 -7.26
C THR A 45 0.13 4.38 -8.71
N ASP A 46 0.54 5.60 -9.03
CA ASP A 46 0.42 6.12 -10.39
C ASP A 46 1.35 5.36 -11.34
N CYS A 47 2.65 5.52 -11.15
CA CYS A 47 3.63 4.85 -12.00
C CYS A 47 4.06 3.52 -11.38
N GLY A 48 4.66 3.59 -10.19
CA GLY A 48 5.12 2.38 -9.52
C GLY A 48 6.61 2.38 -9.28
N THR A 49 7.10 3.43 -8.63
CA THR A 49 8.53 3.54 -8.33
C THR A 49 8.80 3.40 -6.84
N ASN A 50 9.97 2.86 -6.51
CA ASN A 50 10.35 2.67 -5.11
C ASN A 50 10.31 3.99 -4.35
N LEU A 51 9.42 4.08 -3.36
CA LEU A 51 9.29 5.29 -2.56
C LEU A 51 10.07 5.17 -1.26
N LYS A 52 10.91 4.13 -1.17
CA LYS A 52 11.72 3.91 0.02
C LYS A 52 12.57 5.13 0.35
N GLN A 53 13.43 5.52 -0.59
CA GLN A 53 14.29 6.67 -0.40
C GLN A 53 13.58 7.96 -0.79
N LYS A 54 13.15 8.04 -2.04
CA LYS A 54 12.45 9.22 -2.54
C LYS A 54 11.37 9.67 -1.55
N GLY A 55 10.59 8.71 -1.06
CA GLY A 55 9.54 9.02 -0.11
C GLY A 55 8.15 8.87 -0.71
N HIS A 56 7.13 8.90 0.14
CA HIS A 56 5.75 8.77 -0.31
C HIS A 56 4.87 9.86 0.28
N PHE A 57 3.73 10.11 -0.35
CA PHE A 57 2.81 11.14 0.11
C PHE A 57 1.40 10.57 0.24
N PHE A 58 0.59 11.19 1.10
CA PHE A 58 -0.78 10.75 1.32
C PHE A 58 -1.76 11.60 0.50
N VAL A 59 -2.39 10.98 -0.49
CA VAL A 59 -3.35 11.68 -1.33
C VAL A 59 -4.56 10.80 -1.64
N GLU A 60 -5.71 11.19 -1.11
CA GLU A 60 -6.94 10.43 -1.33
C GLU A 60 -6.81 9.02 -0.79
N ASP A 61 -6.22 8.89 0.40
CA ASP A 61 -6.03 7.59 1.03
C ASP A 61 -5.16 6.69 0.15
N GLN A 62 -4.23 7.29 -0.58
CA GLN A 62 -3.33 6.54 -1.44
C GLN A 62 -1.89 7.00 -1.27
N ILE A 63 -0.98 6.36 -1.99
CA ILE A 63 0.44 6.71 -1.93
C ILE A 63 1.01 6.97 -3.32
N TYR A 64 1.83 8.02 -3.42
CA TYR A 64 2.44 8.38 -4.69
C TYR A 64 3.86 8.89 -4.48
N CYS A 65 4.56 9.15 -5.58
CA CYS A 65 5.93 9.64 -5.53
C CYS A 65 5.96 11.17 -5.48
N GLU A 66 6.93 11.71 -4.75
CA GLU A 66 7.06 13.16 -4.62
C GLU A 66 6.69 13.86 -5.93
N LYS A 67 7.15 13.29 -7.04
CA LYS A 67 6.86 13.86 -8.35
C LYS A 67 5.36 13.97 -8.59
N HIS A 68 4.66 12.85 -8.52
CA HIS A 68 3.22 12.82 -8.72
C HIS A 68 2.51 13.58 -7.61
N ALA A 69 2.69 13.12 -6.38
CA ALA A 69 2.06 13.76 -5.22
C ALA A 69 2.04 15.27 -5.38
N ARG A 70 3.13 15.82 -5.90
CA ARG A 70 3.23 17.26 -6.09
C ARG A 70 2.26 17.75 -7.16
N GLU A 71 2.19 17.01 -8.27
CA GLU A 71 1.30 17.36 -9.36
C GLU A 71 -0.16 17.12 -8.97
N ARG A 72 -0.38 16.15 -8.10
CA ARG A 72 -1.73 15.82 -7.64
C ARG A 72 -2.33 16.97 -6.84
N VAL A 73 -1.58 17.48 -5.86
CA VAL A 73 -2.05 18.58 -5.04
C VAL A 73 -2.34 19.82 -5.88
N SER A 74 -1.32 20.29 -6.61
CA SER A 74 -1.46 21.46 -7.45
C SER A 74 -1.60 21.06 -8.92
N GLY A 75 -2.65 21.57 -9.56
CA GLY A 75 -2.89 21.26 -10.96
C GLY A 75 -4.36 21.20 -11.31
N PRO A 76 -4.74 20.25 -12.18
CA PRO A 76 -6.12 20.07 -12.62
C PRO A 76 -7.01 19.52 -11.50
N SER A 77 -8.30 19.37 -11.80
CA SER A 77 -9.25 18.85 -10.82
C SER A 77 -10.00 17.65 -11.38
N SER A 78 -10.07 16.58 -10.60
CA SER A 78 -10.76 15.37 -11.01
C SER A 78 -12.25 15.46 -10.73
N GLY A 79 -13.05 14.83 -11.58
CA GLY A 79 -14.49 14.86 -11.41
C GLY A 79 -14.94 14.11 -10.18
N GLY A 1 13.68 -9.70 -7.95
CA GLY A 1 12.78 -9.70 -6.81
C GLY A 1 12.44 -11.11 -6.34
N SER A 2 13.11 -11.55 -5.29
CA SER A 2 12.88 -12.89 -4.76
C SER A 2 11.67 -12.90 -3.84
N SER A 3 10.91 -13.99 -3.88
CA SER A 3 9.71 -14.12 -3.05
C SER A 3 9.61 -15.52 -2.45
N GLY A 4 8.80 -15.66 -1.41
CA GLY A 4 8.63 -16.95 -0.77
C GLY A 4 7.27 -17.10 -0.13
N SER A 5 7.25 -17.23 1.20
CA SER A 5 6.00 -17.39 1.93
C SER A 5 5.17 -18.53 1.35
N SER A 6 5.85 -19.62 0.97
CA SER A 6 5.18 -20.77 0.40
C SER A 6 5.36 -22.00 1.28
N GLY A 7 4.26 -22.72 1.51
CA GLY A 7 4.32 -23.91 2.34
C GLY A 7 2.96 -24.52 2.59
N SER A 8 2.88 -25.84 2.55
CA SER A 8 1.62 -26.55 2.77
C SER A 8 1.04 -26.20 4.13
N ILE A 9 1.88 -26.26 5.16
CA ILE A 9 1.45 -25.96 6.52
C ILE A 9 2.40 -24.99 7.20
N GLY A 10 1.89 -23.82 7.56
CA GLY A 10 2.72 -22.81 8.21
C GLY A 10 2.21 -21.40 7.99
N ASN A 11 1.35 -20.94 8.89
CA ASN A 11 0.79 -19.59 8.78
C ASN A 11 0.73 -18.91 10.14
N ALA A 12 1.06 -17.63 10.16
CA ALA A 12 1.05 -16.86 11.41
C ALA A 12 -0.38 -16.59 11.87
N GLN A 13 -0.51 -16.16 13.12
CA GLN A 13 -1.82 -15.87 13.70
C GLN A 13 -2.38 -14.57 13.14
N LYS A 14 -1.69 -13.47 13.39
CA LYS A 14 -2.12 -12.16 12.92
C LYS A 14 -1.02 -11.50 12.09
N LEU A 15 -1.42 -10.91 10.97
CA LEU A 15 -0.48 -10.24 10.07
C LEU A 15 -1.11 -9.02 9.43
N PRO A 16 -0.31 -7.97 9.24
CA PRO A 16 -0.76 -6.72 8.63
C PRO A 16 -1.06 -6.87 7.14
N MET A 17 -2.32 -7.14 6.81
CA MET A 17 -2.73 -7.31 5.43
C MET A 17 -2.30 -6.12 4.58
N CYS A 18 -1.64 -6.40 3.47
CA CYS A 18 -1.16 -5.35 2.57
C CYS A 18 -2.31 -4.40 2.20
N ASP A 19 -1.95 -3.20 1.77
CA ASP A 19 -2.95 -2.20 1.38
C ASP A 19 -3.12 -2.16 -0.13
N LYS A 20 -2.00 -2.23 -0.85
CA LYS A 20 -2.02 -2.21 -2.31
C LYS A 20 -2.81 -3.39 -2.86
N CYS A 21 -2.34 -4.60 -2.55
CA CYS A 21 -3.00 -5.81 -3.01
C CYS A 21 -4.06 -6.28 -2.01
N GLY A 22 -3.62 -6.52 -0.77
CA GLY A 22 -4.54 -6.97 0.26
C GLY A 22 -4.30 -8.42 0.66
N THR A 23 -3.09 -8.72 1.10
CA THR A 23 -2.74 -10.07 1.52
C THR A 23 -1.92 -10.06 2.80
N GLY A 24 -2.16 -11.04 3.66
CA GLY A 24 -1.43 -11.12 4.92
C GLY A 24 0.07 -11.03 4.73
N ILE A 25 0.66 -9.92 5.16
CA ILE A 25 2.09 -9.72 5.03
C ILE A 25 2.87 -10.69 5.92
N VAL A 26 4.01 -11.17 5.41
CA VAL A 26 4.84 -12.10 6.14
C VAL A 26 6.32 -11.72 6.05
N GLY A 27 6.98 -11.65 7.19
CA GLY A 27 8.39 -11.30 7.21
C GLY A 27 8.62 -9.81 7.07
N VAL A 28 9.59 -9.43 6.24
CA VAL A 28 9.90 -8.02 6.02
C VAL A 28 8.77 -7.32 5.30
N PHE A 29 8.55 -6.05 5.66
CA PHE A 29 7.49 -5.26 5.05
C PHE A 29 7.62 -3.79 5.42
N VAL A 30 6.91 -2.94 4.69
CA VAL A 30 6.95 -1.50 4.95
C VAL A 30 5.80 -1.06 5.85
N LYS A 31 6.12 -0.74 7.10
CA LYS A 31 5.11 -0.31 8.06
C LYS A 31 4.83 1.18 7.92
N LEU A 32 3.57 1.52 7.68
CA LEU A 32 3.17 2.91 7.53
C LEU A 32 2.58 3.46 8.83
N ARG A 33 2.45 4.78 8.91
CA ARG A 33 1.89 5.42 10.09
C ARG A 33 0.85 4.53 10.76
N ASP A 34 -0.32 4.42 10.13
CA ASP A 34 -1.40 3.60 10.67
C ASP A 34 -1.75 2.47 9.71
N ARG A 35 -1.08 2.45 8.55
CA ARG A 35 -1.33 1.43 7.55
C ARG A 35 -0.10 0.53 7.37
N HIS A 36 -0.24 -0.50 6.55
CA HIS A 36 0.86 -1.43 6.29
C HIS A 36 0.86 -1.88 4.84
N ARG A 37 2.05 -2.13 4.30
CA ARG A 37 2.19 -2.57 2.92
C ARG A 37 3.40 -3.48 2.76
N HIS A 38 3.57 -4.02 1.55
CA HIS A 38 4.69 -4.91 1.27
C HIS A 38 5.94 -4.11 0.89
N PRO A 39 7.11 -4.79 0.95
CA PRO A 39 8.39 -4.16 0.63
C PRO A 39 8.53 -3.85 -0.86
N GLU A 40 7.59 -4.36 -1.65
CA GLU A 40 7.61 -4.13 -3.09
C GLU A 40 6.40 -3.31 -3.53
N CYS A 41 5.31 -3.43 -2.78
CA CYS A 41 4.08 -2.69 -3.09
C CYS A 41 4.21 -1.23 -2.67
N TYR A 42 5.01 -0.98 -1.65
CA TYR A 42 5.22 0.38 -1.15
C TYR A 42 5.41 1.36 -2.30
N VAL A 43 5.80 0.84 -3.46
CA VAL A 43 6.02 1.66 -4.64
C VAL A 43 4.80 2.55 -4.92
N CYS A 44 5.02 3.59 -5.71
CA CYS A 44 3.94 4.51 -6.06
C CYS A 44 2.77 3.76 -6.68
N THR A 45 1.61 4.41 -6.71
CA THR A 45 0.40 3.82 -7.27
C THR A 45 0.28 4.12 -8.76
N ASP A 46 0.65 5.34 -9.14
CA ASP A 46 0.57 5.75 -10.54
C ASP A 46 1.56 4.97 -11.39
N CYS A 47 2.84 5.17 -11.13
CA CYS A 47 3.89 4.48 -11.88
C CYS A 47 4.28 3.18 -11.19
N GLY A 48 4.79 3.28 -9.96
CA GLY A 48 5.19 2.11 -9.22
C GLY A 48 6.68 2.06 -8.98
N THR A 49 7.23 3.16 -8.46
CA THR A 49 8.66 3.24 -8.18
C THR A 49 8.94 3.09 -6.69
N ASN A 50 10.11 2.53 -6.36
CA ASN A 50 10.49 2.33 -4.97
C ASN A 50 10.54 3.66 -4.22
N LEU A 51 9.69 3.79 -3.22
CA LEU A 51 9.64 5.01 -2.42
C LEU A 51 10.34 4.82 -1.07
N LYS A 52 11.12 3.74 -0.97
CA LYS A 52 11.84 3.45 0.26
C LYS A 52 12.46 4.72 0.85
N GLN A 53 13.26 5.40 0.05
CA GLN A 53 13.91 6.63 0.50
C GLN A 53 13.14 7.86 0.03
N LYS A 54 12.98 7.97 -1.29
CA LYS A 54 12.26 9.11 -1.87
C LYS A 54 11.13 9.56 -0.95
N GLY A 55 10.32 8.61 -0.49
CA GLY A 55 9.22 8.93 0.39
C GLY A 55 7.87 8.74 -0.28
N HIS A 56 6.81 8.78 0.52
CA HIS A 56 5.46 8.61 0.00
C HIS A 56 4.52 9.68 0.55
N PHE A 57 3.44 9.94 -0.17
CA PHE A 57 2.46 10.95 0.23
C PHE A 57 1.09 10.31 0.46
N PHE A 58 0.20 11.07 1.09
CA PHE A 58 -1.15 10.58 1.37
C PHE A 58 -2.19 11.38 0.58
N VAL A 59 -2.82 10.73 -0.40
CA VAL A 59 -3.83 11.38 -1.22
C VAL A 59 -4.82 10.37 -1.78
N GLU A 60 -6.10 10.61 -1.55
CA GLU A 60 -7.15 9.71 -2.04
C GLU A 60 -6.97 8.31 -1.46
N ASP A 61 -6.60 8.25 -0.18
CA ASP A 61 -6.40 6.96 0.47
C ASP A 61 -5.39 6.11 -0.29
N GLN A 62 -4.43 6.76 -0.93
CA GLN A 62 -3.41 6.06 -1.70
C GLN A 62 -2.03 6.64 -1.43
N ILE A 63 -1.02 6.04 -2.04
CA ILE A 63 0.35 6.50 -1.86
C ILE A 63 1.04 6.72 -3.21
N TYR A 64 1.67 7.88 -3.36
CA TYR A 64 2.36 8.21 -4.60
C TYR A 64 3.76 8.77 -4.30
N CYS A 65 4.51 9.05 -5.36
CA CYS A 65 5.86 9.60 -5.23
C CYS A 65 5.84 11.12 -5.20
N GLU A 66 6.68 11.70 -4.36
CA GLU A 66 6.75 13.15 -4.24
C GLU A 66 6.45 13.83 -5.57
N LYS A 67 6.90 13.20 -6.67
CA LYS A 67 6.67 13.74 -8.00
C LYS A 67 5.18 13.77 -8.32
N HIS A 68 4.55 12.61 -8.28
CA HIS A 68 3.11 12.51 -8.57
C HIS A 68 2.29 13.17 -7.47
N ALA A 69 2.67 12.91 -6.22
CA ALA A 69 1.96 13.48 -5.08
C ALA A 69 1.75 14.98 -5.25
N ARG A 70 2.85 15.72 -5.31
CA ARG A 70 2.80 17.17 -5.47
C ARG A 70 1.88 17.55 -6.63
N GLU A 71 1.91 16.74 -7.69
CA GLU A 71 1.09 17.00 -8.86
C GLU A 71 -0.40 16.81 -8.53
N ARG A 72 -0.70 15.80 -7.72
CA ARG A 72 -2.07 15.52 -7.34
C ARG A 72 -2.56 16.51 -6.28
N VAL A 73 -1.85 16.55 -5.15
CA VAL A 73 -2.21 17.45 -4.07
C VAL A 73 -2.53 18.85 -4.60
N SER A 74 -1.64 19.37 -5.45
CA SER A 74 -1.83 20.70 -6.03
C SER A 74 -2.79 20.65 -7.22
N GLY A 75 -3.75 21.56 -7.23
CA GLY A 75 -4.72 21.60 -8.32
C GLY A 75 -5.94 22.41 -7.98
N PRO A 76 -7.08 22.07 -8.62
CA PRO A 76 -8.34 22.77 -8.39
C PRO A 76 -8.93 22.49 -7.01
N SER A 77 -8.65 21.29 -6.49
CA SER A 77 -9.14 20.90 -5.18
C SER A 77 -8.27 21.47 -4.06
N SER A 78 -8.69 21.27 -2.83
CA SER A 78 -7.94 21.78 -1.67
C SER A 78 -6.76 20.88 -1.36
N GLY A 79 -5.60 21.50 -1.13
CA GLY A 79 -4.40 20.74 -0.82
C GLY A 79 -4.56 19.89 0.42
N GLY A 1 -28.86 -25.88 -0.55
CA GLY A 1 -27.57 -26.43 -0.18
C GLY A 1 -26.84 -25.55 0.83
N SER A 2 -26.08 -26.20 1.71
CA SER A 2 -25.33 -25.48 2.74
C SER A 2 -24.35 -24.49 2.10
N SER A 3 -24.28 -23.29 2.67
CA SER A 3 -23.40 -22.25 2.16
C SER A 3 -22.05 -22.29 2.88
N GLY A 4 -22.11 -22.25 4.21
CA GLY A 4 -20.89 -22.27 5.00
C GLY A 4 -20.64 -20.95 5.72
N SER A 5 -19.52 -20.88 6.43
CA SER A 5 -19.17 -19.67 7.18
C SER A 5 -17.78 -19.17 6.77
N SER A 6 -17.55 -17.88 6.96
CA SER A 6 -16.27 -17.27 6.61
C SER A 6 -15.33 -17.27 7.82
N GLY A 7 -15.78 -16.67 8.92
CA GLY A 7 -14.97 -16.60 10.12
C GLY A 7 -15.64 -15.84 11.23
N SER A 8 -15.95 -16.52 12.32
CA SER A 8 -16.61 -15.89 13.46
C SER A 8 -15.61 -15.12 14.31
N ILE A 9 -14.57 -15.81 14.77
CA ILE A 9 -13.54 -15.19 15.59
C ILE A 9 -12.30 -14.87 14.76
N GLY A 10 -11.64 -13.76 15.09
CA GLY A 10 -10.45 -13.35 14.37
C GLY A 10 -9.18 -13.89 15.00
N ASN A 11 -8.13 -14.03 14.20
CA ASN A 11 -6.85 -14.54 14.68
C ASN A 11 -5.74 -13.50 14.48
N ALA A 12 -4.72 -13.56 15.32
CA ALA A 12 -3.60 -12.64 15.23
C ALA A 12 -2.46 -13.24 14.42
N GLN A 13 -2.19 -14.53 14.63
CA GLN A 13 -1.12 -15.22 13.92
C GLN A 13 -1.01 -14.73 12.49
N LYS A 14 -2.16 -14.51 11.86
CA LYS A 14 -2.20 -14.04 10.48
C LYS A 14 -1.48 -12.70 10.34
N LEU A 15 -0.73 -12.54 9.26
CA LEU A 15 0.00 -11.30 9.01
C LEU A 15 -0.94 -10.18 8.62
N PRO A 16 -0.49 -8.93 8.78
CA PRO A 16 -1.28 -7.74 8.45
C PRO A 16 -1.46 -7.57 6.95
N MET A 17 -2.68 -7.78 6.47
CA MET A 17 -2.98 -7.65 5.05
C MET A 17 -2.50 -6.31 4.52
N CYS A 18 -1.70 -6.35 3.46
CA CYS A 18 -1.18 -5.14 2.85
C CYS A 18 -2.31 -4.24 2.34
N ASP A 19 -2.05 -2.95 2.27
CA ASP A 19 -3.04 -1.98 1.80
C ASP A 19 -3.29 -2.15 0.31
N LYS A 20 -2.21 -2.22 -0.46
CA LYS A 20 -2.30 -2.37 -1.91
C LYS A 20 -3.13 -3.61 -2.27
N CYS A 21 -2.65 -4.77 -1.85
CA CYS A 21 -3.34 -6.03 -2.12
C CYS A 21 -4.20 -6.44 -0.93
N GLY A 22 -3.55 -6.82 0.16
CA GLY A 22 -4.28 -7.24 1.35
C GLY A 22 -4.31 -8.74 1.51
N THR A 23 -3.15 -9.38 1.31
CA THR A 23 -3.05 -10.83 1.43
C THR A 23 -2.50 -11.22 2.80
N GLY A 24 -1.22 -10.91 3.03
CA GLY A 24 -0.59 -11.24 4.29
C GLY A 24 0.88 -10.88 4.32
N ILE A 25 1.19 -9.73 4.90
CA ILE A 25 2.58 -9.27 4.99
C ILE A 25 3.45 -10.31 5.68
N VAL A 26 4.22 -11.05 4.89
CA VAL A 26 5.11 -12.07 5.43
C VAL A 26 6.56 -11.60 5.43
N GLY A 27 7.21 -11.76 6.58
CA GLY A 27 8.60 -11.34 6.69
C GLY A 27 8.75 -9.83 6.66
N VAL A 28 9.87 -9.36 6.11
CA VAL A 28 10.13 -7.93 6.02
C VAL A 28 8.96 -7.19 5.39
N PHE A 29 8.76 -5.94 5.80
CA PHE A 29 7.68 -5.13 5.27
C PHE A 29 7.88 -3.66 5.62
N VAL A 30 6.99 -2.80 5.12
CA VAL A 30 7.07 -1.38 5.38
C VAL A 30 5.84 -0.88 6.12
N LYS A 31 5.99 -0.67 7.43
CA LYS A 31 4.88 -0.20 8.25
C LYS A 31 4.65 1.29 8.05
N LEU A 32 3.49 1.63 7.51
CA LEU A 32 3.14 3.03 7.26
C LEU A 32 2.63 3.71 8.54
N ARG A 33 2.55 5.03 8.50
CA ARG A 33 2.08 5.79 9.66
C ARG A 33 1.05 4.99 10.45
N ASP A 34 -0.17 4.91 9.91
CA ASP A 34 -1.24 4.18 10.57
C ASP A 34 -1.70 3.01 9.70
N ARG A 35 -0.97 2.73 8.63
CA ARG A 35 -1.31 1.65 7.73
C ARG A 35 -0.10 0.73 7.51
N HIS A 36 -0.33 -0.37 6.80
CA HIS A 36 0.73 -1.34 6.51
C HIS A 36 0.75 -1.71 5.03
N ARG A 37 1.94 -1.96 4.50
CA ARG A 37 2.08 -2.32 3.10
C ARG A 37 3.34 -3.17 2.89
N HIS A 38 3.27 -4.08 1.93
CA HIS A 38 4.40 -4.95 1.63
C HIS A 38 5.64 -4.13 1.28
N PRO A 39 6.82 -4.77 1.37
CA PRO A 39 8.10 -4.11 1.07
C PRO A 39 8.26 -3.81 -0.42
N GLU A 40 7.33 -4.31 -1.22
CA GLU A 40 7.37 -4.09 -2.67
C GLU A 40 6.15 -3.30 -3.13
N CYS A 41 5.07 -3.37 -2.36
CA CYS A 41 3.85 -2.66 -2.69
C CYS A 41 3.91 -1.21 -2.24
N TYR A 42 4.96 -0.87 -1.51
CA TYR A 42 5.14 0.50 -1.02
C TYR A 42 5.51 1.43 -2.16
N VAL A 43 5.48 0.91 -3.38
CA VAL A 43 5.81 1.71 -4.56
C VAL A 43 4.63 2.59 -4.97
N CYS A 44 4.93 3.63 -5.75
CA CYS A 44 3.89 4.55 -6.20
C CYS A 44 2.78 3.80 -6.92
N THR A 45 1.57 4.36 -6.89
CA THR A 45 0.42 3.74 -7.53
C THR A 45 0.33 4.13 -9.00
N ASP A 46 0.78 5.34 -9.32
CA ASP A 46 0.77 5.83 -10.69
C ASP A 46 1.78 5.08 -11.56
N CYS A 47 3.05 5.24 -11.24
CA CYS A 47 4.12 4.57 -11.98
C CYS A 47 4.51 3.26 -11.30
N GLY A 48 5.05 3.37 -10.09
CA GLY A 48 5.46 2.18 -9.36
C GLY A 48 6.94 2.19 -9.03
N THR A 49 7.40 3.26 -8.38
CA THR A 49 8.80 3.38 -8.01
C THR A 49 9.00 3.13 -6.52
N ASN A 50 10.16 2.60 -6.17
CA ASN A 50 10.48 2.31 -4.77
C ASN A 50 10.49 3.59 -3.94
N LEU A 51 9.47 3.75 -3.10
CA LEU A 51 9.36 4.93 -2.25
C LEU A 51 10.05 4.70 -0.91
N LYS A 52 10.81 3.62 -0.82
CA LYS A 52 11.53 3.28 0.41
C LYS A 52 12.25 4.51 0.97
N GLN A 53 13.09 5.11 0.16
CA GLN A 53 13.84 6.30 0.57
C GLN A 53 13.15 7.57 0.10
N LYS A 54 12.92 7.67 -1.20
CA LYS A 54 12.27 8.84 -1.78
C LYS A 54 11.12 9.32 -0.88
N GLY A 55 10.27 8.39 -0.46
CA GLY A 55 9.16 8.73 0.40
C GLY A 55 7.82 8.63 -0.31
N HIS A 56 6.74 8.59 0.45
CA HIS A 56 5.40 8.49 -0.12
C HIS A 56 4.50 9.60 0.43
N PHE A 57 3.37 9.80 -0.25
CA PHE A 57 2.42 10.84 0.16
C PHE A 57 1.02 10.25 0.32
N PHE A 58 0.13 11.03 0.94
CA PHE A 58 -1.23 10.59 1.16
C PHE A 58 -2.22 11.43 0.34
N VAL A 59 -2.82 10.81 -0.67
CA VAL A 59 -3.77 11.50 -1.53
C VAL A 59 -4.94 10.59 -1.89
N GLU A 60 -6.15 10.99 -1.50
CA GLU A 60 -7.34 10.21 -1.79
C GLU A 60 -7.21 8.79 -1.26
N ASP A 61 -6.63 8.67 -0.06
CA ASP A 61 -6.44 7.37 0.57
C ASP A 61 -5.52 6.49 -0.28
N GLN A 62 -4.57 7.12 -0.95
CA GLN A 62 -3.62 6.40 -1.80
C GLN A 62 -2.20 6.87 -1.54
N ILE A 63 -1.23 6.19 -2.16
CA ILE A 63 0.17 6.55 -2.00
C ILE A 63 0.82 6.85 -3.35
N TYR A 64 1.68 7.85 -3.38
CA TYR A 64 2.37 8.24 -4.60
C TYR A 64 3.75 8.82 -4.30
N CYS A 65 4.51 9.11 -5.35
CA CYS A 65 5.85 9.66 -5.19
C CYS A 65 5.82 11.18 -5.28
N GLU A 66 6.63 11.82 -4.45
CA GLU A 66 6.70 13.29 -4.43
C GLU A 66 6.48 13.86 -5.83
N LYS A 67 7.08 13.21 -6.82
CA LYS A 67 6.96 13.65 -8.21
C LYS A 67 5.49 13.71 -8.63
N HIS A 68 4.75 12.63 -8.37
CA HIS A 68 3.34 12.56 -8.71
C HIS A 68 2.49 13.26 -7.66
N ALA A 69 2.67 12.87 -6.41
CA ALA A 69 1.92 13.46 -5.30
C ALA A 69 1.83 14.97 -5.44
N ARG A 70 3.00 15.61 -5.56
CA ARG A 70 3.05 17.06 -5.69
C ARG A 70 2.14 17.55 -6.82
N GLU A 71 2.03 16.74 -7.87
CA GLU A 71 1.18 17.08 -9.00
C GLU A 71 -0.30 16.96 -8.64
N ARG A 72 -0.60 16.01 -7.76
CA ARG A 72 -1.98 15.78 -7.33
C ARG A 72 -2.45 16.90 -6.40
N VAL A 73 -1.64 17.22 -5.40
CA VAL A 73 -1.97 18.27 -4.44
C VAL A 73 -2.71 19.42 -5.13
N SER A 74 -2.39 19.64 -6.40
CA SER A 74 -3.02 20.71 -7.16
C SER A 74 -4.53 20.74 -6.92
N GLY A 75 -5.16 19.57 -6.98
CA GLY A 75 -6.59 19.49 -6.76
C GLY A 75 -7.31 18.78 -7.89
N PRO A 76 -8.41 18.09 -7.56
CA PRO A 76 -9.21 17.35 -8.53
C PRO A 76 -9.96 18.27 -9.48
N SER A 77 -10.26 17.77 -10.68
CA SER A 77 -10.97 18.55 -11.68
C SER A 77 -12.48 18.52 -11.43
N SER A 78 -13.18 19.51 -11.96
CA SER A 78 -14.63 19.60 -11.79
C SER A 78 -15.31 18.29 -12.17
N GLY A 79 -16.06 17.73 -11.23
CA GLY A 79 -16.75 16.47 -11.49
C GLY A 79 -16.88 15.62 -10.25
N GLY A 1 -30.62 -34.84 24.26
CA GLY A 1 -29.19 -35.05 24.26
C GLY A 1 -28.42 -33.76 24.14
N SER A 2 -27.12 -33.81 24.41
CA SER A 2 -26.26 -32.64 24.31
C SER A 2 -24.86 -33.01 23.89
N SER A 3 -24.19 -32.09 23.19
CA SER A 3 -22.82 -32.33 22.72
C SER A 3 -22.04 -31.04 22.66
N GLY A 4 -20.74 -31.12 22.97
CA GLY A 4 -19.90 -29.94 22.94
C GLY A 4 -18.97 -29.92 21.75
N SER A 5 -17.70 -30.27 21.97
CA SER A 5 -16.72 -30.28 20.89
C SER A 5 -16.63 -28.93 20.21
N SER A 6 -16.66 -27.86 21.01
CA SER A 6 -16.60 -26.50 20.49
C SER A 6 -15.49 -25.71 21.17
N GLY A 7 -14.88 -24.80 20.42
CA GLY A 7 -13.81 -23.98 20.97
C GLY A 7 -13.53 -22.74 20.13
N SER A 8 -13.36 -21.61 20.80
CA SER A 8 -13.10 -20.35 20.11
C SER A 8 -11.62 -20.25 19.74
N ILE A 9 -11.35 -19.67 18.58
CA ILE A 9 -9.98 -19.49 18.10
C ILE A 9 -9.55 -18.04 18.16
N GLY A 10 -10.48 -17.13 17.86
CA GLY A 10 -10.18 -15.72 17.89
C GLY A 10 -9.03 -15.35 16.97
N ASN A 11 -8.68 -14.07 16.94
CA ASN A 11 -7.60 -13.59 16.10
C ASN A 11 -6.51 -12.92 16.94
N ALA A 12 -5.28 -13.41 16.81
CA ALA A 12 -4.16 -12.84 17.55
C ALA A 12 -2.87 -12.93 16.74
N GLN A 13 -2.11 -11.83 16.74
CA GLN A 13 -0.85 -11.79 16.00
C GLN A 13 -1.09 -11.97 14.50
N LYS A 14 -2.13 -11.33 13.99
CA LYS A 14 -2.48 -11.42 12.58
C LYS A 14 -1.50 -10.61 11.73
N LEU A 15 -1.21 -11.12 10.53
CA LEU A 15 -0.28 -10.44 9.62
C LEU A 15 -0.90 -9.15 9.10
N PRO A 16 -0.03 -8.15 8.84
CA PRO A 16 -0.46 -6.84 8.32
C PRO A 16 -0.94 -6.93 6.88
N MET A 17 -2.26 -6.84 6.70
CA MET A 17 -2.86 -6.90 5.37
C MET A 17 -2.39 -5.73 4.51
N CYS A 18 -1.67 -6.03 3.45
CA CYS A 18 -1.17 -5.00 2.55
C CYS A 18 -2.29 -4.08 2.09
N ASP A 19 -1.93 -2.91 1.60
CA ASP A 19 -2.90 -1.94 1.11
C ASP A 19 -3.05 -2.02 -0.40
N LYS A 20 -1.93 -2.08 -1.09
CA LYS A 20 -1.93 -2.16 -2.55
C LYS A 20 -2.77 -3.33 -3.03
N CYS A 21 -2.41 -4.53 -2.60
CA CYS A 21 -3.14 -5.74 -2.98
C CYS A 21 -4.17 -6.11 -1.92
N GLY A 22 -3.69 -6.43 -0.73
CA GLY A 22 -4.59 -6.81 0.36
C GLY A 22 -4.42 -8.25 0.77
N THR A 23 -3.29 -8.56 1.40
CA THR A 23 -3.01 -9.92 1.86
C THR A 23 -1.97 -9.92 2.98
N GLY A 24 -2.27 -10.65 4.04
CA GLY A 24 -1.35 -10.73 5.16
C GLY A 24 0.10 -10.88 4.72
N ILE A 25 0.94 -9.95 5.15
CA ILE A 25 2.36 -9.98 4.79
C ILE A 25 3.12 -10.95 5.69
N VAL A 26 4.30 -11.37 5.23
CA VAL A 26 5.14 -12.29 5.99
C VAL A 26 6.58 -11.79 6.07
N GLY A 27 7.08 -11.65 7.30
CA GLY A 27 8.43 -11.18 7.50
C GLY A 27 8.58 -9.70 7.24
N VAL A 28 9.68 -9.32 6.60
CA VAL A 28 9.93 -7.92 6.29
C VAL A 28 8.76 -7.29 5.54
N PHE A 29 8.33 -6.11 5.99
CA PHE A 29 7.23 -5.41 5.36
C PHE A 29 7.17 -3.96 5.81
N VAL A 30 6.53 -3.11 5.01
CA VAL A 30 6.42 -1.70 5.33
C VAL A 30 5.30 -1.44 6.34
N LYS A 31 5.61 -0.68 7.37
CA LYS A 31 4.63 -0.37 8.41
C LYS A 31 4.26 1.12 8.38
N LEU A 32 3.10 1.42 7.83
CA LEU A 32 2.63 2.80 7.75
C LEU A 32 2.02 3.25 9.07
N ARG A 33 1.80 4.56 9.20
CA ARG A 33 1.22 5.11 10.41
C ARG A 33 0.24 4.13 11.04
N ASP A 34 -0.93 3.98 10.43
CA ASP A 34 -1.95 3.07 10.93
C ASP A 34 -2.24 1.96 9.92
N ARG A 35 -1.41 1.89 8.87
CA ARG A 35 -1.58 0.88 7.84
C ARG A 35 -0.27 0.16 7.56
N HIS A 36 -0.33 -0.87 6.73
CA HIS A 36 0.86 -1.64 6.38
C HIS A 36 0.89 -1.96 4.90
N ARG A 37 2.09 -2.15 4.36
CA ARG A 37 2.25 -2.44 2.94
C ARG A 37 3.47 -3.35 2.71
N HIS A 38 3.53 -3.95 1.52
CA HIS A 38 4.64 -4.84 1.18
C HIS A 38 5.88 -4.05 0.79
N PRO A 39 7.05 -4.69 0.90
CA PRO A 39 8.34 -4.07 0.56
C PRO A 39 8.49 -3.81 -0.93
N GLU A 40 7.57 -4.38 -1.71
CA GLU A 40 7.61 -4.22 -3.16
C GLU A 40 6.42 -3.40 -3.65
N CYS A 41 5.37 -3.37 -2.85
CA CYS A 41 4.16 -2.62 -3.20
C CYS A 41 4.31 -1.15 -2.83
N TYR A 42 5.10 -0.88 -1.79
CA TYR A 42 5.32 0.49 -1.34
C TYR A 42 5.56 1.43 -2.52
N VAL A 43 5.98 0.85 -3.64
CA VAL A 43 6.24 1.63 -4.84
C VAL A 43 5.06 2.51 -5.20
N CYS A 44 5.32 3.59 -5.93
CA CYS A 44 4.26 4.51 -6.34
C CYS A 44 3.11 3.77 -7.02
N THR A 45 1.89 4.17 -6.71
CA THR A 45 0.71 3.53 -7.29
C THR A 45 0.50 3.97 -8.73
N ASP A 46 0.98 5.17 -9.05
CA ASP A 46 0.85 5.71 -10.40
C ASP A 46 1.76 4.97 -11.37
N CYS A 47 3.07 5.13 -11.18
CA CYS A 47 4.05 4.48 -12.04
C CYS A 47 4.50 3.15 -11.45
N GLY A 48 5.15 3.21 -10.29
CA GLY A 48 5.62 2.01 -9.62
C GLY A 48 7.10 2.09 -9.25
N THR A 49 7.47 3.18 -8.60
CA THR A 49 8.86 3.39 -8.19
C THR A 49 9.01 3.25 -6.67
N ASN A 50 10.06 2.56 -6.25
CA ASN A 50 10.33 2.37 -4.83
C ASN A 50 10.42 3.71 -4.10
N LEU A 51 9.50 3.93 -3.18
CA LEU A 51 9.47 5.17 -2.41
C LEU A 51 10.23 5.01 -1.10
N LYS A 52 10.92 3.89 -0.95
CA LYS A 52 11.69 3.60 0.25
C LYS A 52 12.50 4.83 0.68
N GLN A 53 13.23 5.41 -0.27
CA GLN A 53 14.05 6.59 0.02
C GLN A 53 13.31 7.86 -0.39
N LYS A 54 12.89 7.92 -1.65
CA LYS A 54 12.17 9.08 -2.18
C LYS A 54 11.10 9.54 -1.20
N GLY A 55 10.27 8.61 -0.74
CA GLY A 55 9.21 8.94 0.19
C GLY A 55 7.83 8.78 -0.42
N HIS A 56 6.84 8.52 0.44
CA HIS A 56 5.46 8.34 -0.02
C HIS A 56 4.57 9.47 0.48
N PHE A 57 3.59 9.85 -0.33
CA PHE A 57 2.66 10.91 0.04
C PHE A 57 1.26 10.37 0.26
N PHE A 58 0.51 11.02 1.14
CA PHE A 58 -0.86 10.60 1.43
C PHE A 58 -1.86 11.39 0.61
N VAL A 59 -2.55 10.70 -0.30
CA VAL A 59 -3.54 11.33 -1.16
C VAL A 59 -4.72 10.41 -1.40
N GLU A 60 -5.87 10.77 -0.84
CA GLU A 60 -7.08 9.98 -1.00
C GLU A 60 -6.88 8.56 -0.46
N ASP A 61 -6.22 8.47 0.70
CA ASP A 61 -5.96 7.17 1.32
C ASP A 61 -5.07 6.31 0.42
N GLN A 62 -4.19 6.96 -0.33
CA GLN A 62 -3.28 6.26 -1.22
C GLN A 62 -1.85 6.76 -1.06
N ILE A 63 -0.91 6.07 -1.69
CA ILE A 63 0.50 6.45 -1.61
C ILE A 63 1.07 6.73 -3.00
N TYR A 64 1.87 7.79 -3.10
CA TYR A 64 2.48 8.17 -4.37
C TYR A 64 3.86 8.79 -4.15
N CYS A 65 4.56 9.07 -5.24
CA CYS A 65 5.90 9.66 -5.17
C CYS A 65 5.81 11.18 -5.20
N GLU A 66 6.78 11.83 -4.57
CA GLU A 66 6.82 13.29 -4.53
C GLU A 66 6.46 13.88 -5.89
N LYS A 67 7.00 13.28 -6.95
CA LYS A 67 6.75 13.76 -8.30
C LYS A 67 5.25 13.81 -8.59
N HIS A 68 4.61 12.63 -8.61
CA HIS A 68 3.18 12.55 -8.86
C HIS A 68 2.38 13.29 -7.79
N ALA A 69 2.60 12.90 -6.54
CA ALA A 69 1.90 13.53 -5.42
C ALA A 69 1.66 15.01 -5.69
N ARG A 70 2.75 15.76 -5.86
CA ARG A 70 2.66 17.19 -6.11
C ARG A 70 1.55 17.49 -7.12
N GLU A 71 1.54 16.74 -8.22
CA GLU A 71 0.54 16.93 -9.26
C GLU A 71 -0.87 16.69 -8.71
N ARG A 72 -1.00 15.71 -7.83
CA ARG A 72 -2.28 15.38 -7.22
C ARG A 72 -2.75 16.49 -6.28
N VAL A 73 -1.91 16.81 -5.30
CA VAL A 73 -2.23 17.85 -4.33
C VAL A 73 -2.47 19.19 -5.03
N SER A 74 -1.81 19.38 -6.15
CA SER A 74 -1.96 20.63 -6.91
C SER A 74 -3.31 20.66 -7.64
N GLY A 75 -3.68 19.54 -8.24
CA GLY A 75 -4.94 19.47 -8.95
C GLY A 75 -6.13 19.78 -8.08
N PRO A 76 -7.31 19.28 -8.47
CA PRO A 76 -8.55 19.50 -7.72
C PRO A 76 -8.57 18.74 -6.39
N SER A 77 -8.98 19.43 -5.33
CA SER A 77 -9.04 18.83 -4.00
C SER A 77 -9.86 19.69 -3.05
N SER A 78 -10.45 19.05 -2.04
CA SER A 78 -11.27 19.76 -1.07
C SER A 78 -11.30 19.00 0.26
N GLY A 79 -11.73 19.70 1.32
CA GLY A 79 -11.79 19.07 2.63
C GLY A 79 -11.12 19.91 3.70
N GLY A 1 9.88 -23.26 -7.98
CA GLY A 1 9.70 -22.98 -6.57
C GLY A 1 10.05 -24.16 -5.68
N SER A 2 10.99 -23.95 -4.77
CA SER A 2 11.41 -25.01 -3.86
C SER A 2 11.34 -24.54 -2.41
N SER A 3 10.82 -25.41 -1.54
CA SER A 3 10.70 -25.10 -0.12
C SER A 3 10.51 -26.36 0.71
N GLY A 4 10.78 -26.26 2.00
CA GLY A 4 10.63 -27.40 2.88
C GLY A 4 9.28 -27.46 3.55
N SER A 5 8.33 -28.15 2.91
CA SER A 5 6.98 -28.28 3.45
C SER A 5 7.02 -28.76 4.90
N SER A 6 6.01 -28.36 5.67
CA SER A 6 5.92 -28.75 7.07
C SER A 6 4.48 -28.65 7.57
N GLY A 7 4.22 -29.28 8.72
CA GLY A 7 2.88 -29.26 9.28
C GLY A 7 2.89 -29.46 10.79
N SER A 8 3.83 -28.81 11.47
CA SER A 8 3.93 -28.91 12.92
C SER A 8 3.03 -27.91 13.61
N ILE A 9 3.10 -26.66 13.18
CA ILE A 9 2.28 -25.60 13.75
C ILE A 9 0.84 -25.68 13.26
N GLY A 10 -0.10 -25.53 14.18
CA GLY A 10 -1.51 -25.58 13.81
C GLY A 10 -2.20 -24.25 13.99
N ASN A 11 -2.16 -23.71 15.20
CA ASN A 11 -2.79 -22.43 15.49
C ASN A 11 -2.17 -21.32 14.67
N ALA A 12 -2.90 -20.84 13.66
CA ALA A 12 -2.43 -19.77 12.80
C ALA A 12 -2.44 -18.43 13.53
N GLN A 13 -1.80 -17.43 12.94
CA GLN A 13 -1.74 -16.09 13.53
C GLN A 13 -2.27 -15.05 12.56
N LYS A 14 -2.52 -13.84 13.08
CA LYS A 14 -3.03 -12.75 12.26
C LYS A 14 -1.88 -11.93 11.68
N LEU A 15 -2.09 -11.41 10.48
CA LEU A 15 -1.08 -10.60 9.81
C LEU A 15 -1.72 -9.39 9.12
N PRO A 16 -0.98 -8.27 9.09
CA PRO A 16 -1.44 -7.03 8.46
C PRO A 16 -1.52 -7.14 6.94
N MET A 17 -2.70 -7.45 6.43
CA MET A 17 -2.89 -7.58 4.99
C MET A 17 -2.38 -6.35 4.25
N CYS A 18 -1.66 -6.57 3.16
CA CYS A 18 -1.11 -5.47 2.37
C CYS A 18 -2.21 -4.50 1.95
N ASP A 19 -1.84 -3.23 1.80
CA ASP A 19 -2.80 -2.21 1.40
C ASP A 19 -2.76 -1.98 -0.11
N LYS A 20 -1.60 -2.23 -0.71
CA LYS A 20 -1.41 -2.06 -2.15
C LYS A 20 -2.17 -3.13 -2.91
N CYS A 21 -1.74 -4.38 -2.77
CA CYS A 21 -2.39 -5.49 -3.46
C CYS A 21 -3.48 -6.11 -2.59
N GLY A 22 -3.12 -6.50 -1.36
CA GLY A 22 -4.08 -7.09 -0.45
C GLY A 22 -3.78 -8.54 -0.18
N THR A 23 -2.72 -8.79 0.60
CA THR A 23 -2.33 -10.15 0.95
C THR A 23 -1.57 -10.19 2.27
N GLY A 24 -1.95 -11.12 3.14
CA GLY A 24 -1.29 -11.24 4.42
C GLY A 24 0.21 -11.00 4.34
N ILE A 25 0.72 -10.16 5.23
CA ILE A 25 2.15 -9.86 5.25
C ILE A 25 2.89 -10.75 6.24
N VAL A 26 4.15 -11.05 5.93
CA VAL A 26 4.97 -11.88 6.80
C VAL A 26 6.42 -11.42 6.81
N GLY A 27 7.03 -11.42 7.99
CA GLY A 27 8.42 -10.99 8.12
C GLY A 27 8.59 -9.53 7.79
N VAL A 28 9.72 -9.20 7.16
CA VAL A 28 10.01 -7.82 6.78
C VAL A 28 8.88 -7.22 5.96
N PHE A 29 8.47 -6.00 6.32
CA PHE A 29 7.40 -5.32 5.62
C PHE A 29 7.35 -3.84 5.99
N VAL A 30 6.73 -3.04 5.13
CA VAL A 30 6.62 -1.60 5.37
C VAL A 30 5.51 -1.30 6.37
N LYS A 31 5.86 -0.52 7.40
CA LYS A 31 4.89 -0.15 8.44
C LYS A 31 4.57 1.33 8.37
N LEU A 32 3.38 1.65 7.85
CA LEU A 32 2.96 3.05 7.74
C LEU A 32 2.31 3.53 9.03
N ARG A 33 2.12 4.83 9.13
CA ARG A 33 1.50 5.42 10.32
C ARG A 33 0.49 4.46 10.94
N ASP A 34 -0.65 4.32 10.28
CA ASP A 34 -1.71 3.44 10.76
C ASP A 34 -1.98 2.31 9.76
N ARG A 35 -1.18 2.27 8.70
CA ARG A 35 -1.34 1.25 7.68
C ARG A 35 -0.04 0.46 7.48
N HIS A 36 -0.12 -0.61 6.69
CA HIS A 36 1.05 -1.44 6.43
C HIS A 36 1.08 -1.90 4.98
N ARG A 37 2.28 -2.07 4.45
CA ARG A 37 2.44 -2.50 3.05
C ARG A 37 3.66 -3.40 2.91
N HIS A 38 3.80 -4.02 1.74
CA HIS A 38 4.92 -4.92 1.47
C HIS A 38 6.15 -4.12 1.05
N PRO A 39 7.34 -4.75 1.17
CA PRO A 39 8.62 -4.12 0.82
C PRO A 39 8.77 -3.94 -0.69
N GLU A 40 7.90 -4.60 -1.45
CA GLU A 40 7.94 -4.52 -2.90
C GLU A 40 6.71 -3.78 -3.44
N CYS A 41 5.67 -3.69 -2.60
CA CYS A 41 4.44 -3.03 -3.00
C CYS A 41 4.47 -1.55 -2.58
N TYR A 42 5.59 -1.13 -2.02
CA TYR A 42 5.74 0.26 -1.59
C TYR A 42 6.03 1.18 -2.77
N VAL A 43 5.73 0.69 -3.97
CA VAL A 43 5.96 1.47 -5.19
C VAL A 43 4.81 2.44 -5.43
N CYS A 44 5.09 3.52 -6.14
CA CYS A 44 4.08 4.53 -6.45
C CYS A 44 2.88 3.90 -7.15
N THR A 45 1.69 4.15 -6.62
CA THR A 45 0.47 3.61 -7.19
C THR A 45 0.26 4.12 -8.61
N ASP A 46 0.76 5.32 -8.89
CA ASP A 46 0.62 5.92 -10.22
C ASP A 46 1.49 5.18 -11.23
N CYS A 47 2.80 5.30 -11.08
CA CYS A 47 3.74 4.64 -11.98
C CYS A 47 4.17 3.28 -11.43
N GLY A 48 4.83 3.30 -10.28
CA GLY A 48 5.28 2.06 -9.66
C GLY A 48 6.78 2.05 -9.40
N THR A 49 7.25 3.09 -8.72
CA THR A 49 8.67 3.19 -8.40
C THR A 49 8.92 3.06 -6.90
N ASN A 50 9.99 2.36 -6.54
CA ASN A 50 10.33 2.15 -5.15
C ASN A 50 10.44 3.48 -4.41
N LEU A 51 9.48 3.73 -3.52
CA LEU A 51 9.46 4.98 -2.75
C LEU A 51 10.23 4.81 -1.44
N LYS A 52 10.95 3.70 -1.32
CA LYS A 52 11.74 3.42 -0.12
C LYS A 52 12.49 4.67 0.34
N GLN A 53 13.32 5.21 -0.54
CA GLN A 53 14.09 6.40 -0.22
C GLN A 53 13.37 7.67 -0.68
N LYS A 54 12.80 7.61 -1.87
CA LYS A 54 12.08 8.74 -2.43
C LYS A 54 11.01 9.24 -1.46
N GLY A 55 10.27 8.30 -0.87
CA GLY A 55 9.23 8.66 0.07
C GLY A 55 7.85 8.67 -0.56
N HIS A 56 6.83 8.37 0.24
CA HIS A 56 5.46 8.35 -0.25
C HIS A 56 4.65 9.50 0.36
N PHE A 57 3.49 9.77 -0.24
CA PHE A 57 2.63 10.84 0.23
C PHE A 57 1.21 10.34 0.47
N PHE A 58 0.39 11.15 1.12
CA PHE A 58 -0.98 10.78 1.41
C PHE A 58 -1.96 11.65 0.62
N VAL A 59 -2.67 11.02 -0.32
CA VAL A 59 -3.64 11.72 -1.15
C VAL A 59 -4.89 10.88 -1.37
N GLU A 60 -6.03 11.40 -0.94
CA GLU A 60 -7.30 10.70 -1.10
C GLU A 60 -7.20 9.28 -0.55
N ASP A 61 -6.60 9.15 0.62
CA ASP A 61 -6.44 7.84 1.26
C ASP A 61 -5.62 6.90 0.39
N GLN A 62 -4.68 7.48 -0.36
CA GLN A 62 -3.82 6.70 -1.24
C GLN A 62 -2.36 7.11 -1.08
N ILE A 63 -1.47 6.41 -1.80
CA ILE A 63 -0.05 6.71 -1.73
C ILE A 63 0.52 6.97 -3.12
N TYR A 64 1.52 7.86 -3.19
CA TYR A 64 2.15 8.20 -4.45
C TYR A 64 3.57 8.73 -4.24
N CYS A 65 4.29 8.92 -5.34
CA CYS A 65 5.65 9.42 -5.26
C CYS A 65 5.68 10.95 -5.24
N GLU A 66 6.55 11.50 -4.40
CA GLU A 66 6.66 12.95 -4.28
C GLU A 66 6.40 13.64 -5.61
N LYS A 67 6.98 13.09 -6.68
CA LYS A 67 6.80 13.65 -8.01
C LYS A 67 5.32 13.78 -8.36
N HIS A 68 4.63 12.65 -8.46
CA HIS A 68 3.21 12.63 -8.77
C HIS A 68 2.40 13.33 -7.68
N ALA A 69 2.58 12.86 -6.45
CA ALA A 69 1.87 13.43 -5.31
C ALA A 69 1.66 14.93 -5.49
N ARG A 70 2.76 15.68 -5.50
CA ARG A 70 2.69 17.13 -5.67
C ARG A 70 1.62 17.51 -6.68
N GLU A 71 1.61 16.82 -7.83
CA GLU A 71 0.64 17.10 -8.87
C GLU A 71 -0.78 16.86 -8.37
N ARG A 72 -0.95 15.85 -7.53
CA ARG A 72 -2.25 15.51 -6.98
C ARG A 72 -2.63 16.47 -5.84
N VAL A 73 -1.78 16.51 -4.82
CA VAL A 73 -2.02 17.39 -3.68
C VAL A 73 -2.13 18.85 -4.11
N SER A 74 -1.47 19.18 -5.21
CA SER A 74 -1.49 20.54 -5.73
C SER A 74 -1.65 20.54 -7.25
N GLY A 75 -2.74 21.15 -7.72
CA GLY A 75 -3.00 21.20 -9.15
C GLY A 75 -3.41 22.58 -9.61
N PRO A 76 -3.20 22.87 -10.91
CA PRO A 76 -3.55 24.17 -11.50
C PRO A 76 -5.05 24.37 -11.58
N SER A 77 -5.81 23.40 -11.08
CA SER A 77 -7.26 23.48 -11.11
C SER A 77 -7.75 24.83 -10.60
N SER A 78 -7.29 25.21 -9.42
CA SER A 78 -7.68 26.49 -8.82
C SER A 78 -7.15 27.66 -9.63
N GLY A 79 -7.68 28.85 -9.37
CA GLY A 79 -7.25 30.03 -10.10
C GLY A 79 -6.19 30.81 -9.34
N GLY A 1 -31.42 -10.27 -13.67
CA GLY A 1 -31.32 -11.18 -12.52
C GLY A 1 -30.59 -10.54 -11.35
N SER A 2 -30.42 -11.31 -10.28
CA SER A 2 -29.74 -10.83 -9.09
C SER A 2 -29.31 -11.98 -8.20
N SER A 3 -28.30 -11.74 -7.37
CA SER A 3 -27.79 -12.76 -6.47
C SER A 3 -27.15 -12.13 -5.24
N GLY A 4 -27.45 -12.67 -4.07
CA GLY A 4 -26.90 -12.15 -2.83
C GLY A 4 -25.94 -13.12 -2.17
N SER A 5 -24.88 -12.59 -1.57
CA SER A 5 -23.88 -13.42 -0.91
C SER A 5 -23.59 -12.89 0.50
N SER A 6 -23.54 -13.81 1.47
CA SER A 6 -23.27 -13.44 2.86
C SER A 6 -21.78 -13.49 3.15
N GLY A 7 -21.37 -12.78 4.21
CA GLY A 7 -19.98 -12.75 4.58
C GLY A 7 -19.77 -12.63 6.08
N SER A 8 -19.53 -13.76 6.74
CA SER A 8 -19.33 -13.77 8.19
C SER A 8 -18.12 -12.93 8.58
N ILE A 9 -18.30 -12.08 9.59
CA ILE A 9 -17.23 -11.22 10.06
C ILE A 9 -16.68 -11.71 11.38
N GLY A 10 -15.52 -11.17 11.78
CA GLY A 10 -14.90 -11.56 13.02
C GLY A 10 -13.77 -12.55 12.82
N ASN A 11 -12.83 -12.21 11.94
CA ASN A 11 -11.70 -13.07 11.65
C ASN A 11 -10.49 -12.26 11.21
N ALA A 12 -9.41 -12.34 11.98
CA ALA A 12 -8.19 -11.61 11.67
C ALA A 12 -6.98 -12.55 11.65
N GLN A 13 -5.88 -12.06 11.10
CA GLN A 13 -4.66 -12.85 11.00
C GLN A 13 -3.50 -12.14 11.69
N LYS A 14 -2.44 -12.89 11.99
CA LYS A 14 -1.27 -12.33 12.64
C LYS A 14 -0.33 -11.67 11.62
N LEU A 15 -0.88 -11.37 10.45
CA LEU A 15 -0.10 -10.73 9.39
C LEU A 15 -0.74 -9.41 8.97
N PRO A 16 0.09 -8.38 8.75
CA PRO A 16 -0.36 -7.05 8.33
C PRO A 16 -0.90 -7.05 6.91
N MET A 17 -2.20 -6.83 6.77
CA MET A 17 -2.84 -6.79 5.46
C MET A 17 -2.32 -5.62 4.64
N CYS A 18 -1.64 -5.94 3.53
CA CYS A 18 -1.09 -4.91 2.65
C CYS A 18 -2.18 -3.97 2.16
N ASP A 19 -1.85 -2.69 2.03
CA ASP A 19 -2.80 -1.68 1.57
C ASP A 19 -2.94 -1.73 0.05
N LYS A 20 -1.83 -2.00 -0.63
CA LYS A 20 -1.84 -2.08 -2.09
C LYS A 20 -2.80 -3.15 -2.58
N CYS A 21 -2.52 -4.39 -2.22
CA CYS A 21 -3.36 -5.52 -2.62
C CYS A 21 -4.34 -5.88 -1.52
N GLY A 22 -3.83 -6.42 -0.42
CA GLY A 22 -4.68 -6.81 0.70
C GLY A 22 -4.46 -8.26 1.11
N THR A 23 -3.23 -8.61 1.43
CA THR A 23 -2.90 -9.97 1.84
C THR A 23 -1.87 -9.97 2.97
N GLY A 24 -2.16 -10.74 4.02
CA GLY A 24 -1.25 -10.81 5.15
C GLY A 24 0.20 -10.97 4.72
N ILE A 25 1.05 -10.06 5.16
CA ILE A 25 2.47 -10.10 4.81
C ILE A 25 3.23 -11.03 5.74
N VAL A 26 4.35 -11.56 5.27
CA VAL A 26 5.18 -12.46 6.05
C VAL A 26 6.61 -11.93 6.19
N GLY A 27 7.03 -11.71 7.43
CA GLY A 27 8.37 -11.21 7.67
C GLY A 27 8.50 -9.74 7.37
N VAL A 28 9.57 -9.36 6.67
CA VAL A 28 9.80 -7.96 6.31
C VAL A 28 8.59 -7.37 5.61
N PHE A 29 8.20 -6.17 6.02
CA PHE A 29 7.06 -5.49 5.42
C PHE A 29 7.01 -4.03 5.86
N VAL A 30 6.41 -3.18 5.03
CA VAL A 30 6.29 -1.76 5.32
C VAL A 30 5.20 -1.50 6.36
N LYS A 31 5.51 -0.67 7.34
CA LYS A 31 4.55 -0.33 8.39
C LYS A 31 4.18 1.15 8.35
N LEU A 32 3.01 1.45 7.81
CA LEU A 32 2.55 2.83 7.71
C LEU A 32 1.94 3.29 9.03
N ARG A 33 1.72 4.59 9.16
CA ARG A 33 1.13 5.16 10.36
C ARG A 33 0.17 4.18 11.02
N ASP A 34 -1.01 4.02 10.41
CA ASP A 34 -2.02 3.11 10.93
C ASP A 34 -2.32 2.00 9.92
N ARG A 35 -1.53 1.95 8.85
CA ARG A 35 -1.70 0.94 7.82
C ARG A 35 -0.40 0.20 7.56
N HIS A 36 -0.46 -0.83 6.71
CA HIS A 36 0.71 -1.62 6.37
C HIS A 36 0.72 -1.97 4.89
N ARG A 37 1.93 -2.15 4.33
CA ARG A 37 2.07 -2.47 2.92
C ARG A 37 3.27 -3.40 2.70
N HIS A 38 3.33 -4.00 1.51
CA HIS A 38 4.43 -4.91 1.18
C HIS A 38 5.68 -4.13 0.81
N PRO A 39 6.85 -4.79 0.96
CA PRO A 39 8.14 -4.18 0.64
C PRO A 39 8.33 -3.97 -0.85
N GLU A 40 7.39 -4.46 -1.65
CA GLU A 40 7.46 -4.33 -3.10
C GLU A 40 6.31 -3.48 -3.62
N CYS A 41 5.21 -3.44 -2.87
CA CYS A 41 4.04 -2.67 -3.25
C CYS A 41 4.21 -1.20 -2.87
N TYR A 42 5.03 -0.94 -1.85
CA TYR A 42 5.27 0.42 -1.40
C TYR A 42 5.54 1.35 -2.58
N VAL A 43 5.93 0.77 -3.70
CA VAL A 43 6.22 1.53 -4.91
C VAL A 43 5.04 2.42 -5.28
N CYS A 44 5.33 3.51 -5.99
CA CYS A 44 4.29 4.45 -6.42
C CYS A 44 3.17 3.71 -7.13
N THR A 45 1.94 4.21 -6.95
CA THR A 45 0.77 3.59 -7.58
C THR A 45 0.62 4.06 -9.03
N ASP A 46 1.09 5.28 -9.30
CA ASP A 46 1.00 5.85 -10.64
C ASP A 46 1.99 5.18 -11.58
N CYS A 47 3.28 5.34 -11.30
CA CYS A 47 4.33 4.76 -12.11
C CYS A 47 4.74 3.39 -11.57
N GLY A 48 5.34 3.39 -10.38
CA GLY A 48 5.78 2.15 -9.77
C GLY A 48 7.23 2.18 -9.36
N THR A 49 7.64 3.29 -8.74
CA THR A 49 9.03 3.44 -8.29
C THR A 49 9.14 3.31 -6.78
N ASN A 50 10.19 2.62 -6.32
CA ASN A 50 10.40 2.42 -4.90
C ASN A 50 10.45 3.75 -4.16
N LEU A 51 9.46 3.97 -3.29
CA LEU A 51 9.38 5.21 -2.53
C LEU A 51 10.18 5.09 -1.23
N LYS A 52 11.03 4.07 -1.15
CA LYS A 52 11.85 3.85 0.02
C LYS A 52 12.61 5.12 0.41
N GLN A 53 13.46 5.59 -0.49
CA GLN A 53 14.24 6.81 -0.24
C GLN A 53 13.49 8.04 -0.73
N LYS A 54 12.90 7.93 -1.92
CA LYS A 54 12.15 9.04 -2.50
C LYS A 54 11.11 9.57 -1.53
N GLY A 55 10.40 8.64 -0.88
CA GLY A 55 9.39 9.03 0.08
C GLY A 55 7.99 8.90 -0.50
N HIS A 56 7.03 8.53 0.35
CA HIS A 56 5.65 8.37 -0.08
C HIS A 56 4.77 9.49 0.48
N PHE A 57 3.60 9.68 -0.12
CA PHE A 57 2.68 10.72 0.30
C PHE A 57 1.29 10.14 0.54
N PHE A 58 0.40 10.96 1.11
CA PHE A 58 -0.96 10.54 1.39
C PHE A 58 -1.96 11.32 0.54
N VAL A 59 -2.58 10.65 -0.42
CA VAL A 59 -3.56 11.28 -1.30
C VAL A 59 -4.72 10.34 -1.60
N GLU A 60 -5.90 10.69 -1.10
CA GLU A 60 -7.10 9.88 -1.31
C GLU A 60 -6.90 8.48 -0.76
N ASP A 61 -6.29 8.40 0.42
CA ASP A 61 -6.04 7.10 1.06
C ASP A 61 -5.12 6.24 0.21
N GLN A 62 -4.21 6.89 -0.51
CA GLN A 62 -3.27 6.19 -1.37
C GLN A 62 -1.84 6.70 -1.16
N ILE A 63 -0.89 6.07 -1.83
CA ILE A 63 0.51 6.46 -1.72
C ILE A 63 1.12 6.74 -3.09
N TYR A 64 1.85 7.84 -3.20
CA TYR A 64 2.48 8.22 -4.46
C TYR A 64 3.85 8.85 -4.21
N CYS A 65 4.60 9.06 -5.28
CA CYS A 65 5.93 9.66 -5.18
C CYS A 65 5.83 11.19 -5.18
N GLU A 66 6.72 11.82 -4.42
CA GLU A 66 6.74 13.29 -4.33
C GLU A 66 6.42 13.92 -5.68
N LYS A 67 7.02 13.38 -6.74
CA LYS A 67 6.79 13.90 -8.09
C LYS A 67 5.31 13.91 -8.43
N HIS A 68 4.71 12.72 -8.48
CA HIS A 68 3.29 12.60 -8.80
C HIS A 68 2.43 13.25 -7.72
N ALA A 69 2.63 12.82 -6.47
CA ALA A 69 1.87 13.37 -5.35
C ALA A 69 1.58 14.86 -5.56
N ARG A 70 2.64 15.66 -5.56
CA ARG A 70 2.51 17.10 -5.75
C ARG A 70 1.44 17.41 -6.80
N GLU A 71 1.55 16.77 -7.96
CA GLU A 71 0.59 16.98 -9.04
C GLU A 71 -0.84 16.74 -8.57
N ARG A 72 -1.01 15.70 -7.75
CA ARG A 72 -2.32 15.36 -7.22
C ARG A 72 -2.78 16.37 -6.18
N VAL A 73 -1.92 16.64 -5.22
CA VAL A 73 -2.23 17.61 -4.16
C VAL A 73 -3.13 18.72 -4.68
N SER A 74 -2.63 19.46 -5.67
CA SER A 74 -3.39 20.57 -6.25
C SER A 74 -4.74 20.08 -6.78
N GLY A 75 -5.77 20.88 -6.55
CA GLY A 75 -7.10 20.51 -7.01
C GLY A 75 -7.07 19.80 -8.35
N PRO A 76 -7.59 18.56 -8.38
CA PRO A 76 -7.64 17.75 -9.60
C PRO A 76 -8.64 18.29 -10.62
N SER A 77 -8.63 17.71 -11.81
CA SER A 77 -9.54 18.14 -12.87
C SER A 77 -10.99 17.89 -12.48
N SER A 78 -11.29 16.66 -12.07
CA SER A 78 -12.64 16.28 -11.67
C SER A 78 -12.61 15.26 -10.54
N GLY A 79 -12.94 15.71 -9.34
CA GLY A 79 -12.94 14.82 -8.19
C GLY A 79 -12.75 15.56 -6.88
#